data_2EDD
#
_entry.id   2EDD
#
_entity_poly.entity_id   1
_entity_poly.type   'polypeptide(L)'
_entity_poly.pdbx_seq_one_letter_code
;GSSGSSGFPTSVPDLSTPMLPPVGVQAVALTHDAVRVSWADNSVPKNQKTSEVRLYTVRWRTSFSASAKYKSEDTTSLSY
TATGLKPNTMYEFSVMVTKNRRSSTWSMTAHATTYEASGPSSG
;
_entity_poly.pdbx_strand_id   A
#
# COMPACT_ATOMS: atom_id res chain seq x y z
N GLY A 1 22.99 -8.56 29.38
CA GLY A 1 22.67 -8.19 28.01
C GLY A 1 22.85 -6.71 27.75
N SER A 2 22.01 -6.16 26.90
CA SER A 2 22.08 -4.74 26.56
C SER A 2 20.90 -3.97 27.16
N SER A 3 20.91 -2.65 26.97
CA SER A 3 19.85 -1.81 27.50
C SER A 3 18.65 -1.77 26.54
N GLY A 4 18.24 -2.94 26.07
CA GLY A 4 17.12 -3.03 25.15
C GLY A 4 17.39 -2.32 23.84
N SER A 5 16.99 -2.95 22.74
CA SER A 5 17.20 -2.38 21.42
C SER A 5 16.37 -3.11 20.37
N SER A 6 15.67 -2.35 19.54
CA SER A 6 14.83 -2.93 18.49
C SER A 6 13.91 -4.01 19.06
N GLY A 7 13.30 -3.72 20.21
CA GLY A 7 12.41 -4.68 20.83
C GLY A 7 10.98 -4.18 20.90
N PHE A 8 10.29 -4.20 19.78
CA PHE A 8 8.90 -3.75 19.71
C PHE A 8 8.13 -4.51 18.63
N PRO A 9 6.93 -4.99 18.99
CA PRO A 9 6.07 -5.75 18.08
C PRO A 9 5.49 -4.87 16.97
N THR A 10 5.54 -5.36 15.75
CA THR A 10 5.01 -4.62 14.60
C THR A 10 3.60 -5.06 14.26
N SER A 11 3.46 -6.34 13.88
CA SER A 11 2.16 -6.89 13.51
C SER A 11 1.98 -8.28 14.09
N VAL A 12 0.82 -8.54 14.67
CA VAL A 12 0.52 -9.84 15.27
C VAL A 12 0.93 -10.97 14.34
N PRO A 13 1.92 -11.77 14.77
CA PRO A 13 2.42 -12.90 13.99
C PRO A 13 1.40 -14.04 13.90
N ASP A 14 1.60 -14.92 12.92
CA ASP A 14 0.70 -16.05 12.72
C ASP A 14 -0.73 -15.57 12.47
N LEU A 15 -0.88 -14.68 11.50
CA LEU A 15 -2.19 -14.14 11.16
C LEU A 15 -3.19 -15.27 10.92
N SER A 16 -4.22 -15.33 11.77
CA SER A 16 -5.25 -16.36 11.65
C SER A 16 -6.52 -15.80 11.03
N THR A 17 -6.40 -15.31 9.80
CA THR A 17 -7.54 -14.74 9.09
C THR A 17 -7.86 -15.53 7.83
N PRO A 18 -9.15 -15.56 7.45
CA PRO A 18 -9.61 -16.28 6.27
C PRO A 18 -9.15 -15.62 4.97
N MET A 19 -8.34 -14.57 5.10
CA MET A 19 -7.83 -13.85 3.94
C MET A 19 -6.32 -13.68 4.03
N LEU A 20 -5.71 -13.22 2.94
CA LEU A 20 -4.26 -13.02 2.91
C LEU A 20 -3.91 -11.76 2.11
N PRO A 21 -3.53 -10.70 2.83
CA PRO A 21 -3.17 -9.42 2.23
C PRO A 21 -1.85 -9.49 1.46
N PRO A 22 -1.55 -8.43 0.71
CA PRO A 22 -0.31 -8.35 -0.09
C PRO A 22 0.93 -8.21 0.78
N VAL A 23 2.09 -8.11 0.14
CA VAL A 23 3.35 -7.98 0.86
C VAL A 23 4.32 -7.07 0.09
N GLY A 24 5.52 -6.90 0.64
CA GLY A 24 6.52 -6.07 0.00
C GLY A 24 5.94 -4.76 -0.51
N VAL A 25 5.03 -4.17 0.26
CA VAL A 25 4.41 -2.91 -0.12
C VAL A 25 5.43 -1.78 -0.14
N GLN A 26 5.68 -1.25 -1.33
CA GLN A 26 6.62 -0.15 -1.49
C GLN A 26 5.93 1.13 -1.93
N ALA A 27 6.42 2.27 -1.47
CA ALA A 27 5.85 3.56 -1.81
C ALA A 27 6.86 4.45 -2.53
N VAL A 28 6.74 4.52 -3.85
CA VAL A 28 7.64 5.34 -4.65
C VAL A 28 7.07 6.73 -4.90
N ALA A 29 7.91 7.74 -4.77
CA ALA A 29 7.47 9.12 -4.98
C ALA A 29 7.86 9.61 -6.38
N LEU A 30 6.84 9.88 -7.19
CA LEU A 30 7.08 10.36 -8.56
C LEU A 30 7.35 11.85 -8.57
N THR A 31 6.44 12.63 -7.97
CA THR A 31 6.58 14.07 -7.92
C THR A 31 6.06 14.63 -6.60
N HIS A 32 6.20 15.93 -6.41
CA HIS A 32 5.73 16.59 -5.19
C HIS A 32 4.31 16.15 -4.86
N ASP A 33 3.47 16.04 -5.87
CA ASP A 33 2.08 15.63 -5.69
C ASP A 33 1.80 14.32 -6.43
N ALA A 34 2.75 13.40 -6.37
CA ALA A 34 2.61 12.12 -7.05
C ALA A 34 3.42 11.03 -6.34
N VAL A 35 2.78 9.90 -6.07
CA VAL A 35 3.45 8.79 -5.41
C VAL A 35 2.97 7.45 -5.96
N ARG A 36 3.88 6.73 -6.61
CA ARG A 36 3.55 5.43 -7.19
C ARG A 36 3.73 4.32 -6.16
N VAL A 37 2.61 3.78 -5.67
CA VAL A 37 2.64 2.70 -4.69
C VAL A 37 2.56 1.34 -5.36
N SER A 38 3.69 0.63 -5.40
CA SER A 38 3.75 -0.68 -6.02
C SER A 38 3.98 -1.76 -4.96
N TRP A 39 3.33 -2.91 -5.14
CA TRP A 39 3.46 -4.02 -4.21
C TRP A 39 3.47 -5.35 -4.95
N ALA A 40 3.56 -6.45 -4.19
CA ALA A 40 3.57 -7.78 -4.78
C ALA A 40 2.39 -8.61 -4.28
N ASP A 41 2.06 -9.65 -5.04
CA ASP A 41 0.94 -10.52 -4.67
C ASP A 41 1.44 -11.82 -4.07
N ASN A 42 0.98 -12.12 -2.86
CA ASN A 42 1.38 -13.34 -2.17
C ASN A 42 0.36 -14.45 -2.38
N SER A 43 -0.89 -14.16 -2.04
CA SER A 43 -1.97 -15.14 -2.19
C SER A 43 -1.84 -15.90 -3.51
N VAL A 44 -1.41 -15.18 -4.55
CA VAL A 44 -1.24 -15.79 -5.86
C VAL A 44 0.24 -16.03 -6.17
N PRO A 45 0.62 -17.31 -6.21
CA PRO A 45 2.01 -17.71 -6.48
C PRO A 45 2.40 -17.45 -7.94
N LYS A 46 3.60 -17.89 -8.31
CA LYS A 46 4.09 -17.71 -9.68
C LYS A 46 3.00 -18.04 -10.70
N ASN A 47 2.53 -19.28 -10.66
CA ASN A 47 1.49 -19.72 -11.58
C ASN A 47 0.26 -20.21 -10.82
N GLN A 48 -0.90 -19.66 -11.18
CA GLN A 48 -2.15 -20.04 -10.53
C GLN A 48 -3.34 -19.41 -11.23
N LYS A 49 -4.41 -20.19 -11.41
CA LYS A 49 -5.61 -19.70 -12.08
C LYS A 49 -6.86 -20.06 -11.27
N THR A 50 -7.49 -19.05 -10.68
CA THR A 50 -8.69 -19.27 -9.88
C THR A 50 -9.89 -18.57 -10.50
N SER A 51 -11.08 -19.10 -10.24
CA SER A 51 -12.31 -18.52 -10.78
C SER A 51 -12.97 -17.61 -9.75
N GLU A 52 -12.15 -17.02 -8.89
CA GLU A 52 -12.67 -16.11 -7.86
C GLU A 52 -12.27 -14.68 -8.15
N VAL A 53 -13.10 -13.74 -7.72
CA VAL A 53 -12.83 -12.31 -7.93
C VAL A 53 -12.01 -11.73 -6.78
N ARG A 54 -11.55 -10.50 -6.97
CA ARG A 54 -10.76 -9.83 -5.95
C ARG A 54 -10.49 -8.38 -6.33
N LEU A 55 -10.47 -7.50 -5.34
CA LEU A 55 -10.24 -6.08 -5.56
C LEU A 55 -9.23 -5.53 -4.57
N TYR A 56 -8.27 -4.76 -5.06
CA TYR A 56 -7.24 -4.17 -4.22
C TYR A 56 -7.55 -2.71 -3.93
N THR A 57 -7.59 -2.35 -2.64
CA THR A 57 -7.88 -0.99 -2.24
C THR A 57 -6.64 -0.30 -1.69
N VAL A 58 -6.56 1.02 -1.87
CA VAL A 58 -5.41 1.79 -1.40
C VAL A 58 -5.87 2.98 -0.58
N ARG A 59 -5.32 3.10 0.62
CA ARG A 59 -5.67 4.21 1.51
C ARG A 59 -4.42 4.94 1.98
N TRP A 60 -4.55 6.24 2.20
CA TRP A 60 -3.43 7.06 2.65
C TRP A 60 -3.93 8.34 3.34
N ARG A 61 -3.19 8.77 4.35
CA ARG A 61 -3.55 9.98 5.09
C ARG A 61 -2.31 10.68 5.63
N THR A 62 -2.43 11.99 5.85
CA THR A 62 -1.32 12.77 6.38
C THR A 62 -0.69 12.11 7.60
N SER A 63 0.59 11.78 7.49
CA SER A 63 1.30 11.14 8.59
C SER A 63 1.61 12.14 9.69
N PHE A 64 1.08 11.89 10.89
CA PHE A 64 1.29 12.77 12.02
C PHE A 64 0.53 14.08 11.86
N SER A 65 -0.75 13.96 11.54
CA SER A 65 -1.61 15.13 11.35
C SER A 65 -2.89 15.01 12.15
N ALA A 66 -3.15 16.00 13.01
CA ALA A 66 -4.35 16.00 13.84
C ALA A 66 -5.60 15.74 12.99
N SER A 67 -5.95 16.71 12.16
CA SER A 67 -7.13 16.59 11.31
C SER A 67 -6.77 15.92 9.99
N ALA A 68 -6.58 14.61 10.04
CA ALA A 68 -6.23 13.84 8.85
C ALA A 68 -7.40 12.98 8.39
N LYS A 69 -7.50 12.74 7.09
CA LYS A 69 -8.57 11.94 6.52
C LYS A 69 -8.00 10.75 5.76
N TYR A 70 -8.59 9.58 5.97
CA TYR A 70 -8.15 8.36 5.30
C TYR A 70 -8.82 8.22 3.94
N LYS A 71 -8.01 8.20 2.88
CA LYS A 71 -8.53 8.06 1.52
C LYS A 71 -8.66 6.59 1.14
N SER A 72 -9.36 6.34 0.03
CA SER A 72 -9.56 4.97 -0.45
C SER A 72 -9.85 4.95 -1.94
N GLU A 73 -9.09 4.14 -2.68
CA GLU A 73 -9.27 4.04 -4.12
C GLU A 73 -9.32 2.58 -4.56
N ASP A 74 -10.01 2.32 -5.66
CA ASP A 74 -10.14 0.96 -6.19
C ASP A 74 -9.28 0.78 -7.43
N THR A 75 -8.44 -0.25 -7.42
CA THR A 75 -7.57 -0.53 -8.55
C THR A 75 -7.36 -2.04 -8.72
N THR A 76 -7.59 -2.53 -9.93
CA THR A 76 -7.43 -3.95 -10.22
C THR A 76 -5.99 -4.28 -10.59
N SER A 77 -5.06 -3.44 -10.11
CA SER A 77 -3.65 -3.64 -10.40
C SER A 77 -2.83 -3.66 -9.11
N LEU A 78 -1.56 -4.03 -9.22
CA LEU A 78 -0.67 -4.08 -8.07
C LEU A 78 0.13 -2.79 -7.93
N SER A 79 -0.39 -1.71 -8.49
CA SER A 79 0.28 -0.42 -8.43
C SER A 79 -0.72 0.71 -8.61
N TYR A 80 -0.67 1.69 -7.71
CA TYR A 80 -1.57 2.83 -7.76
C TYR A 80 -0.79 4.14 -7.70
N THR A 81 -1.27 5.16 -8.41
CA THR A 81 -0.63 6.46 -8.43
C THR A 81 -1.40 7.48 -7.60
N ALA A 82 -0.82 7.89 -6.48
CA ALA A 82 -1.46 8.86 -5.59
C ALA A 82 -1.24 10.28 -6.10
N THR A 83 -2.26 10.84 -6.74
CA THR A 83 -2.18 12.20 -7.27
C THR A 83 -2.94 13.18 -6.39
N GLY A 84 -2.54 14.45 -6.44
CA GLY A 84 -3.20 15.46 -5.64
C GLY A 84 -2.82 15.40 -4.18
N LEU A 85 -1.51 15.36 -3.92
CA LEU A 85 -1.01 15.29 -2.55
C LEU A 85 -0.35 16.60 -2.14
N LYS A 86 0.24 16.61 -0.94
CA LYS A 86 0.91 17.80 -0.44
C LYS A 86 2.42 17.68 -0.60
N PRO A 87 3.06 18.75 -1.09
CA PRO A 87 4.50 18.79 -1.30
C PRO A 87 5.28 18.81 0.01
N ASN A 88 6.48 18.22 -0.01
CA ASN A 88 7.32 18.16 1.19
C ASN A 88 6.57 17.51 2.35
N THR A 89 5.62 16.64 2.03
CA THR A 89 4.85 15.95 3.04
C THR A 89 4.77 14.45 2.77
N MET A 90 4.93 13.65 3.80
CA MET A 90 4.87 12.20 3.67
C MET A 90 3.61 11.64 4.30
N TYR A 91 3.15 10.50 3.79
CA TYR A 91 1.95 9.87 4.30
C TYR A 91 2.13 8.35 4.40
N GLU A 92 1.14 7.68 4.98
CA GLU A 92 1.19 6.23 5.14
C GLU A 92 0.33 5.53 4.10
N PHE A 93 0.93 4.62 3.36
CA PHE A 93 0.22 3.88 2.32
C PHE A 93 0.06 2.41 2.71
N SER A 94 -1.04 1.80 2.26
CA SER A 94 -1.31 0.41 2.58
C SER A 94 -2.21 -0.21 1.52
N VAL A 95 -2.04 -1.52 1.28
CA VAL A 95 -2.84 -2.23 0.30
C VAL A 95 -3.60 -3.38 0.94
N MET A 96 -4.74 -3.73 0.34
CA MET A 96 -5.57 -4.81 0.87
C MET A 96 -6.32 -5.51 -0.27
N VAL A 97 -7.19 -6.44 0.10
CA VAL A 97 -7.97 -7.18 -0.89
C VAL A 97 -9.36 -7.54 -0.35
N THR A 98 -10.33 -7.62 -1.23
CA THR A 98 -11.70 -7.95 -0.85
C THR A 98 -12.24 -9.11 -1.67
N LYS A 99 -12.12 -10.32 -1.14
CA LYS A 99 -12.61 -11.51 -1.83
C LYS A 99 -13.65 -12.24 -0.98
N ASN A 100 -14.56 -12.96 -1.65
CA ASN A 100 -15.60 -13.70 -0.96
C ASN A 100 -16.64 -12.75 -0.36
N ARG A 101 -16.85 -11.62 -1.03
CA ARG A 101 -17.82 -10.64 -0.57
C ARG A 101 -17.42 -10.07 0.79
N ARG A 102 -16.12 -10.12 1.09
CA ARG A 102 -15.60 -9.62 2.36
C ARG A 102 -14.23 -8.97 2.16
N SER A 103 -13.88 -8.09 3.09
CA SER A 103 -12.59 -7.38 3.02
C SER A 103 -11.63 -7.93 4.06
N SER A 104 -10.35 -7.97 3.70
CA SER A 104 -9.31 -8.48 4.59
C SER A 104 -8.55 -7.33 5.25
N THR A 105 -7.52 -7.67 6.02
CA THR A 105 -6.71 -6.67 6.70
C THR A 105 -5.66 -6.08 5.76
N TRP A 106 -5.16 -4.90 6.11
CA TRP A 106 -4.15 -4.22 5.30
C TRP A 106 -2.77 -4.80 5.56
N SER A 107 -1.88 -4.68 4.57
CA SER A 107 -0.53 -5.19 4.69
C SER A 107 0.41 -4.13 5.26
N MET A 108 1.66 -4.52 5.47
CA MET A 108 2.66 -3.59 6.02
C MET A 108 2.57 -2.23 5.34
N THR A 109 2.74 -1.17 6.13
CA THR A 109 2.67 0.19 5.61
C THR A 109 3.99 0.60 4.98
N ALA A 110 3.93 1.53 4.03
CA ALA A 110 5.13 2.02 3.35
C ALA A 110 5.22 3.54 3.43
N HIS A 111 6.37 4.02 3.89
CA HIS A 111 6.59 5.47 4.00
C HIS A 111 7.27 6.02 2.76
N ALA A 112 6.90 7.24 2.39
CA ALA A 112 7.47 7.89 1.21
C ALA A 112 7.09 9.36 1.15
N THR A 113 8.07 10.23 1.38
CA THR A 113 7.84 11.67 1.36
C THR A 113 7.91 12.21 -0.06
N THR A 114 7.20 13.31 -0.31
CA THR A 114 7.19 13.93 -1.63
C THR A 114 8.27 14.98 -1.75
N TYR A 115 8.67 15.27 -2.99
CA TYR A 115 9.71 16.26 -3.24
C TYR A 115 9.18 17.67 -3.01
N GLU A 116 10.06 18.56 -2.57
CA GLU A 116 9.68 19.95 -2.32
C GLU A 116 9.21 20.63 -3.60
N ALA A 117 7.98 21.13 -3.57
CA ALA A 117 7.40 21.80 -4.72
C ALA A 117 8.27 22.97 -5.18
N SER A 118 7.92 23.56 -6.31
CA SER A 118 8.68 24.69 -6.85
C SER A 118 10.13 24.29 -7.10
N GLY A 119 10.34 23.08 -7.59
CA GLY A 119 11.67 22.60 -7.87
C GLY A 119 12.05 21.40 -7.02
N PRO A 120 12.29 20.25 -7.67
CA PRO A 120 12.66 19.01 -6.98
C PRO A 120 14.07 19.08 -6.39
N SER A 121 14.19 18.73 -5.12
CA SER A 121 15.48 18.75 -4.44
C SER A 121 16.56 18.13 -5.32
N SER A 122 17.73 18.77 -5.35
CA SER A 122 18.84 18.29 -6.15
C SER A 122 20.10 18.13 -5.29
N GLY A 123 21.12 17.51 -5.87
CA GLY A 123 22.37 17.30 -5.14
C GLY A 123 23.49 18.16 -5.67
N GLY A 1 8.30 -10.61 -7.70
CA GLY A 1 8.41 -9.77 -8.87
C GLY A 1 9.10 -10.47 -10.03
N SER A 2 9.91 -9.72 -10.77
CA SER A 2 10.63 -10.27 -11.91
C SER A 2 12.14 -10.09 -11.75
N SER A 3 12.55 -8.85 -11.51
CA SER A 3 13.97 -8.54 -11.35
C SER A 3 14.25 -8.09 -9.92
N GLY A 4 13.22 -8.03 -9.10
CA GLY A 4 13.37 -7.62 -7.72
C GLY A 4 13.74 -8.76 -6.80
N SER A 5 14.24 -8.43 -5.62
CA SER A 5 14.64 -9.44 -4.65
C SER A 5 13.55 -9.66 -3.61
N SER A 6 13.70 -10.71 -2.80
CA SER A 6 12.72 -11.03 -1.77
C SER A 6 13.31 -10.80 -0.38
N GLY A 7 12.46 -10.90 0.65
CA GLY A 7 12.92 -10.70 2.01
C GLY A 7 12.17 -11.58 3.00
N PHE A 8 10.88 -11.77 2.76
CA PHE A 8 10.05 -12.59 3.64
C PHE A 8 10.21 -12.17 5.10
N PRO A 9 10.17 -10.85 5.34
CA PRO A 9 10.31 -10.29 6.68
C PRO A 9 9.11 -10.59 7.57
N THR A 10 8.11 -11.25 7.00
CA THR A 10 6.90 -11.61 7.73
C THR A 10 7.07 -12.95 8.43
N SER A 11 6.34 -13.13 9.53
CA SER A 11 6.40 -14.37 10.29
C SER A 11 5.84 -15.54 9.48
N VAL A 12 6.18 -16.76 9.88
CA VAL A 12 5.70 -17.95 9.20
C VAL A 12 4.19 -17.93 9.02
N PRO A 13 3.71 -18.48 7.90
CA PRO A 13 2.28 -18.54 7.60
C PRO A 13 1.52 -19.49 8.51
N ASP A 14 0.26 -19.18 8.79
CA ASP A 14 -0.56 -20.01 9.65
C ASP A 14 -1.63 -20.74 8.84
N LEU A 15 -2.41 -21.59 9.51
CA LEU A 15 -3.47 -22.34 8.86
C LEU A 15 -4.84 -21.82 9.25
N SER A 16 -5.87 -22.26 8.54
CA SER A 16 -7.23 -21.83 8.82
C SER A 16 -7.29 -20.34 9.10
N THR A 17 -6.52 -19.57 8.33
CA THR A 17 -6.48 -18.12 8.50
C THR A 17 -7.37 -17.43 7.48
N PRO A 18 -7.89 -16.25 7.85
CA PRO A 18 -8.77 -15.47 6.97
C PRO A 18 -8.03 -14.87 5.78
N MET A 19 -8.73 -14.08 4.98
CA MET A 19 -8.14 -13.45 3.80
C MET A 19 -6.69 -13.06 4.08
N LEU A 20 -5.83 -13.27 3.09
CA LEU A 20 -4.42 -12.94 3.22
C LEU A 20 -4.10 -11.62 2.53
N PRO A 21 -3.62 -10.64 3.30
CA PRO A 21 -3.26 -9.32 2.77
C PRO A 21 -2.02 -9.36 1.91
N PRO A 22 -1.79 -8.27 1.15
CA PRO A 22 -0.63 -8.15 0.26
C PRO A 22 0.68 -8.02 1.03
N VAL A 23 1.79 -7.96 0.29
CA VAL A 23 3.11 -7.83 0.90
C VAL A 23 4.00 -6.89 0.10
N GLY A 24 5.25 -6.77 0.51
CA GLY A 24 6.18 -5.91 -0.18
C GLY A 24 5.59 -4.54 -0.50
N VAL A 25 4.67 -4.09 0.36
CA VAL A 25 4.03 -2.80 0.17
C VAL A 25 5.05 -1.67 0.14
N GLN A 26 5.31 -1.15 -1.05
CA GLN A 26 6.27 -0.06 -1.22
C GLN A 26 5.57 1.22 -1.64
N ALA A 27 6.23 2.35 -1.41
CA ALA A 27 5.67 3.65 -1.77
C ALA A 27 6.66 4.48 -2.59
N VAL A 28 6.48 4.48 -3.90
CA VAL A 28 7.36 5.21 -4.80
C VAL A 28 6.89 6.66 -4.96
N ALA A 29 7.82 7.60 -4.87
CA ALA A 29 7.50 9.01 -5.02
C ALA A 29 7.79 9.50 -6.43
N LEU A 30 6.74 9.83 -7.17
CA LEU A 30 6.89 10.32 -8.54
C LEU A 30 7.21 11.81 -8.56
N THR A 31 6.35 12.61 -7.94
CA THR A 31 6.54 14.04 -7.88
C THR A 31 5.95 14.63 -6.60
N HIS A 32 6.13 15.93 -6.41
CA HIS A 32 5.62 16.62 -5.22
C HIS A 32 4.21 16.14 -4.89
N ASP A 33 3.32 16.23 -5.87
CA ASP A 33 1.94 15.81 -5.68
C ASP A 33 1.65 14.51 -6.43
N ALA A 34 2.58 13.56 -6.34
CA ALA A 34 2.43 12.28 -7.01
C ALA A 34 3.25 11.19 -6.31
N VAL A 35 2.63 10.04 -6.08
CA VAL A 35 3.31 8.93 -5.42
C VAL A 35 2.81 7.59 -5.95
N ARG A 36 3.70 6.83 -6.57
CA ARG A 36 3.35 5.53 -7.13
C ARG A 36 3.53 4.43 -6.09
N VAL A 37 2.42 3.91 -5.59
CA VAL A 37 2.45 2.85 -4.59
C VAL A 37 2.36 1.47 -5.24
N SER A 38 3.46 0.72 -5.17
CA SER A 38 3.50 -0.62 -5.76
C SER A 38 3.83 -1.67 -4.70
N TRP A 39 3.10 -2.78 -4.71
CA TRP A 39 3.31 -3.85 -3.75
C TRP A 39 3.49 -5.18 -4.47
N ALA A 40 3.70 -6.25 -3.70
CA ALA A 40 3.89 -7.58 -4.25
C ALA A 40 2.84 -8.55 -3.72
N ASP A 41 2.67 -9.67 -4.41
CA ASP A 41 1.70 -10.67 -4.00
C ASP A 41 2.39 -12.00 -3.70
N ASN A 42 2.51 -12.32 -2.41
CA ASN A 42 3.16 -13.56 -1.98
C ASN A 42 2.13 -14.67 -1.81
N SER A 43 0.87 -14.34 -2.03
CA SER A 43 -0.21 -15.32 -1.90
C SER A 43 -0.47 -16.02 -3.22
N VAL A 44 0.53 -16.04 -4.09
CA VAL A 44 0.41 -16.68 -5.39
C VAL A 44 1.61 -17.58 -5.68
N PRO A 45 1.41 -18.90 -5.48
CA PRO A 45 2.47 -19.89 -5.71
C PRO A 45 2.80 -20.06 -7.19
N LYS A 46 3.67 -21.02 -7.50
CA LYS A 46 4.06 -21.28 -8.88
C LYS A 46 2.90 -21.84 -9.69
N ASN A 47 2.47 -23.04 -9.32
CA ASN A 47 1.36 -23.70 -10.03
C ASN A 47 0.03 -23.12 -9.57
N GLN A 48 -0.66 -22.46 -10.49
CA GLN A 48 -1.96 -21.85 -10.18
C GLN A 48 -2.80 -21.71 -11.44
N LYS A 49 -3.88 -22.47 -11.52
CA LYS A 49 -4.78 -22.42 -12.67
C LYS A 49 -6.23 -22.33 -12.23
N THR A 50 -6.52 -21.39 -11.34
CA THR A 50 -7.87 -21.19 -10.83
C THR A 50 -8.43 -19.84 -11.26
N SER A 51 -9.76 -19.74 -11.33
CA SER A 51 -10.42 -18.51 -11.73
C SER A 51 -10.94 -17.76 -10.51
N GLU A 52 -10.03 -17.09 -9.81
CA GLU A 52 -10.41 -16.33 -8.61
C GLU A 52 -10.15 -14.84 -8.82
N VAL A 53 -11.21 -14.05 -8.72
CA VAL A 53 -11.10 -12.60 -8.90
C VAL A 53 -11.11 -11.88 -7.56
N ARG A 54 -10.48 -10.72 -7.50
CA ARG A 54 -10.41 -9.93 -6.28
C ARG A 54 -9.99 -8.50 -6.58
N LEU A 55 -10.51 -7.55 -5.79
CA LEU A 55 -10.19 -6.14 -5.97
C LEU A 55 -9.17 -5.68 -4.94
N TYR A 56 -8.35 -4.71 -5.31
CA TYR A 56 -7.33 -4.18 -4.42
C TYR A 56 -7.60 -2.73 -4.08
N THR A 57 -7.43 -2.38 -2.81
CA THR A 57 -7.66 -1.01 -2.35
C THR A 57 -6.37 -0.37 -1.84
N VAL A 58 -6.29 0.94 -1.94
CA VAL A 58 -5.11 1.67 -1.48
C VAL A 58 -5.50 2.92 -0.69
N ARG A 59 -5.13 2.94 0.59
CA ARG A 59 -5.44 4.07 1.46
C ARG A 59 -4.18 4.84 1.82
N TRP A 60 -4.32 6.15 2.01
CA TRP A 60 -3.19 6.99 2.38
C TRP A 60 -3.66 8.22 3.14
N ARG A 61 -3.06 8.45 4.32
CA ARG A 61 -3.42 9.59 5.15
C ARG A 61 -2.17 10.30 5.66
N THR A 62 -2.21 11.63 5.67
CA THR A 62 -1.08 12.42 6.14
C THR A 62 -0.49 11.84 7.41
N SER A 63 0.84 11.71 7.43
CA SER A 63 1.54 11.17 8.59
C SER A 63 1.85 12.26 9.61
N PHE A 64 1.68 11.95 10.88
CA PHE A 64 1.93 12.90 11.95
C PHE A 64 1.01 14.11 11.84
N SER A 65 -0.16 13.90 11.26
CA SER A 65 -1.13 14.97 11.09
C SER A 65 -2.12 15.00 12.25
N ALA A 66 -3.10 15.89 12.15
CA ALA A 66 -4.13 16.02 13.19
C ALA A 66 -5.48 16.34 12.59
N SER A 67 -6.50 15.60 13.02
CA SER A 67 -7.86 15.81 12.53
C SER A 67 -7.91 15.62 11.02
N ALA A 68 -7.25 14.58 10.53
CA ALA A 68 -7.22 14.29 9.10
C ALA A 68 -8.08 13.07 8.78
N LYS A 69 -8.46 12.94 7.51
CA LYS A 69 -9.28 11.81 7.07
C LYS A 69 -8.47 10.86 6.19
N TYR A 70 -8.87 9.60 6.17
CA TYR A 70 -8.19 8.58 5.38
C TYR A 70 -8.84 8.44 4.00
N LYS A 71 -8.01 8.22 2.99
CA LYS A 71 -8.50 8.06 1.63
C LYS A 71 -8.41 6.62 1.17
N SER A 72 -9.03 6.31 0.04
CA SER A 72 -9.02 4.95 -0.49
C SER A 72 -9.38 4.96 -1.98
N GLU A 73 -8.87 3.96 -2.70
CA GLU A 73 -9.14 3.84 -4.13
C GLU A 73 -9.11 2.39 -4.58
N ASP A 74 -9.93 2.05 -5.57
CA ASP A 74 -10.00 0.69 -6.09
C ASP A 74 -9.22 0.57 -7.40
N THR A 75 -8.27 -0.36 -7.44
CA THR A 75 -7.46 -0.57 -8.63
C THR A 75 -7.27 -2.06 -8.90
N THR A 76 -7.42 -2.44 -10.16
CA THR A 76 -7.27 -3.84 -10.56
C THR A 76 -5.81 -4.16 -10.91
N SER A 77 -4.89 -3.54 -10.19
CA SER A 77 -3.46 -3.76 -10.43
C SER A 77 -2.67 -3.69 -9.12
N LEU A 78 -1.44 -4.17 -9.16
CA LEU A 78 -0.58 -4.16 -7.98
C LEU A 78 0.18 -2.84 -7.87
N SER A 79 -0.44 -1.76 -8.32
CA SER A 79 0.18 -0.44 -8.28
C SER A 79 -0.86 0.65 -8.45
N TYR A 80 -0.66 1.76 -7.76
CA TYR A 80 -1.59 2.89 -7.83
C TYR A 80 -0.84 4.22 -7.74
N THR A 81 -1.32 5.21 -8.48
CA THR A 81 -0.71 6.54 -8.48
C THR A 81 -1.52 7.53 -7.66
N ALA A 82 -0.95 7.98 -6.55
CA ALA A 82 -1.63 8.93 -5.68
C ALA A 82 -1.37 10.37 -6.13
N THR A 83 -2.32 10.93 -6.88
CA THR A 83 -2.19 12.29 -7.38
C THR A 83 -2.93 13.28 -6.48
N GLY A 84 -2.55 14.54 -6.57
CA GLY A 84 -3.20 15.57 -5.76
C GLY A 84 -2.85 15.44 -4.30
N LEU A 85 -1.56 15.43 -3.99
CA LEU A 85 -1.10 15.31 -2.61
C LEU A 85 -0.41 16.60 -2.16
N LYS A 86 0.14 16.58 -0.95
CA LYS A 86 0.84 17.74 -0.40
C LYS A 86 2.34 17.61 -0.61
N PRO A 87 2.96 18.70 -1.09
CA PRO A 87 4.41 18.74 -1.34
C PRO A 87 5.22 18.75 -0.06
N ASN A 88 6.47 18.30 -0.14
CA ASN A 88 7.34 18.25 1.02
C ASN A 88 6.62 17.62 2.22
N THR A 89 5.80 16.62 1.94
CA THR A 89 5.05 15.93 2.99
C THR A 89 4.98 14.44 2.74
N MET A 90 5.10 13.65 3.80
CA MET A 90 5.04 12.19 3.69
C MET A 90 3.82 11.64 4.40
N TYR A 91 3.30 10.52 3.90
CA TYR A 91 2.13 9.88 4.50
C TYR A 91 2.31 8.37 4.58
N GLU A 92 1.30 7.69 5.11
CA GLU A 92 1.35 6.24 5.24
C GLU A 92 0.43 5.57 4.23
N PHE A 93 0.98 4.66 3.44
CA PHE A 93 0.20 3.95 2.43
C PHE A 93 0.08 2.47 2.79
N SER A 94 -0.93 1.81 2.21
CA SER A 94 -1.16 0.39 2.46
C SER A 94 -1.86 -0.27 1.28
N VAL A 95 -2.05 -1.58 1.36
CA VAL A 95 -2.72 -2.32 0.30
C VAL A 95 -3.51 -3.49 0.88
N MET A 96 -4.71 -3.71 0.35
CA MET A 96 -5.56 -4.79 0.80
C MET A 96 -6.29 -5.44 -0.37
N VAL A 97 -7.18 -6.39 -0.07
CA VAL A 97 -7.93 -7.09 -1.10
C VAL A 97 -9.32 -7.49 -0.60
N THR A 98 -10.30 -7.43 -1.49
CA THR A 98 -11.67 -7.78 -1.13
C THR A 98 -12.17 -8.95 -1.97
N LYS A 99 -12.07 -10.16 -1.43
CA LYS A 99 -12.52 -11.36 -2.13
C LYS A 99 -13.51 -12.14 -1.28
N ASN A 100 -14.44 -12.81 -1.95
CA ASN A 100 -15.46 -13.61 -1.26
C ASN A 100 -16.46 -12.70 -0.54
N ARG A 101 -16.94 -11.69 -1.24
CA ARG A 101 -17.91 -10.75 -0.67
C ARG A 101 -17.44 -10.26 0.69
N ARG A 102 -16.12 -10.17 0.87
CA ARG A 102 -15.55 -9.72 2.13
C ARG A 102 -14.24 -8.98 1.89
N SER A 103 -13.93 -8.02 2.76
CA SER A 103 -12.71 -7.24 2.64
C SER A 103 -11.62 -7.81 3.53
N SER A 104 -10.37 -7.62 3.12
CA SER A 104 -9.22 -8.13 3.87
C SER A 104 -8.58 -7.02 4.69
N THR A 105 -7.51 -7.35 5.41
CA THR A 105 -6.81 -6.39 6.24
C THR A 105 -5.70 -5.70 5.45
N TRP A 106 -5.23 -4.58 5.98
CA TRP A 106 -4.16 -3.82 5.33
C TRP A 106 -2.79 -4.35 5.73
N SER A 107 -1.91 -4.54 4.74
CA SER A 107 -0.57 -5.04 5.01
C SER A 107 0.35 -3.92 5.46
N MET A 108 1.55 -4.30 5.91
CA MET A 108 2.53 -3.32 6.38
C MET A 108 2.47 -2.04 5.55
N THR A 109 2.38 -0.91 6.23
CA THR A 109 2.31 0.39 5.55
C THR A 109 3.69 0.86 5.13
N ALA A 110 3.78 1.40 3.92
CA ALA A 110 5.05 1.90 3.40
C ALA A 110 5.12 3.43 3.49
N HIS A 111 6.33 3.95 3.68
CA HIS A 111 6.54 5.39 3.79
C HIS A 111 7.18 5.94 2.52
N ALA A 112 6.94 7.22 2.25
CA ALA A 112 7.51 7.86 1.07
C ALA A 112 7.18 9.35 1.05
N THR A 113 8.22 10.18 1.20
CA THR A 113 8.04 11.62 1.21
C THR A 113 8.04 12.18 -0.21
N THR A 114 7.33 13.30 -0.39
CA THR A 114 7.25 13.93 -1.70
C THR A 114 8.29 15.02 -1.86
N TYR A 115 8.67 15.30 -3.11
CA TYR A 115 9.67 16.33 -3.39
C TYR A 115 9.09 17.72 -3.24
N GLU A 116 9.90 18.65 -2.75
CA GLU A 116 9.46 20.03 -2.55
C GLU A 116 8.97 20.63 -3.86
N ALA A 117 7.82 21.31 -3.80
CA ALA A 117 7.24 21.93 -4.98
C ALA A 117 7.98 23.22 -5.34
N SER A 118 9.30 23.14 -5.40
CA SER A 118 10.12 24.30 -5.73
C SER A 118 11.17 23.94 -6.77
N GLY A 119 10.83 24.16 -8.04
CA GLY A 119 11.76 23.86 -9.11
C GLY A 119 13.13 24.49 -8.91
N PRO A 120 14.17 23.66 -8.80
CA PRO A 120 15.54 24.13 -8.60
C PRO A 120 16.10 24.84 -9.83
N SER A 121 17.32 25.35 -9.71
CA SER A 121 17.97 26.06 -10.81
C SER A 121 18.29 25.10 -11.95
N SER A 122 17.37 25.00 -12.90
CA SER A 122 17.55 24.11 -14.05
C SER A 122 18.93 24.29 -14.65
N GLY A 123 19.84 23.37 -14.34
CA GLY A 123 21.19 23.45 -14.86
C GLY A 123 21.59 22.19 -15.59
N GLY A 1 29.36 18.20 19.18
CA GLY A 1 28.69 16.97 18.73
C GLY A 1 27.74 16.43 19.78
N SER A 2 27.05 15.35 19.44
CA SER A 2 26.09 14.73 20.35
C SER A 2 25.69 13.35 19.85
N SER A 3 24.94 12.63 20.68
CA SER A 3 24.48 11.28 20.33
C SER A 3 23.17 11.33 19.55
N GLY A 4 22.79 10.21 18.96
CA GLY A 4 21.57 10.15 18.19
C GLY A 4 20.42 9.55 18.99
N SER A 5 19.47 8.94 18.28
CA SER A 5 18.31 8.34 18.92
C SER A 5 17.46 7.59 17.90
N SER A 6 17.21 6.31 18.18
CA SER A 6 16.41 5.48 17.28
C SER A 6 15.06 5.14 17.91
N GLY A 7 14.17 4.56 17.13
CA GLY A 7 12.85 4.19 17.62
C GLY A 7 12.65 2.70 17.66
N PHE A 8 11.48 2.25 17.20
CA PHE A 8 11.14 0.83 17.19
C PHE A 8 9.85 0.58 16.43
N PRO A 9 9.84 -0.51 15.64
CA PRO A 9 8.68 -0.90 14.84
C PRO A 9 7.52 -1.38 15.71
N THR A 10 6.36 -0.74 15.55
CA THR A 10 5.17 -1.11 16.31
C THR A 10 4.01 -1.47 15.39
N SER A 11 3.64 -2.74 15.38
CA SER A 11 2.54 -3.21 14.54
C SER A 11 1.25 -3.27 15.33
N VAL A 12 0.14 -2.92 14.66
CA VAL A 12 -1.17 -2.93 15.30
C VAL A 12 -1.90 -4.25 15.03
N PRO A 13 -2.54 -4.79 16.08
CA PRO A 13 -3.29 -6.04 15.98
C PRO A 13 -4.56 -5.90 15.15
N ASP A 14 -4.42 -6.10 13.84
CA ASP A 14 -5.57 -5.99 12.94
C ASP A 14 -6.47 -7.21 13.07
N LEU A 15 -7.66 -7.13 12.46
CA LEU A 15 -8.62 -8.22 12.51
C LEU A 15 -8.03 -9.49 11.90
N SER A 16 -8.64 -10.63 12.23
CA SER A 16 -8.16 -11.91 11.71
C SER A 16 -9.13 -12.46 10.68
N THR A 17 -8.68 -12.53 9.43
CA THR A 17 -9.50 -13.04 8.34
C THR A 17 -8.76 -14.11 7.55
N PRO A 18 -9.52 -15.04 6.96
CA PRO A 18 -8.96 -16.13 6.15
C PRO A 18 -8.38 -15.64 4.83
N MET A 19 -8.36 -14.33 4.65
CA MET A 19 -7.83 -13.73 3.44
C MET A 19 -6.33 -13.47 3.57
N LEU A 20 -5.64 -13.40 2.44
CA LEU A 20 -4.20 -13.16 2.44
C LEU A 20 -3.88 -11.86 1.70
N PRO A 21 -3.54 -10.82 2.48
CA PRO A 21 -3.20 -9.50 1.93
C PRO A 21 -1.87 -9.51 1.20
N PRO A 22 -1.56 -8.41 0.49
CA PRO A 22 -0.32 -8.27 -0.27
C PRO A 22 0.90 -8.13 0.63
N VAL A 23 2.07 -8.04 0.02
CA VAL A 23 3.31 -7.90 0.77
C VAL A 23 4.31 -7.03 0.03
N GLY A 24 5.50 -6.86 0.61
CA GLY A 24 6.53 -6.04 0.00
C GLY A 24 5.98 -4.71 -0.51
N VAL A 25 5.13 -4.08 0.29
CA VAL A 25 4.55 -2.80 -0.08
C VAL A 25 5.61 -1.73 -0.24
N GLN A 26 5.73 -1.20 -1.46
CA GLN A 26 6.72 -0.17 -1.75
C GLN A 26 6.04 1.13 -2.20
N ALA A 27 6.37 2.22 -1.52
CA ALA A 27 5.78 3.52 -1.84
C ALA A 27 6.78 4.39 -2.60
N VAL A 28 6.64 4.42 -3.92
CA VAL A 28 7.54 5.21 -4.77
C VAL A 28 7.01 6.63 -4.93
N ALA A 29 7.92 7.60 -4.84
CA ALA A 29 7.56 9.00 -4.99
C ALA A 29 7.91 9.52 -6.38
N LEU A 30 6.87 9.79 -7.18
CA LEU A 30 7.07 10.29 -8.53
C LEU A 30 7.36 11.79 -8.52
N THR A 31 6.48 12.55 -7.90
CA THR A 31 6.64 14.00 -7.82
C THR A 31 6.03 14.55 -6.53
N HIS A 32 6.18 15.86 -6.32
CA HIS A 32 5.64 16.50 -5.13
C HIS A 32 4.19 16.08 -4.90
N ASP A 33 3.42 16.05 -5.97
CA ASP A 33 2.01 15.66 -5.88
C ASP A 33 1.75 14.36 -6.65
N ALA A 34 2.62 13.39 -6.45
CA ALA A 34 2.49 12.10 -7.11
C ALA A 34 3.26 11.01 -6.37
N VAL A 35 2.66 9.84 -6.26
CA VAL A 35 3.29 8.72 -5.56
C VAL A 35 2.79 7.38 -6.11
N ARG A 36 3.69 6.63 -6.74
CA ARG A 36 3.33 5.33 -7.29
C ARG A 36 3.61 4.21 -6.30
N VAL A 37 2.56 3.79 -5.58
CA VAL A 37 2.70 2.72 -4.60
C VAL A 37 2.60 1.35 -5.25
N SER A 38 3.71 0.63 -5.30
CA SER A 38 3.74 -0.69 -5.91
C SER A 38 3.97 -1.76 -4.85
N TRP A 39 3.24 -2.87 -4.97
CA TRP A 39 3.36 -3.98 -4.03
C TRP A 39 3.40 -5.32 -4.76
N ALA A 40 3.64 -6.39 -4.01
CA ALA A 40 3.70 -7.73 -4.58
C ALA A 40 2.59 -8.61 -4.02
N ASP A 41 2.38 -9.76 -4.66
CA ASP A 41 1.36 -10.69 -4.22
C ASP A 41 1.91 -12.12 -4.13
N ASN A 42 1.83 -12.70 -2.94
CA ASN A 42 2.32 -14.05 -2.73
C ASN A 42 1.19 -15.00 -2.33
N SER A 43 0.03 -14.81 -2.95
CA SER A 43 -1.13 -15.63 -2.67
C SER A 43 -1.57 -16.41 -3.91
N VAL A 44 -0.61 -16.70 -4.78
CA VAL A 44 -0.89 -17.44 -6.01
C VAL A 44 0.24 -18.41 -6.33
N PRO A 45 -0.02 -19.71 -6.12
CA PRO A 45 0.97 -20.76 -6.37
C PRO A 45 1.22 -20.96 -7.87
N LYS A 46 1.80 -22.10 -8.22
CA LYS A 46 2.10 -22.42 -9.61
C LYS A 46 1.07 -21.78 -10.54
N ASN A 47 1.37 -20.58 -11.02
CA ASN A 47 0.46 -19.86 -11.91
C ASN A 47 -0.98 -20.27 -11.67
N GLN A 48 -1.37 -20.32 -10.40
CA GLN A 48 -2.73 -20.70 -10.04
C GLN A 48 -3.60 -19.46 -9.83
N LYS A 49 -4.02 -18.85 -10.93
CA LYS A 49 -4.86 -17.65 -10.86
C LYS A 49 -6.13 -17.92 -10.06
N THR A 50 -6.85 -16.86 -9.72
CA THR A 50 -8.08 -16.98 -8.96
C THR A 50 -9.30 -16.72 -9.83
N SER A 51 -10.21 -17.69 -9.87
CA SER A 51 -11.42 -17.57 -10.68
C SER A 51 -12.27 -16.40 -10.19
N GLU A 52 -12.44 -16.29 -8.88
CA GLU A 52 -13.24 -15.23 -8.29
C GLU A 52 -12.56 -13.87 -8.48
N VAL A 53 -13.32 -12.90 -8.98
CA VAL A 53 -12.79 -11.56 -9.23
C VAL A 53 -12.37 -10.90 -7.93
N ARG A 54 -11.11 -10.47 -7.87
CA ARG A 54 -10.57 -9.83 -6.68
C ARG A 54 -10.35 -8.34 -6.93
N LEU A 55 -10.02 -7.61 -5.87
CA LEU A 55 -9.79 -6.17 -5.97
C LEU A 55 -8.81 -5.71 -4.91
N TYR A 56 -7.96 -4.74 -5.26
CA TYR A 56 -6.97 -4.20 -4.34
C TYR A 56 -7.24 -2.73 -4.05
N THR A 57 -7.41 -2.40 -2.77
CA THR A 57 -7.67 -1.03 -2.36
C THR A 57 -6.41 -0.38 -1.80
N VAL A 58 -6.36 0.94 -1.86
CA VAL A 58 -5.22 1.69 -1.34
C VAL A 58 -5.67 2.95 -0.62
N ARG A 59 -5.26 3.07 0.64
CA ARG A 59 -5.61 4.23 1.45
C ARG A 59 -4.38 5.03 1.83
N TRP A 60 -4.58 6.31 2.15
CA TRP A 60 -3.47 7.18 2.53
C TRP A 60 -3.99 8.48 3.14
N ARG A 61 -3.26 9.01 4.11
CA ARG A 61 -3.64 10.24 4.78
C ARG A 61 -2.46 10.85 5.53
N THR A 62 -2.51 12.17 5.73
CA THR A 62 -1.44 12.87 6.43
C THR A 62 -0.94 12.06 7.63
N SER A 63 0.37 11.83 7.67
CA SER A 63 0.97 11.08 8.76
C SER A 63 1.28 11.98 9.95
N PHE A 64 0.78 11.60 11.12
CA PHE A 64 1.01 12.38 12.33
C PHE A 64 0.31 13.74 12.25
N SER A 65 -0.94 13.72 11.77
CA SER A 65 -1.70 14.95 11.63
C SER A 65 -3.07 14.80 12.29
N ALA A 66 -3.68 15.94 12.64
CA ALA A 66 -4.99 15.94 13.28
C ALA A 66 -6.10 16.07 12.25
N SER A 67 -7.33 15.78 12.67
CA SER A 67 -8.48 15.85 11.77
C SER A 67 -8.10 15.46 10.35
N ALA A 68 -7.43 14.32 10.21
CA ALA A 68 -7.01 13.84 8.90
C ALA A 68 -7.96 12.77 8.38
N LYS A 69 -8.43 12.95 7.15
CA LYS A 69 -9.34 12.00 6.52
C LYS A 69 -8.58 10.89 5.81
N TYR A 70 -9.03 9.65 5.99
CA TYR A 70 -8.39 8.51 5.37
C TYR A 70 -8.95 8.26 3.97
N LYS A 71 -8.15 8.58 2.95
CA LYS A 71 -8.55 8.39 1.57
C LYS A 71 -8.44 6.93 1.16
N SER A 72 -9.14 6.57 0.09
CA SER A 72 -9.12 5.20 -0.41
C SER A 72 -9.59 5.14 -1.86
N GLU A 73 -8.96 4.26 -2.64
CA GLU A 73 -9.32 4.11 -4.05
C GLU A 73 -9.34 2.63 -4.44
N ASP A 74 -10.22 2.29 -5.38
CA ASP A 74 -10.33 0.91 -5.84
C ASP A 74 -9.60 0.73 -7.17
N THR A 75 -8.59 -0.13 -7.17
CA THR A 75 -7.81 -0.40 -8.37
C THR A 75 -7.59 -1.89 -8.56
N THR A 76 -7.79 -2.37 -9.78
CA THR A 76 -7.62 -3.78 -10.10
C THR A 76 -6.17 -4.07 -10.52
N SER A 77 -5.24 -3.31 -9.98
CA SER A 77 -3.83 -3.49 -10.30
C SER A 77 -2.98 -3.63 -9.03
N LEU A 78 -1.71 -3.97 -9.20
CA LEU A 78 -0.80 -4.13 -8.08
C LEU A 78 -0.02 -2.84 -7.81
N SER A 79 -0.57 -1.72 -8.26
CA SER A 79 0.08 -0.43 -8.08
C SER A 79 -0.92 0.71 -8.26
N TYR A 80 -0.78 1.75 -7.44
CA TYR A 80 -1.68 2.90 -7.50
C TYR A 80 -0.89 4.20 -7.50
N THR A 81 -1.34 5.16 -8.30
CA THR A 81 -0.67 6.45 -8.39
C THR A 81 -1.45 7.53 -7.65
N ALA A 82 -0.93 7.96 -6.51
CA ALA A 82 -1.58 8.99 -5.71
C ALA A 82 -1.20 10.39 -6.19
N THR A 83 -2.07 11.01 -6.98
CA THR A 83 -1.82 12.34 -7.50
C THR A 83 -2.57 13.39 -6.70
N GLY A 84 -2.06 14.62 -6.73
CA GLY A 84 -2.70 15.70 -6.00
C GLY A 84 -2.50 15.59 -4.51
N LEU A 85 -1.25 15.47 -4.08
CA LEU A 85 -0.92 15.35 -2.67
C LEU A 85 -0.21 16.61 -2.18
N LYS A 86 0.16 16.60 -0.90
CA LYS A 86 0.85 17.73 -0.29
C LYS A 86 2.36 17.62 -0.50
N PRO A 87 2.98 18.70 -1.01
CA PRO A 87 4.42 18.74 -1.25
C PRO A 87 5.22 18.78 0.03
N ASN A 88 6.35 18.07 0.04
CA ASN A 88 7.22 18.01 1.21
C ASN A 88 6.48 17.42 2.41
N THR A 89 5.60 16.47 2.14
CA THR A 89 4.83 15.81 3.19
C THR A 89 4.72 14.32 2.95
N MET A 90 4.94 13.54 4.00
CA MET A 90 4.86 12.09 3.91
C MET A 90 3.57 11.56 4.53
N TYR A 91 3.08 10.44 4.02
CA TYR A 91 1.86 9.84 4.54
C TYR A 91 2.00 8.33 4.66
N GLU A 92 0.94 7.68 5.13
CA GLU A 92 0.95 6.23 5.30
C GLU A 92 0.22 5.54 4.16
N PHE A 93 0.90 4.61 3.50
CA PHE A 93 0.31 3.88 2.38
C PHE A 93 0.20 2.39 2.71
N SER A 94 -0.87 1.76 2.21
CA SER A 94 -1.10 0.35 2.45
C SER A 94 -1.94 -0.26 1.33
N VAL A 95 -2.06 -1.59 1.35
CA VAL A 95 -2.83 -2.30 0.33
C VAL A 95 -3.58 -3.48 0.94
N MET A 96 -4.71 -3.82 0.34
CA MET A 96 -5.53 -4.93 0.84
C MET A 96 -6.22 -5.64 -0.33
N VAL A 97 -7.05 -6.63 0.01
CA VAL A 97 -7.78 -7.38 -1.01
C VAL A 97 -9.19 -7.73 -0.54
N THR A 98 -10.15 -7.65 -1.44
CA THR A 98 -11.54 -7.95 -1.12
C THR A 98 -12.05 -9.12 -1.95
N LYS A 99 -11.98 -10.33 -1.38
CA LYS A 99 -12.44 -11.53 -2.07
C LYS A 99 -13.45 -12.30 -1.22
N ASN A 100 -14.45 -12.87 -1.86
CA ASN A 100 -15.47 -13.63 -1.17
C ASN A 100 -16.43 -12.70 -0.43
N ARG A 101 -16.91 -11.67 -1.12
CA ARG A 101 -17.83 -10.72 -0.53
C ARG A 101 -17.35 -10.27 0.84
N ARG A 102 -16.04 -10.15 1.00
CA ARG A 102 -15.46 -9.73 2.26
C ARG A 102 -14.13 -9.02 2.04
N SER A 103 -13.86 -8.03 2.88
CA SER A 103 -12.62 -7.26 2.78
C SER A 103 -11.55 -7.80 3.72
N SER A 104 -10.31 -7.82 3.25
CA SER A 104 -9.20 -8.32 4.06
C SER A 104 -8.49 -7.18 4.79
N THR A 105 -7.45 -7.53 5.53
CA THR A 105 -6.69 -6.53 6.28
C THR A 105 -5.57 -5.93 5.42
N TRP A 106 -5.20 -4.70 5.73
CA TRP A 106 -4.14 -4.01 4.99
C TRP A 106 -2.78 -4.61 5.32
N SER A 107 -1.89 -4.62 4.34
CA SER A 107 -0.54 -5.16 4.51
C SER A 107 0.39 -4.12 5.11
N MET A 108 1.66 -4.46 5.23
CA MET A 108 2.65 -3.55 5.79
C MET A 108 2.53 -2.16 5.17
N THR A 109 2.68 -1.13 5.99
CA THR A 109 2.59 0.24 5.53
C THR A 109 3.90 0.71 4.91
N ALA A 110 3.82 1.40 3.78
CA ALA A 110 5.00 1.90 3.10
C ALA A 110 5.10 3.41 3.20
N HIS A 111 6.20 3.91 3.74
CA HIS A 111 6.41 5.34 3.90
C HIS A 111 7.16 5.91 2.70
N ALA A 112 6.76 7.13 2.30
CA ALA A 112 7.40 7.78 1.16
C ALA A 112 7.08 9.27 1.14
N THR A 113 8.07 10.10 1.45
CA THR A 113 7.88 11.55 1.48
C THR A 113 7.98 12.13 0.07
N THR A 114 7.13 13.13 -0.21
CA THR A 114 7.12 13.77 -1.52
C THR A 114 8.23 14.82 -1.63
N TYR A 115 8.61 15.14 -2.86
CA TYR A 115 9.66 16.12 -3.10
C TYR A 115 9.15 17.53 -2.84
N GLU A 116 10.07 18.43 -2.49
CA GLU A 116 9.71 19.82 -2.21
C GLU A 116 9.32 20.54 -3.50
N ALA A 117 8.06 20.98 -3.56
CA ALA A 117 7.55 21.70 -4.72
C ALA A 117 8.51 22.80 -5.16
N SER A 118 8.19 23.44 -6.28
CA SER A 118 9.03 24.52 -6.80
C SER A 118 8.49 25.88 -6.37
N GLY A 119 9.39 26.87 -6.31
CA GLY A 119 8.99 28.20 -5.92
C GLY A 119 10.02 29.25 -6.31
N PRO A 120 10.13 30.31 -5.49
CA PRO A 120 11.07 31.40 -5.74
C PRO A 120 12.52 30.98 -5.55
N SER A 121 13.13 30.44 -6.61
CA SER A 121 14.51 29.98 -6.56
C SER A 121 15.40 30.88 -7.41
N SER A 122 15.19 32.19 -7.31
CA SER A 122 15.98 33.16 -8.06
C SER A 122 17.44 33.13 -7.62
N GLY A 123 18.33 33.56 -8.52
CA GLY A 123 19.75 33.58 -8.20
C GLY A 123 20.59 34.08 -9.35
N GLY A 1 -1.48 -3.71 -15.19
CA GLY A 1 -1.68 -4.35 -16.47
C GLY A 1 -0.50 -5.21 -16.87
N SER A 2 -0.33 -6.34 -16.17
CA SER A 2 0.77 -7.25 -16.45
C SER A 2 0.28 -8.48 -17.21
N SER A 3 1.21 -9.20 -17.83
CA SER A 3 0.88 -10.39 -18.59
C SER A 3 0.48 -11.54 -17.67
N GLY A 4 1.34 -11.84 -16.70
CA GLY A 4 1.05 -12.91 -15.76
C GLY A 4 2.29 -13.36 -15.02
N SER A 5 2.12 -13.66 -13.72
CA SER A 5 3.24 -14.10 -12.89
C SER A 5 2.74 -14.87 -11.68
N SER A 6 3.61 -15.70 -11.11
CA SER A 6 3.25 -16.50 -9.95
C SER A 6 4.14 -16.15 -8.75
N GLY A 7 3.52 -15.69 -7.68
CA GLY A 7 4.27 -15.32 -6.48
C GLY A 7 4.73 -16.54 -5.70
N PHE A 8 5.96 -16.98 -5.98
CA PHE A 8 6.53 -18.14 -5.29
C PHE A 8 6.05 -18.20 -3.84
N PRO A 9 5.86 -19.42 -3.33
CA PRO A 9 5.41 -19.64 -1.95
C PRO A 9 6.47 -19.27 -0.93
N THR A 10 6.20 -18.24 -0.14
CA THR A 10 7.13 -17.79 0.89
C THR A 10 6.68 -18.22 2.28
N SER A 11 5.43 -17.95 2.61
CA SER A 11 4.88 -18.30 3.91
C SER A 11 4.64 -19.81 4.00
N VAL A 12 4.21 -20.26 5.17
CA VAL A 12 3.94 -21.68 5.38
C VAL A 12 2.56 -22.06 4.89
N PRO A 13 2.47 -23.19 4.16
CA PRO A 13 1.21 -23.69 3.61
C PRO A 13 0.26 -24.19 4.70
N ASP A 14 -0.87 -23.52 4.86
CA ASP A 14 -1.86 -23.91 5.87
C ASP A 14 -3.27 -23.69 5.34
N LEU A 15 -4.25 -24.26 6.04
CA LEU A 15 -5.65 -24.13 5.64
C LEU A 15 -6.48 -23.55 6.78
N SER A 16 -7.77 -23.36 6.52
CA SER A 16 -8.68 -22.81 7.54
C SER A 16 -8.23 -21.42 7.96
N THR A 17 -7.79 -20.62 7.00
CA THR A 17 -7.34 -19.26 7.27
C THR A 17 -8.10 -18.25 6.43
N PRO A 18 -8.32 -17.05 6.99
CA PRO A 18 -9.03 -15.97 6.31
C PRO A 18 -8.24 -15.39 5.15
N MET A 19 -8.73 -14.29 4.59
CA MET A 19 -8.06 -13.64 3.46
C MET A 19 -6.57 -13.45 3.75
N LEU A 20 -5.83 -13.07 2.73
CA LEU A 20 -4.39 -12.85 2.87
C LEU A 20 -3.96 -11.55 2.19
N PRO A 21 -3.49 -10.59 3.01
CA PRO A 21 -3.04 -9.29 2.51
C PRO A 21 -1.74 -9.38 1.71
N PRO A 22 -1.47 -8.35 0.91
CA PRO A 22 -0.26 -8.30 0.07
C PRO A 22 1.01 -8.11 0.90
N VAL A 23 2.16 -8.27 0.25
CA VAL A 23 3.44 -8.11 0.93
C VAL A 23 4.38 -7.20 0.15
N GLY A 24 5.58 -6.99 0.68
CA GLY A 24 6.55 -6.14 0.01
C GLY A 24 5.93 -4.85 -0.49
N VAL A 25 5.16 -4.20 0.37
CA VAL A 25 4.52 -2.94 0.02
C VAL A 25 5.53 -1.81 -0.09
N GLN A 26 5.65 -1.23 -1.28
CA GLN A 26 6.59 -0.14 -1.51
C GLN A 26 5.86 1.11 -2.00
N ALA A 27 6.26 2.26 -1.48
CA ALA A 27 5.65 3.53 -1.86
C ALA A 27 6.67 4.46 -2.52
N VAL A 28 6.63 4.52 -3.84
CA VAL A 28 7.56 5.37 -4.59
C VAL A 28 6.96 6.75 -4.83
N ALA A 29 7.79 7.79 -4.74
CA ALA A 29 7.34 9.15 -4.97
C ALA A 29 7.72 9.63 -6.36
N LEU A 30 6.72 9.90 -7.19
CA LEU A 30 6.94 10.37 -8.55
C LEU A 30 7.21 11.87 -8.57
N THR A 31 6.30 12.63 -7.97
CA THR A 31 6.43 14.08 -7.93
C THR A 31 5.86 14.65 -6.63
N HIS A 32 6.00 15.96 -6.44
CA HIS A 32 5.50 16.62 -5.25
C HIS A 32 4.08 16.15 -4.93
N ASP A 33 3.24 16.08 -5.94
CA ASP A 33 1.86 15.65 -5.76
C ASP A 33 1.60 14.34 -6.52
N ALA A 34 2.56 13.43 -6.46
CA ALA A 34 2.44 12.14 -7.13
C ALA A 34 3.25 11.06 -6.42
N VAL A 35 2.62 9.93 -6.16
CA VAL A 35 3.28 8.82 -5.49
C VAL A 35 2.85 7.48 -6.06
N ARG A 36 3.80 6.74 -6.60
CA ARG A 36 3.52 5.44 -7.19
C ARG A 36 3.73 4.32 -6.16
N VAL A 37 2.62 3.76 -5.67
CA VAL A 37 2.68 2.69 -4.69
C VAL A 37 2.44 1.33 -5.35
N SER A 38 3.48 0.50 -5.36
CA SER A 38 3.40 -0.82 -5.95
C SER A 38 3.82 -1.90 -4.96
N TRP A 39 3.02 -2.96 -4.87
CA TRP A 39 3.31 -4.06 -3.95
C TRP A 39 3.45 -5.38 -4.71
N ALA A 40 3.61 -6.47 -3.97
CA ALA A 40 3.75 -7.78 -4.57
C ALA A 40 2.65 -8.72 -4.10
N ASP A 41 2.23 -9.63 -4.97
CA ASP A 41 1.19 -10.59 -4.63
C ASP A 41 1.78 -11.96 -4.33
N ASN A 42 1.65 -12.40 -3.08
CA ASN A 42 2.18 -13.69 -2.65
C ASN A 42 1.04 -14.65 -2.30
N SER A 43 -0.12 -14.42 -2.90
CA SER A 43 -1.28 -15.28 -2.64
C SER A 43 -1.66 -16.08 -3.89
N VAL A 44 -0.65 -16.53 -4.61
CA VAL A 44 -0.87 -17.31 -5.83
C VAL A 44 -0.19 -18.67 -5.74
N PRO A 45 -0.87 -19.63 -5.10
CA PRO A 45 -0.36 -20.99 -4.93
C PRO A 45 -0.31 -21.76 -6.26
N LYS A 46 0.53 -22.79 -6.30
CA LYS A 46 0.67 -23.60 -7.50
C LYS A 46 -0.62 -24.35 -7.81
N ASN A 47 -0.75 -24.83 -9.04
CA ASN A 47 -1.93 -25.56 -9.46
C ASN A 47 -3.20 -24.80 -9.09
N GLN A 48 -3.16 -23.48 -9.24
CA GLN A 48 -4.30 -22.64 -8.91
C GLN A 48 -5.51 -23.01 -9.78
N LYS A 49 -6.65 -23.24 -9.12
CA LYS A 49 -7.86 -23.60 -9.83
C LYS A 49 -8.91 -22.50 -9.71
N THR A 50 -9.35 -22.24 -8.48
CA THR A 50 -10.36 -21.20 -8.24
C THR A 50 -9.81 -19.82 -8.60
N SER A 51 -10.30 -19.28 -9.71
CA SER A 51 -9.86 -17.97 -10.17
C SER A 51 -10.97 -16.93 -9.99
N GLU A 52 -11.18 -16.51 -8.74
CA GLU A 52 -12.21 -15.53 -8.43
C GLU A 52 -11.62 -14.12 -8.41
N VAL A 53 -12.05 -13.30 -9.37
CA VAL A 53 -11.56 -11.93 -9.46
C VAL A 53 -11.55 -11.25 -8.10
N ARG A 54 -10.43 -10.60 -7.78
CA ARG A 54 -10.28 -9.92 -6.51
C ARG A 54 -9.97 -8.43 -6.72
N LEU A 55 -10.50 -7.59 -5.83
CA LEU A 55 -10.28 -6.16 -5.91
C LEU A 55 -9.27 -5.69 -4.88
N TYR A 56 -8.43 -4.73 -5.25
CA TYR A 56 -7.42 -4.19 -4.34
C TYR A 56 -7.65 -2.71 -4.07
N THR A 57 -7.62 -2.33 -2.80
CA THR A 57 -7.83 -0.94 -2.41
C THR A 57 -6.54 -0.32 -1.87
N VAL A 58 -6.41 0.99 -2.00
CA VAL A 58 -5.24 1.71 -1.53
C VAL A 58 -5.62 2.93 -0.72
N ARG A 59 -5.30 2.91 0.57
CA ARG A 59 -5.62 4.03 1.46
C ARG A 59 -4.35 4.78 1.86
N TRP A 60 -4.49 6.06 2.12
CA TRP A 60 -3.36 6.89 2.52
C TRP A 60 -3.82 8.17 3.22
N ARG A 61 -3.05 8.61 4.21
CA ARG A 61 -3.39 9.81 4.96
C ARG A 61 -2.15 10.42 5.61
N THR A 62 -2.14 11.73 5.73
CA THR A 62 -1.01 12.44 6.33
C THR A 62 -0.37 11.61 7.44
N SER A 63 0.93 11.42 7.37
CA SER A 63 1.66 10.64 8.37
C SER A 63 1.90 11.47 9.62
N PHE A 64 1.35 11.01 10.74
CA PHE A 64 1.49 11.70 12.02
C PHE A 64 0.81 13.07 11.98
N SER A 65 -0.47 13.07 11.62
CA SER A 65 -1.23 14.31 11.53
C SER A 65 -2.41 14.29 12.51
N ALA A 66 -2.45 15.28 13.40
CA ALA A 66 -3.51 15.37 14.39
C ALA A 66 -4.86 15.03 13.78
N SER A 67 -5.37 15.93 12.93
CA SER A 67 -6.66 15.72 12.28
C SER A 67 -6.48 15.47 10.79
N ALA A 68 -6.94 14.32 10.32
CA ALA A 68 -6.82 13.96 8.91
C ALA A 68 -7.77 12.82 8.57
N LYS A 69 -8.20 12.78 7.30
CA LYS A 69 -9.10 11.73 6.84
C LYS A 69 -8.34 10.67 6.06
N TYR A 70 -8.74 9.41 6.23
CA TYR A 70 -8.10 8.30 5.55
C TYR A 70 -8.67 8.11 4.15
N LYS A 71 -7.87 8.42 3.14
CA LYS A 71 -8.30 8.27 1.76
C LYS A 71 -8.27 6.81 1.32
N SER A 72 -8.90 6.52 0.18
CA SER A 72 -8.95 5.16 -0.34
C SER A 72 -9.30 5.16 -1.83
N GLU A 73 -8.68 4.26 -2.58
CA GLU A 73 -8.92 4.16 -4.01
C GLU A 73 -8.84 2.71 -4.47
N ASP A 74 -9.83 2.29 -5.26
CA ASP A 74 -9.87 0.92 -5.77
C ASP A 74 -9.11 0.81 -7.08
N THR A 75 -8.37 -0.29 -7.24
CA THR A 75 -7.59 -0.52 -8.45
C THR A 75 -7.43 -2.01 -8.73
N THR A 76 -7.51 -2.38 -10.00
CA THR A 76 -7.38 -3.78 -10.39
C THR A 76 -5.94 -4.10 -10.76
N SER A 77 -5.00 -3.42 -10.12
CA SER A 77 -3.57 -3.63 -10.38
C SER A 77 -2.77 -3.59 -9.08
N LEU A 78 -1.52 -4.01 -9.16
CA LEU A 78 -0.64 -4.02 -8.00
C LEU A 78 0.18 -2.74 -7.93
N SER A 79 -0.35 -1.68 -8.52
CA SER A 79 0.33 -0.39 -8.52
C SER A 79 -0.67 0.76 -8.65
N TYR A 80 -0.50 1.78 -7.81
CA TYR A 80 -1.39 2.93 -7.83
C TYR A 80 -0.60 4.23 -7.82
N THR A 81 -1.16 5.27 -8.43
CA THR A 81 -0.51 6.58 -8.48
C THR A 81 -1.30 7.63 -7.72
N ALA A 82 -0.90 7.88 -6.49
CA ALA A 82 -1.57 8.87 -5.65
C ALA A 82 -1.25 10.29 -6.11
N THR A 83 -2.23 10.91 -6.77
CA THR A 83 -2.05 12.28 -7.27
C THR A 83 -2.81 13.28 -6.42
N GLY A 84 -2.41 14.55 -6.49
CA GLY A 84 -3.07 15.58 -5.72
C GLY A 84 -2.73 15.50 -4.24
N LEU A 85 -1.44 15.38 -3.93
CA LEU A 85 -0.99 15.29 -2.54
C LEU A 85 -0.32 16.59 -2.10
N LYS A 86 0.22 16.58 -0.89
CA LYS A 86 0.90 17.75 -0.36
C LYS A 86 2.41 17.65 -0.56
N PRO A 87 3.03 18.75 -1.03
CA PRO A 87 4.47 18.80 -1.28
C PRO A 87 5.28 18.79 0.02
N ASN A 88 6.48 18.24 -0.05
CA ASN A 88 7.36 18.17 1.11
C ASN A 88 6.63 17.55 2.30
N THR A 89 5.64 16.70 2.01
CA THR A 89 4.87 16.04 3.05
C THR A 89 4.72 14.55 2.76
N MET A 90 4.99 13.73 3.77
CA MET A 90 4.87 12.28 3.63
C MET A 90 3.62 11.76 4.31
N TYR A 91 3.10 10.64 3.80
CA TYR A 91 1.90 10.03 4.36
C TYR A 91 2.05 8.53 4.48
N GLU A 92 0.97 7.86 4.86
CA GLU A 92 0.98 6.41 5.01
C GLU A 92 0.35 5.73 3.79
N PHE A 93 0.89 4.57 3.43
CA PHE A 93 0.39 3.82 2.28
C PHE A 93 0.24 2.34 2.62
N SER A 94 -0.89 1.76 2.21
CA SER A 94 -1.17 0.35 2.48
C SER A 94 -1.89 -0.29 1.30
N VAL A 95 -2.25 -1.56 1.46
CA VAL A 95 -2.95 -2.29 0.40
C VAL A 95 -3.76 -3.45 0.99
N MET A 96 -4.92 -3.71 0.39
CA MET A 96 -5.78 -4.80 0.85
C MET A 96 -6.53 -5.42 -0.32
N VAL A 97 -7.23 -6.52 -0.04
CA VAL A 97 -8.00 -7.22 -1.06
C VAL A 97 -9.36 -7.65 -0.54
N THR A 98 -10.38 -7.54 -1.39
CA THR A 98 -11.74 -7.93 -1.00
C THR A 98 -12.26 -9.04 -1.90
N LYS A 99 -12.13 -10.28 -1.43
CA LYS A 99 -12.60 -11.44 -2.17
C LYS A 99 -13.54 -12.29 -1.33
N ASN A 100 -14.54 -12.87 -1.98
CA ASN A 100 -15.52 -13.71 -1.29
C ASN A 100 -16.48 -12.86 -0.47
N ARG A 101 -17.01 -11.81 -1.08
CA ARG A 101 -17.94 -10.91 -0.41
C ARG A 101 -17.42 -10.51 0.97
N ARG A 102 -16.09 -10.44 1.09
CA ARG A 102 -15.47 -10.08 2.36
C ARG A 102 -14.16 -9.34 2.11
N SER A 103 -13.84 -8.39 2.99
CA SER A 103 -12.62 -7.61 2.87
C SER A 103 -11.58 -8.08 3.88
N SER A 104 -10.31 -8.09 3.45
CA SER A 104 -9.22 -8.52 4.32
C SER A 104 -8.59 -7.32 5.03
N THR A 105 -7.51 -7.59 5.76
CA THR A 105 -6.81 -6.54 6.48
C THR A 105 -5.73 -5.89 5.61
N TRP A 106 -5.34 -4.67 5.97
CA TRP A 106 -4.32 -3.95 5.22
C TRP A 106 -2.92 -4.42 5.61
N SER A 107 -2.05 -4.57 4.62
CA SER A 107 -0.68 -5.01 4.86
C SER A 107 0.17 -3.88 5.40
N MET A 108 1.38 -4.21 5.85
CA MET A 108 2.30 -3.22 6.40
C MET A 108 2.15 -1.89 5.68
N THR A 109 2.44 -0.80 6.38
CA THR A 109 2.35 0.53 5.80
C THR A 109 3.70 1.01 5.30
N ALA A 110 3.70 1.59 4.10
CA ALA A 110 4.94 2.09 3.50
C ALA A 110 4.98 3.62 3.54
N HIS A 111 6.07 4.16 4.08
CA HIS A 111 6.23 5.61 4.17
C HIS A 111 7.00 6.15 2.96
N ALA A 112 6.51 7.25 2.41
CA ALA A 112 7.14 7.87 1.25
C ALA A 112 6.85 9.37 1.20
N THR A 113 7.91 10.18 1.26
CA THR A 113 7.76 11.63 1.22
C THR A 113 7.75 12.13 -0.21
N THR A 114 7.13 13.30 -0.42
CA THR A 114 7.05 13.89 -1.74
C THR A 114 8.16 14.91 -1.95
N TYR A 115 8.44 15.21 -3.22
CA TYR A 115 9.49 16.18 -3.56
C TYR A 115 9.05 17.59 -3.21
N GLU A 116 10.04 18.46 -2.98
CA GLU A 116 9.76 19.85 -2.64
C GLU A 116 9.23 20.62 -3.84
N ALA A 117 7.99 21.11 -3.71
CA ALA A 117 7.37 21.87 -4.80
C ALA A 117 8.24 23.03 -5.25
N SER A 118 8.84 23.72 -4.28
CA SER A 118 9.70 24.85 -4.57
C SER A 118 11.06 24.69 -3.92
N GLY A 119 11.94 23.93 -4.57
CA GLY A 119 13.27 23.70 -4.02
C GLY A 119 14.15 22.89 -4.96
N PRO A 120 14.77 23.57 -5.93
CA PRO A 120 15.65 22.92 -6.91
C PRO A 120 16.95 22.42 -6.29
N SER A 121 17.14 22.74 -5.01
CA SER A 121 18.35 22.32 -4.31
C SER A 121 18.80 20.94 -4.76
N SER A 122 17.88 19.97 -4.69
CA SER A 122 18.20 18.61 -5.09
C SER A 122 17.76 18.35 -6.53
N GLY A 123 18.67 17.79 -7.33
CA GLY A 123 18.35 17.51 -8.72
C GLY A 123 18.90 18.57 -9.66
N GLY A 1 4.47 -26.01 8.88
CA GLY A 1 5.02 -27.26 8.37
C GLY A 1 6.18 -27.76 9.19
N SER A 2 6.92 -28.72 8.64
CA SER A 2 8.07 -29.28 9.33
C SER A 2 9.37 -28.87 8.67
N SER A 3 10.14 -28.03 9.37
CA SER A 3 11.41 -27.54 8.84
C SER A 3 12.38 -27.21 9.97
N GLY A 4 13.55 -27.83 9.94
CA GLY A 4 14.56 -27.59 10.97
C GLY A 4 14.95 -28.86 11.70
N SER A 5 15.11 -28.76 13.01
CA SER A 5 15.50 -29.91 13.82
C SER A 5 14.89 -29.82 15.22
N SER A 6 14.87 -30.95 15.92
CA SER A 6 14.31 -31.00 17.27
C SER A 6 14.70 -29.76 18.07
N GLY A 7 13.75 -28.82 18.18
CA GLY A 7 14.01 -27.60 18.91
C GLY A 7 12.75 -26.78 19.15
N PHE A 8 12.86 -25.47 19.02
CA PHE A 8 11.73 -24.58 19.22
C PHE A 8 10.55 -24.99 18.33
N PRO A 9 9.47 -25.45 18.98
CA PRO A 9 8.26 -25.88 18.26
C PRO A 9 7.51 -24.72 17.62
N THR A 10 6.45 -25.03 16.89
CA THR A 10 5.65 -24.01 16.21
C THR A 10 4.17 -24.30 16.36
N SER A 11 3.36 -23.26 16.25
CA SER A 11 1.90 -23.40 16.37
C SER A 11 1.19 -22.33 15.54
N VAL A 12 0.04 -22.70 14.97
CA VAL A 12 -0.75 -21.78 14.16
C VAL A 12 -0.73 -20.38 14.76
N PRO A 13 -0.85 -19.36 13.89
CA PRO A 13 -0.85 -17.96 14.30
C PRO A 13 -2.12 -17.58 15.06
N ASP A 14 -2.09 -16.43 15.72
CA ASP A 14 -3.24 -15.96 16.49
C ASP A 14 -4.05 -14.94 15.68
N LEU A 15 -5.29 -14.71 16.11
CA LEU A 15 -6.16 -13.76 15.43
C LEU A 15 -6.03 -13.89 13.91
N SER A 16 -5.96 -15.13 13.42
CA SER A 16 -5.82 -15.38 12.00
C SER A 16 -7.05 -14.91 11.24
N THR A 17 -6.99 -14.98 9.91
CA THR A 17 -8.11 -14.56 9.07
C THR A 17 -8.20 -15.42 7.82
N PRO A 18 -9.43 -15.60 7.31
CA PRO A 18 -9.68 -16.41 6.11
C PRO A 18 -9.17 -15.73 4.84
N MET A 19 -8.49 -14.59 5.02
CA MET A 19 -7.93 -13.86 3.88
C MET A 19 -6.47 -13.51 4.13
N LEU A 20 -5.75 -13.23 3.04
CA LEU A 20 -4.34 -12.89 3.14
C LEU A 20 -4.02 -11.64 2.31
N PRO A 21 -3.61 -10.56 3.00
CA PRO A 21 -3.27 -9.29 2.35
C PRO A 21 -1.98 -9.39 1.53
N PRO A 22 -1.71 -8.35 0.74
CA PRO A 22 -0.51 -8.30 -0.11
C PRO A 22 0.76 -8.12 0.71
N VAL A 23 1.91 -8.16 0.03
CA VAL A 23 3.20 -8.01 0.69
C VAL A 23 4.14 -7.16 -0.14
N GLY A 24 5.37 -6.98 0.36
CA GLY A 24 6.35 -6.19 -0.36
C GLY A 24 5.81 -4.84 -0.79
N VAL A 25 5.05 -4.19 0.09
CA VAL A 25 4.46 -2.89 -0.22
C VAL A 25 5.52 -1.80 -0.21
N GLN A 26 5.61 -1.07 -1.32
CA GLN A 26 6.59 0.01 -1.44
C GLN A 26 5.94 1.27 -2.00
N ALA A 27 6.21 2.40 -1.36
CA ALA A 27 5.64 3.68 -1.80
C ALA A 27 6.69 4.51 -2.54
N VAL A 28 6.57 4.57 -3.85
CA VAL A 28 7.50 5.33 -4.68
C VAL A 28 7.00 6.75 -4.90
N ALA A 29 7.88 7.72 -4.65
CA ALA A 29 7.54 9.12 -4.82
C ALA A 29 7.93 9.62 -6.20
N LEU A 30 6.92 9.88 -7.03
CA LEU A 30 7.16 10.37 -8.40
C LEU A 30 7.43 11.87 -8.40
N THR A 31 6.52 12.63 -7.80
CA THR A 31 6.65 14.07 -7.73
C THR A 31 6.03 14.63 -6.45
N HIS A 32 6.17 15.94 -6.25
CA HIS A 32 5.62 16.59 -5.06
C HIS A 32 4.19 16.13 -4.81
N ASP A 33 3.38 16.13 -5.87
CA ASP A 33 1.98 15.71 -5.76
C ASP A 33 1.73 14.42 -6.53
N ALA A 34 2.67 13.49 -6.43
CA ALA A 34 2.55 12.20 -7.12
C ALA A 34 3.34 11.12 -6.40
N VAL A 35 2.72 9.95 -6.25
CA VAL A 35 3.36 8.83 -5.57
C VAL A 35 2.89 7.50 -6.16
N ARG A 36 3.82 6.74 -6.72
CA ARG A 36 3.51 5.45 -7.31
C ARG A 36 3.70 4.33 -6.30
N VAL A 37 2.60 3.92 -5.65
CA VAL A 37 2.66 2.86 -4.66
C VAL A 37 2.46 1.49 -5.31
N SER A 38 3.52 0.70 -5.31
CA SER A 38 3.47 -0.63 -5.90
C SER A 38 3.79 -1.71 -4.86
N TRP A 39 3.25 -2.90 -5.08
CA TRP A 39 3.46 -4.02 -4.16
C TRP A 39 3.58 -5.34 -4.91
N ALA A 40 3.77 -6.42 -4.18
CA ALA A 40 3.89 -7.74 -4.78
C ALA A 40 2.69 -8.62 -4.42
N ASP A 41 2.45 -9.64 -5.24
CA ASP A 41 1.34 -10.56 -5.01
C ASP A 41 1.84 -11.95 -4.66
N ASN A 42 1.73 -12.32 -3.39
CA ASN A 42 2.18 -13.62 -2.92
C ASN A 42 0.98 -14.51 -2.59
N SER A 43 -0.15 -13.89 -2.27
CA SER A 43 -1.35 -14.64 -1.94
C SER A 43 -2.13 -15.01 -3.19
N VAL A 44 -1.41 -15.47 -4.21
CA VAL A 44 -2.03 -15.87 -5.47
C VAL A 44 -1.53 -17.24 -5.92
N PRO A 45 -2.47 -18.15 -6.20
CA PRO A 45 -2.15 -19.51 -6.65
C PRO A 45 -1.56 -19.53 -8.05
N LYS A 46 -0.43 -20.22 -8.20
CA LYS A 46 0.22 -20.33 -9.50
C LYS A 46 -0.60 -21.16 -10.46
N ASN A 47 -0.35 -20.99 -11.76
CA ASN A 47 -1.08 -21.73 -12.79
C ASN A 47 -2.54 -21.91 -12.41
N GLN A 48 -3.12 -20.88 -11.80
CA GLN A 48 -4.51 -20.92 -11.38
C GLN A 48 -5.45 -20.70 -12.57
N LYS A 49 -6.58 -21.38 -12.55
CA LYS A 49 -7.57 -21.25 -13.63
C LYS A 49 -8.89 -20.69 -13.10
N THR A 50 -9.47 -21.39 -12.13
CA THR A 50 -10.74 -20.96 -11.55
C THR A 50 -10.53 -20.33 -10.17
N SER A 51 -10.79 -19.04 -10.06
CA SER A 51 -10.63 -18.32 -8.81
C SER A 51 -11.63 -17.19 -8.69
N GLU A 52 -12.10 -16.93 -7.47
CA GLU A 52 -13.06 -15.87 -7.23
C GLU A 52 -12.44 -14.50 -7.47
N VAL A 53 -13.24 -13.58 -8.01
CA VAL A 53 -12.76 -12.24 -8.29
C VAL A 53 -12.24 -11.56 -7.03
N ARG A 54 -11.19 -10.76 -7.20
CA ARG A 54 -10.60 -10.04 -6.07
C ARG A 54 -10.33 -8.59 -6.43
N LEU A 55 -10.39 -7.72 -5.43
CA LEU A 55 -10.15 -6.29 -5.64
C LEU A 55 -9.12 -5.76 -4.65
N TYR A 56 -8.30 -4.83 -5.09
CA TYR A 56 -7.28 -4.24 -4.24
C TYR A 56 -7.58 -2.78 -3.94
N THR A 57 -7.36 -2.37 -2.70
CA THR A 57 -7.63 -0.99 -2.29
C THR A 57 -6.36 -0.34 -1.75
N VAL A 58 -6.33 0.99 -1.78
CA VAL A 58 -5.18 1.75 -1.30
C VAL A 58 -5.63 2.95 -0.45
N ARG A 59 -5.13 3.01 0.78
CA ARG A 59 -5.47 4.10 1.69
C ARG A 59 -4.24 4.94 2.01
N TRP A 60 -4.47 6.22 2.26
CA TRP A 60 -3.38 7.14 2.57
C TRP A 60 -3.92 8.46 3.10
N ARG A 61 -3.22 9.03 4.08
CA ARG A 61 -3.64 10.30 4.68
C ARG A 61 -2.47 10.98 5.39
N THR A 62 -2.56 12.29 5.56
CA THR A 62 -1.52 13.06 6.22
C THR A 62 -0.89 12.26 7.36
N SER A 63 0.43 12.26 7.43
CA SER A 63 1.15 11.54 8.47
C SER A 63 1.12 12.31 9.78
N PHE A 64 0.93 11.59 10.88
CA PHE A 64 0.88 12.20 12.20
C PHE A 64 0.07 13.49 12.17
N SER A 65 -1.10 13.43 11.53
CA SER A 65 -1.97 14.60 11.43
C SER A 65 -3.06 14.56 12.50
N ALA A 66 -3.40 15.73 13.04
CA ALA A 66 -4.42 15.84 14.06
C ALA A 66 -5.77 15.36 13.54
N SER A 67 -6.30 16.06 12.55
CA SER A 67 -7.59 15.71 11.97
C SER A 67 -7.45 15.48 10.46
N ALA A 68 -7.82 14.28 10.02
CA ALA A 68 -7.73 13.93 8.61
C ALA A 68 -8.52 12.65 8.32
N LYS A 69 -9.20 12.62 7.17
CA LYS A 69 -9.99 11.47 6.78
C LYS A 69 -9.19 10.56 5.84
N TYR A 70 -9.03 9.30 6.26
CA TYR A 70 -8.29 8.33 5.47
C TYR A 70 -8.89 8.18 4.08
N LYS A 71 -8.04 8.16 3.07
CA LYS A 71 -8.49 8.02 1.68
C LYS A 71 -8.57 6.55 1.28
N SER A 72 -9.24 6.29 0.16
CA SER A 72 -9.40 4.92 -0.32
C SER A 72 -9.68 4.91 -1.82
N GLU A 73 -8.88 4.16 -2.57
CA GLU A 73 -9.05 4.07 -4.01
C GLU A 73 -9.07 2.61 -4.46
N ASP A 74 -10.06 2.25 -5.27
CA ASP A 74 -10.19 0.89 -5.78
C ASP A 74 -9.41 0.71 -7.07
N THR A 75 -8.49 -0.26 -7.08
CA THR A 75 -7.67 -0.52 -8.24
C THR A 75 -7.41 -2.02 -8.41
N THR A 76 -7.39 -2.48 -9.66
CA THR A 76 -7.16 -3.89 -9.95
C THR A 76 -5.72 -4.13 -10.38
N SER A 77 -4.82 -3.23 -9.98
CA SER A 77 -3.41 -3.35 -10.34
C SER A 77 -2.55 -3.42 -9.09
N LEU A 78 -1.30 -3.85 -9.26
CA LEU A 78 -0.37 -3.96 -8.15
C LEU A 78 0.41 -2.66 -7.94
N SER A 79 -0.03 -1.61 -8.63
CA SER A 79 0.62 -0.31 -8.54
C SER A 79 -0.39 0.82 -8.72
N TYR A 80 -0.33 1.81 -7.84
CA TYR A 80 -1.23 2.96 -7.90
C TYR A 80 -0.46 4.27 -7.88
N THR A 81 -1.01 5.28 -8.53
CA THR A 81 -0.38 6.60 -8.59
C THR A 81 -1.24 7.65 -7.88
N ALA A 82 -0.83 8.00 -6.66
CA ALA A 82 -1.56 9.00 -5.88
C ALA A 82 -1.27 10.41 -6.38
N THR A 83 -2.19 10.95 -7.16
CA THR A 83 -2.03 12.29 -7.71
C THR A 83 -2.76 13.32 -6.86
N GLY A 84 -2.24 14.55 -6.84
CA GLY A 84 -2.86 15.60 -6.06
C GLY A 84 -2.62 15.45 -4.58
N LEU A 85 -1.34 15.33 -4.21
CA LEU A 85 -0.97 15.17 -2.80
C LEU A 85 -0.33 16.44 -2.27
N LYS A 86 0.16 16.38 -1.03
CA LYS A 86 0.81 17.52 -0.40
C LYS A 86 2.32 17.48 -0.62
N PRO A 87 2.89 18.60 -1.08
CA PRO A 87 4.32 18.71 -1.33
C PRO A 87 5.14 18.71 -0.04
N ASN A 88 6.26 17.99 -0.06
CA ASN A 88 7.14 17.91 1.10
C ASN A 88 6.39 17.32 2.30
N THR A 89 5.50 16.37 2.02
CA THR A 89 4.72 15.74 3.08
C THR A 89 4.59 14.24 2.83
N MET A 90 5.00 13.43 3.80
CA MET A 90 4.93 11.99 3.69
C MET A 90 3.65 11.45 4.35
N TYR A 91 3.15 10.33 3.84
CA TYR A 91 1.94 9.73 4.37
C TYR A 91 2.10 8.21 4.49
N GLU A 92 1.10 7.57 5.06
CA GLU A 92 1.12 6.12 5.25
C GLU A 92 0.24 5.43 4.22
N PHE A 93 0.82 4.50 3.47
CA PHE A 93 0.08 3.76 2.44
C PHE A 93 -0.02 2.28 2.81
N SER A 94 -1.13 1.66 2.43
CA SER A 94 -1.36 0.25 2.72
C SER A 94 -2.31 -0.37 1.69
N VAL A 95 -2.07 -1.64 1.36
CA VAL A 95 -2.90 -2.34 0.39
C VAL A 95 -3.66 -3.49 1.05
N MET A 96 -4.78 -3.87 0.45
CA MET A 96 -5.59 -4.96 0.98
C MET A 96 -6.35 -5.66 -0.14
N VAL A 97 -7.22 -6.59 0.23
CA VAL A 97 -8.01 -7.34 -0.74
C VAL A 97 -9.40 -7.64 -0.20
N THR A 98 -10.39 -7.58 -1.09
CA THR A 98 -11.78 -7.84 -0.70
C THR A 98 -12.39 -8.96 -1.55
N LYS A 99 -12.35 -10.17 -1.04
CA LYS A 99 -12.90 -11.33 -1.75
C LYS A 99 -13.94 -12.04 -0.89
N ASN A 100 -14.78 -12.84 -1.55
CA ASN A 100 -15.83 -13.58 -0.85
C ASN A 100 -16.85 -12.63 -0.23
N ARG A 101 -17.07 -11.49 -0.89
CA ARG A 101 -18.02 -10.50 -0.41
C ARG A 101 -17.59 -9.94 0.95
N ARG A 102 -16.29 -10.00 1.22
CA ARG A 102 -15.75 -9.51 2.48
C ARG A 102 -14.38 -8.86 2.27
N SER A 103 -14.01 -7.99 3.21
CA SER A 103 -12.72 -7.30 3.12
C SER A 103 -11.73 -7.87 4.15
N SER A 104 -10.46 -7.91 3.75
CA SER A 104 -9.42 -8.44 4.62
C SER A 104 -8.62 -7.30 5.26
N THR A 105 -7.63 -7.66 6.06
CA THR A 105 -6.79 -6.67 6.73
C THR A 105 -5.77 -6.06 5.77
N TRP A 106 -5.11 -5.00 6.21
CA TRP A 106 -4.11 -4.32 5.40
C TRP A 106 -2.73 -4.95 5.57
N SER A 107 -1.85 -4.70 4.63
CA SER A 107 -0.49 -5.24 4.68
C SER A 107 0.49 -4.21 5.23
N MET A 108 1.76 -4.59 5.32
CA MET A 108 2.80 -3.70 5.82
C MET A 108 2.70 -2.33 5.16
N THR A 109 2.69 -1.28 5.97
CA THR A 109 2.60 0.08 5.46
C THR A 109 3.90 0.49 4.78
N ALA A 110 3.80 1.49 3.89
CA ALA A 110 4.97 1.98 3.17
C ALA A 110 5.07 3.49 3.26
N HIS A 111 6.14 3.98 3.89
CA HIS A 111 6.35 5.41 4.05
C HIS A 111 7.10 5.99 2.84
N ALA A 112 6.61 7.10 2.32
CA ALA A 112 7.24 7.75 1.17
C ALA A 112 6.95 9.25 1.17
N THR A 113 8.00 10.04 1.38
CA THR A 113 7.87 11.50 1.40
C THR A 113 7.91 12.07 0.00
N THR A 114 7.24 13.21 -0.20
CA THR A 114 7.21 13.86 -1.50
C THR A 114 8.31 14.89 -1.63
N TYR A 115 8.62 15.28 -2.86
CA TYR A 115 9.66 16.26 -3.12
C TYR A 115 9.15 17.68 -2.85
N GLU A 116 10.04 18.54 -2.38
CA GLU A 116 9.69 19.92 -2.07
C GLU A 116 9.31 20.67 -3.34
N ALA A 117 8.02 21.00 -3.47
CA ALA A 117 7.53 21.73 -4.64
C ALA A 117 8.46 22.88 -5.00
N SER A 118 8.80 23.70 -4.00
CA SER A 118 9.67 24.84 -4.22
C SER A 118 11.00 24.41 -4.83
N GLY A 119 11.62 23.39 -4.23
CA GLY A 119 12.88 22.89 -4.74
C GLY A 119 13.07 21.41 -4.47
N PRO A 120 12.82 20.58 -5.50
CA PRO A 120 12.97 19.13 -5.40
C PRO A 120 14.42 18.69 -5.26
N SER A 121 14.62 17.43 -4.92
CA SER A 121 15.96 16.88 -4.77
C SER A 121 16.65 16.70 -6.11
N SER A 122 17.58 17.60 -6.42
CA SER A 122 18.30 17.55 -7.68
C SER A 122 19.76 17.14 -7.45
N GLY A 123 20.08 15.90 -7.80
CA GLY A 123 21.44 15.41 -7.62
C GLY A 123 21.58 14.50 -6.43
N GLY A 1 18.90 -20.97 34.21
CA GLY A 1 18.73 -22.34 34.67
C GLY A 1 17.81 -23.12 33.76
N SER A 2 16.71 -23.60 34.33
CA SER A 2 15.74 -24.39 33.57
C SER A 2 14.66 -23.50 32.96
N SER A 3 15.08 -22.48 32.23
CA SER A 3 14.15 -21.55 31.61
C SER A 3 12.95 -21.29 32.51
N GLY A 4 13.22 -21.12 33.80
CA GLY A 4 12.14 -20.87 34.75
C GLY A 4 12.41 -19.65 35.61
N SER A 5 12.85 -18.56 34.99
CA SER A 5 13.15 -17.34 35.71
C SER A 5 12.42 -16.15 35.09
N SER A 6 11.16 -16.36 34.72
CA SER A 6 10.36 -15.32 34.11
C SER A 6 8.89 -15.74 34.01
N GLY A 7 8.05 -14.82 33.55
CA GLY A 7 6.63 -15.12 33.42
C GLY A 7 6.37 -16.23 32.41
N PHE A 8 5.10 -16.42 32.07
CA PHE A 8 4.72 -17.46 31.11
C PHE A 8 3.39 -17.11 30.44
N PRO A 9 3.47 -16.69 29.17
CA PRO A 9 2.28 -16.33 28.39
C PRO A 9 1.41 -17.54 28.05
N THR A 10 0.46 -17.84 28.92
CA THR A 10 -0.43 -18.98 28.71
C THR A 10 -1.57 -18.61 27.74
N SER A 11 -2.20 -17.47 27.98
CA SER A 11 -3.29 -17.02 27.13
C SER A 11 -2.76 -16.29 25.90
N VAL A 12 -2.38 -17.07 24.89
CA VAL A 12 -1.86 -16.50 23.66
C VAL A 12 -2.58 -17.06 22.44
N PRO A 13 -3.24 -16.17 21.68
CA PRO A 13 -3.99 -16.56 20.48
C PRO A 13 -3.08 -16.99 19.34
N ASP A 14 -3.13 -18.29 19.01
CA ASP A 14 -2.30 -18.83 17.95
C ASP A 14 -3.13 -19.71 17.01
N LEU A 15 -4.31 -19.22 16.65
CA LEU A 15 -5.21 -19.95 15.77
C LEU A 15 -4.97 -19.58 14.31
N SER A 16 -5.71 -20.20 13.40
CA SER A 16 -5.58 -19.94 11.98
C SER A 16 -5.58 -18.43 11.71
N THR A 17 -5.34 -18.05 10.46
CA THR A 17 -5.31 -16.65 10.08
C THR A 17 -6.32 -16.35 8.98
N PRO A 18 -6.92 -15.16 9.03
CA PRO A 18 -7.92 -14.73 8.05
C PRO A 18 -7.31 -14.48 6.67
N MET A 19 -8.05 -13.78 5.81
CA MET A 19 -7.58 -13.48 4.46
C MET A 19 -6.08 -13.19 4.47
N LEU A 20 -5.44 -13.41 3.32
CA LEU A 20 -4.01 -13.17 3.19
C LEU A 20 -3.75 -11.90 2.39
N PRO A 21 -3.34 -10.83 3.09
CA PRO A 21 -3.04 -9.54 2.47
C PRO A 21 -1.77 -9.59 1.62
N PRO A 22 -1.54 -8.51 0.85
CA PRO A 22 -0.37 -8.40 -0.02
C PRO A 22 0.93 -8.24 0.77
N VAL A 23 2.04 -8.11 0.06
CA VAL A 23 3.34 -7.94 0.69
C VAL A 23 4.25 -7.04 -0.14
N GLY A 24 5.49 -6.89 0.29
CA GLY A 24 6.44 -6.06 -0.42
C GLY A 24 5.85 -4.73 -0.84
N VAL A 25 5.02 -4.16 0.02
CA VAL A 25 4.38 -2.88 -0.26
C VAL A 25 5.39 -1.74 -0.25
N GLN A 26 5.66 -1.18 -1.42
CA GLN A 26 6.61 -0.09 -1.54
C GLN A 26 5.93 1.19 -2.04
N ALA A 27 6.30 2.32 -1.46
CA ALA A 27 5.71 3.60 -1.84
C ALA A 27 6.75 4.49 -2.51
N VAL A 28 6.71 4.56 -3.84
CA VAL A 28 7.64 5.38 -4.60
C VAL A 28 7.10 6.79 -4.80
N ALA A 29 7.94 7.78 -4.55
CA ALA A 29 7.54 9.17 -4.71
C ALA A 29 7.95 9.72 -6.08
N LEU A 30 6.97 9.99 -6.92
CA LEU A 30 7.23 10.52 -8.26
C LEU A 30 7.46 12.02 -8.22
N THR A 31 6.50 12.74 -7.65
CA THR A 31 6.59 14.20 -7.56
C THR A 31 5.93 14.71 -6.28
N HIS A 32 6.02 16.01 -6.05
CA HIS A 32 5.43 16.62 -4.87
C HIS A 32 3.98 16.20 -4.71
N ASP A 33 3.27 16.06 -5.84
CA ASP A 33 1.87 15.65 -5.82
C ASP A 33 1.68 14.36 -6.60
N ALA A 34 2.59 13.41 -6.40
CA ALA A 34 2.51 12.12 -7.09
C ALA A 34 3.28 11.05 -6.34
N VAL A 35 2.72 9.85 -6.28
CA VAL A 35 3.35 8.74 -5.58
C VAL A 35 2.92 7.40 -6.17
N ARG A 36 3.88 6.63 -6.67
CA ARG A 36 3.59 5.33 -7.26
C ARG A 36 3.75 4.22 -6.23
N VAL A 37 2.63 3.70 -5.76
CA VAL A 37 2.65 2.63 -4.76
C VAL A 37 2.43 1.27 -5.42
N SER A 38 3.51 0.50 -5.52
CA SER A 38 3.45 -0.82 -6.13
C SER A 38 3.85 -1.90 -5.13
N TRP A 39 3.04 -2.96 -5.05
CA TRP A 39 3.30 -4.06 -4.14
C TRP A 39 3.43 -5.37 -4.90
N ALA A 40 3.59 -6.46 -4.15
CA ALA A 40 3.71 -7.79 -4.75
C ALA A 40 2.65 -8.74 -4.22
N ASP A 41 2.22 -9.67 -5.06
CA ASP A 41 1.20 -10.64 -4.68
C ASP A 41 1.85 -11.94 -4.19
N ASN A 42 1.48 -12.36 -2.99
CA ASN A 42 2.02 -13.58 -2.41
C ASN A 42 0.90 -14.55 -2.03
N SER A 43 -0.31 -14.03 -1.93
CA SER A 43 -1.47 -14.84 -1.57
C SER A 43 -2.05 -15.53 -2.80
N VAL A 44 -1.18 -15.95 -3.71
CA VAL A 44 -1.61 -16.63 -4.93
C VAL A 44 -0.41 -17.15 -5.72
N PRO A 45 -0.42 -18.45 -6.02
CA PRO A 45 0.65 -19.10 -6.78
C PRO A 45 0.68 -18.67 -8.23
N LYS A 46 1.74 -19.05 -8.93
CA LYS A 46 1.89 -18.70 -10.35
C LYS A 46 1.20 -19.73 -11.23
N ASN A 47 1.31 -21.00 -10.86
CA ASN A 47 0.70 -22.07 -11.63
C ASN A 47 -0.82 -22.13 -11.37
N GLN A 48 -1.46 -20.97 -11.40
CA GLN A 48 -2.89 -20.90 -11.17
C GLN A 48 -3.40 -19.47 -11.33
N LYS A 49 -4.65 -19.33 -11.73
CA LYS A 49 -5.26 -18.01 -11.93
C LYS A 49 -6.24 -17.70 -10.81
N THR A 50 -6.76 -16.48 -10.81
CA THR A 50 -7.72 -16.04 -9.80
C THR A 50 -9.15 -16.28 -10.26
N SER A 51 -9.86 -17.15 -9.55
CA SER A 51 -11.24 -17.47 -9.89
C SER A 51 -12.20 -16.53 -9.17
N GLU A 52 -12.19 -16.59 -7.85
CA GLU A 52 -13.06 -15.74 -7.04
C GLU A 52 -12.72 -14.27 -7.21
N VAL A 53 -13.69 -13.49 -7.66
CA VAL A 53 -13.49 -12.06 -7.87
C VAL A 53 -12.85 -11.41 -6.66
N ARG A 54 -11.83 -10.59 -6.89
CA ARG A 54 -11.13 -9.91 -5.81
C ARG A 54 -10.90 -8.45 -6.16
N LEU A 55 -10.49 -7.66 -5.16
CA LEU A 55 -10.24 -6.24 -5.36
C LEU A 55 -9.13 -5.75 -4.43
N TYR A 56 -8.40 -4.73 -4.88
CA TYR A 56 -7.31 -4.18 -4.09
C TYR A 56 -7.54 -2.69 -3.81
N THR A 57 -7.67 -2.34 -2.54
CA THR A 57 -7.90 -0.96 -2.15
C THR A 57 -6.60 -0.30 -1.68
N VAL A 58 -6.50 1.01 -1.89
CA VAL A 58 -5.31 1.77 -1.49
C VAL A 58 -5.69 3.02 -0.73
N ARG A 59 -5.12 3.18 0.47
CA ARG A 59 -5.40 4.34 1.29
C ARG A 59 -4.12 5.11 1.60
N TRP A 60 -4.25 6.41 1.84
CA TRP A 60 -3.11 7.26 2.14
C TRP A 60 -3.56 8.60 2.71
N ARG A 61 -2.93 9.01 3.82
CA ARG A 61 -3.27 10.27 4.46
C ARG A 61 -2.20 10.68 5.46
N THR A 62 -2.13 11.97 5.77
CA THR A 62 -1.15 12.48 6.70
C THR A 62 -0.80 11.44 7.77
N SER A 63 0.49 11.30 8.05
CA SER A 63 0.95 10.34 9.05
C SER A 63 0.90 10.95 10.44
N PHE A 64 0.47 10.15 11.41
CA PHE A 64 0.37 10.60 12.80
C PHE A 64 -0.63 11.74 12.93
N SER A 65 -1.59 11.78 12.01
CA SER A 65 -2.61 12.83 12.01
C SER A 65 -3.99 12.23 12.28
N ALA A 66 -4.30 11.99 13.54
CA ALA A 66 -5.58 11.42 13.93
C ALA A 66 -6.71 12.00 13.08
N SER A 67 -7.02 13.28 13.30
CA SER A 67 -8.08 13.95 12.55
C SER A 67 -7.64 14.23 11.11
N ALA A 68 -8.10 13.40 10.19
CA ALA A 68 -7.76 13.56 8.79
C ALA A 68 -8.52 12.56 7.92
N LYS A 69 -9.22 13.07 6.92
CA LYS A 69 -9.99 12.23 6.01
C LYS A 69 -9.07 11.38 5.14
N TYR A 70 -9.10 10.07 5.36
CA TYR A 70 -8.27 9.14 4.59
C TYR A 70 -8.92 8.81 3.25
N LYS A 71 -8.09 8.73 2.22
CA LYS A 71 -8.57 8.41 0.88
C LYS A 71 -8.65 6.91 0.67
N SER A 72 -9.35 6.50 -0.39
CA SER A 72 -9.50 5.08 -0.70
C SER A 72 -9.91 4.89 -2.16
N GLU A 73 -9.11 4.12 -2.89
CA GLU A 73 -9.38 3.85 -4.30
C GLU A 73 -9.42 2.35 -4.57
N ASP A 74 -10.29 1.95 -5.50
CA ASP A 74 -10.42 0.55 -5.86
C ASP A 74 -9.70 0.24 -7.16
N THR A 75 -8.68 -0.61 -7.09
CA THR A 75 -7.90 -0.97 -8.27
C THR A 75 -7.61 -2.47 -8.28
N THR A 76 -7.49 -3.04 -9.48
CA THR A 76 -7.21 -4.46 -9.63
C THR A 76 -5.75 -4.69 -9.99
N SER A 77 -4.96 -3.63 -9.97
CA SER A 77 -3.54 -3.72 -10.30
C SER A 77 -2.69 -3.62 -9.04
N LEU A 78 -1.41 -3.98 -9.17
CA LEU A 78 -0.49 -3.95 -8.05
C LEU A 78 0.32 -2.65 -8.04
N SER A 79 -0.29 -1.58 -8.56
CA SER A 79 0.37 -0.28 -8.62
C SER A 79 -0.66 0.84 -8.75
N TYR A 80 -0.53 1.84 -7.89
CA TYR A 80 -1.46 2.98 -7.91
C TYR A 80 -0.70 4.30 -7.74
N THR A 81 -1.13 5.31 -8.48
CA THR A 81 -0.50 6.63 -8.42
C THR A 81 -1.35 7.61 -7.63
N ALA A 82 -0.79 8.14 -6.55
CA ALA A 82 -1.49 9.09 -5.71
C ALA A 82 -1.19 10.53 -6.14
N THR A 83 -2.10 11.10 -6.93
CA THR A 83 -1.93 12.47 -7.42
C THR A 83 -2.73 13.45 -6.57
N GLY A 84 -2.30 14.71 -6.58
CA GLY A 84 -2.97 15.73 -5.81
C GLY A 84 -2.71 15.59 -4.31
N LEU A 85 -1.45 15.51 -3.94
CA LEU A 85 -1.07 15.38 -2.53
C LEU A 85 -0.42 16.66 -2.03
N LYS A 86 0.04 16.62 -0.78
CA LYS A 86 0.69 17.78 -0.17
C LYS A 86 2.21 17.66 -0.26
N PRO A 87 2.86 18.73 -0.72
CA PRO A 87 4.32 18.78 -0.87
C PRO A 87 5.04 18.81 0.47
N ASN A 88 6.19 18.15 0.54
CA ASN A 88 6.97 18.11 1.77
C ASN A 88 6.18 17.43 2.90
N THR A 89 5.24 16.57 2.51
CA THR A 89 4.42 15.87 3.48
C THR A 89 4.37 14.37 3.17
N MET A 90 4.66 13.55 4.17
CA MET A 90 4.64 12.10 4.01
C MET A 90 3.35 11.51 4.57
N TYR A 91 2.94 10.38 4.01
CA TYR A 91 1.72 9.70 4.45
C TYR A 91 1.94 8.20 4.57
N GLU A 92 0.93 7.50 5.07
CA GLU A 92 1.00 6.05 5.22
C GLU A 92 0.26 5.33 4.10
N PHE A 93 0.96 4.43 3.41
CA PHE A 93 0.36 3.70 2.31
C PHE A 93 0.22 2.22 2.67
N SER A 94 -0.91 1.62 2.31
CA SER A 94 -1.17 0.22 2.59
C SER A 94 -2.16 -0.37 1.60
N VAL A 95 -1.99 -1.65 1.28
CA VAL A 95 -2.86 -2.33 0.33
C VAL A 95 -3.61 -3.47 1.01
N MET A 96 -4.85 -3.69 0.59
CA MET A 96 -5.67 -4.76 1.15
C MET A 96 -6.49 -5.45 0.06
N VAL A 97 -7.10 -6.58 0.41
CA VAL A 97 -7.91 -7.33 -0.53
C VAL A 97 -9.28 -7.65 0.05
N THR A 98 -10.31 -7.56 -0.80
CA THR A 98 -11.67 -7.84 -0.36
C THR A 98 -12.32 -8.92 -1.22
N LYS A 99 -12.27 -10.16 -0.74
CA LYS A 99 -12.85 -11.28 -1.46
C LYS A 99 -13.83 -12.05 -0.59
N ASN A 100 -14.69 -12.85 -1.22
CA ASN A 100 -15.69 -13.63 -0.49
C ASN A 100 -16.68 -12.72 0.23
N ARG A 101 -16.94 -11.56 -0.36
CA ARG A 101 -17.87 -10.60 0.23
C ARG A 101 -17.37 -10.12 1.59
N ARG A 102 -16.04 -10.05 1.73
CA ARG A 102 -15.44 -9.61 2.98
C ARG A 102 -14.09 -8.93 2.73
N SER A 103 -13.72 -8.01 3.61
CA SER A 103 -12.45 -7.29 3.47
C SER A 103 -11.41 -7.87 4.41
N SER A 104 -10.16 -7.91 3.95
CA SER A 104 -9.06 -8.44 4.75
C SER A 104 -8.29 -7.31 5.44
N THR A 105 -7.20 -7.67 6.11
CA THR A 105 -6.39 -6.69 6.81
C THR A 105 -5.38 -6.03 5.88
N TRP A 106 -4.89 -4.86 6.27
CA TRP A 106 -3.92 -4.14 5.46
C TRP A 106 -2.51 -4.67 5.68
N SER A 107 -1.75 -4.78 4.59
CA SER A 107 -0.39 -5.29 4.67
C SER A 107 0.57 -4.21 5.15
N MET A 108 1.84 -4.57 5.31
CA MET A 108 2.85 -3.63 5.77
C MET A 108 2.68 -2.28 5.08
N THR A 109 3.01 -1.21 5.81
CA THR A 109 2.89 0.14 5.26
C THR A 109 4.23 0.64 4.74
N ALA A 110 4.18 1.47 3.70
CA ALA A 110 5.40 2.02 3.12
C ALA A 110 5.44 3.54 3.26
N HIS A 111 6.49 4.03 3.90
CA HIS A 111 6.65 5.47 4.10
C HIS A 111 7.39 6.11 2.94
N ALA A 112 6.88 7.26 2.47
CA ALA A 112 7.49 7.97 1.36
C ALA A 112 7.08 9.43 1.35
N THR A 113 8.02 10.31 1.70
CA THR A 113 7.75 11.75 1.73
C THR A 113 7.80 12.35 0.33
N THR A 114 6.94 13.32 0.08
CA THR A 114 6.89 13.98 -1.22
C THR A 114 7.95 15.08 -1.33
N TYR A 115 8.48 15.27 -2.53
CA TYR A 115 9.51 16.27 -2.77
C TYR A 115 8.96 17.68 -2.50
N GLU A 116 9.85 18.58 -2.10
CA GLU A 116 9.46 19.96 -1.81
C GLU A 116 9.01 20.68 -3.08
N ALA A 117 7.74 21.05 -3.12
CA ALA A 117 7.18 21.75 -4.28
C ALA A 117 8.10 22.89 -4.73
N SER A 118 8.49 23.72 -3.77
CA SER A 118 9.36 24.86 -4.07
C SER A 118 10.78 24.39 -4.38
N GLY A 119 11.25 24.75 -5.57
CA GLY A 119 12.60 24.35 -5.97
C GLY A 119 13.16 25.24 -7.08
N PRO A 120 14.48 25.44 -7.06
CA PRO A 120 15.17 26.28 -8.05
C PRO A 120 15.19 25.63 -9.43
N SER A 121 14.77 26.39 -10.44
CA SER A 121 14.73 25.89 -11.82
C SER A 121 16.10 26.03 -12.48
N SER A 122 17.15 25.65 -11.74
CA SER A 122 18.50 25.74 -12.26
C SER A 122 18.58 25.19 -13.68
N GLY A 123 19.36 25.87 -14.53
CA GLY A 123 19.51 25.44 -15.91
C GLY A 123 20.09 26.52 -16.79
N GLY A 1 7.17 -7.90 -8.95
CA GLY A 1 8.23 -7.37 -8.11
C GLY A 1 9.40 -8.32 -7.98
N SER A 2 10.27 -8.06 -7.00
CA SER A 2 11.43 -8.90 -6.78
C SER A 2 11.09 -10.09 -5.88
N SER A 3 9.98 -9.97 -5.14
CA SER A 3 9.55 -11.02 -4.25
C SER A 3 10.74 -11.70 -3.58
N GLY A 4 11.62 -10.89 -3.00
CA GLY A 4 12.79 -11.43 -2.33
C GLY A 4 13.56 -10.37 -1.56
N SER A 5 13.10 -10.08 -0.35
CA SER A 5 13.75 -9.08 0.49
C SER A 5 13.55 -9.40 1.98
N SER A 6 14.63 -9.27 2.74
CA SER A 6 14.59 -9.56 4.17
C SER A 6 14.25 -8.30 4.96
N GLY A 7 13.81 -8.49 6.20
CA GLY A 7 13.45 -7.36 7.05
C GLY A 7 12.04 -7.46 7.57
N PHE A 8 11.81 -8.31 8.55
CA PHE A 8 10.48 -8.49 9.14
C PHE A 8 10.55 -9.40 10.35
N PRO A 9 9.68 -9.13 11.35
CA PRO A 9 9.62 -9.91 12.59
C PRO A 9 9.06 -11.31 12.34
N THR A 10 9.90 -12.32 12.52
CA THR A 10 9.49 -13.71 12.33
C THR A 10 8.54 -14.16 13.43
N SER A 11 7.25 -13.93 13.22
CA SER A 11 6.22 -14.31 14.18
C SER A 11 4.83 -14.25 13.58
N VAL A 12 3.87 -14.84 14.26
CA VAL A 12 2.49 -14.86 13.79
C VAL A 12 1.73 -13.63 14.28
N PRO A 13 1.20 -12.84 13.32
CA PRO A 13 0.44 -11.62 13.64
C PRO A 13 -0.91 -11.92 14.26
N ASP A 14 -1.16 -13.20 14.54
CA ASP A 14 -2.42 -13.62 15.14
C ASP A 14 -3.60 -13.04 14.38
N LEU A 15 -3.45 -12.88 13.07
CA LEU A 15 -4.51 -12.33 12.23
C LEU A 15 -5.75 -13.22 12.28
N SER A 16 -5.54 -14.53 12.17
CA SER A 16 -6.64 -15.48 12.20
C SER A 16 -7.79 -15.01 11.30
N THR A 17 -7.45 -14.62 10.07
CA THR A 17 -8.45 -14.15 9.13
C THR A 17 -8.51 -15.06 7.91
N PRO A 18 -9.72 -15.22 7.35
CA PRO A 18 -9.94 -16.06 6.17
C PRO A 18 -9.34 -15.46 4.91
N MET A 19 -8.64 -14.35 5.06
CA MET A 19 -8.01 -13.68 3.93
C MET A 19 -6.52 -13.44 4.20
N LEU A 20 -5.78 -13.10 3.14
CA LEU A 20 -4.36 -12.85 3.26
C LEU A 20 -3.96 -11.57 2.53
N PRO A 21 -3.50 -10.57 3.30
CA PRO A 21 -3.08 -9.28 2.75
C PRO A 21 -1.80 -9.39 1.93
N PRO A 22 -1.54 -8.38 1.09
CA PRO A 22 -0.34 -8.33 0.25
C PRO A 22 0.94 -8.11 1.05
N VAL A 23 2.06 -8.03 0.36
CA VAL A 23 3.35 -7.82 1.01
C VAL A 23 4.26 -6.94 0.15
N GLY A 24 5.49 -6.74 0.62
CA GLY A 24 6.43 -5.92 -0.12
C GLY A 24 5.84 -4.63 -0.61
N VAL A 25 5.08 -3.95 0.26
CA VAL A 25 4.43 -2.70 -0.10
C VAL A 25 5.46 -1.56 -0.15
N GLN A 26 5.74 -1.09 -1.37
CA GLN A 26 6.69 -0.01 -1.56
C GLN A 26 6.00 1.26 -2.06
N ALA A 27 6.34 2.39 -1.46
CA ALA A 27 5.75 3.66 -1.86
C ALA A 27 6.75 4.54 -2.60
N VAL A 28 6.62 4.57 -3.93
CA VAL A 28 7.53 5.37 -4.76
C VAL A 28 6.99 6.78 -4.96
N ALA A 29 7.86 7.77 -4.81
CA ALA A 29 7.48 9.16 -4.98
C ALA A 29 7.80 9.66 -6.38
N LEU A 30 6.77 9.87 -7.18
CA LEU A 30 6.95 10.35 -8.56
C LEU A 30 7.22 11.85 -8.58
N THR A 31 6.33 12.62 -7.95
CA THR A 31 6.48 14.06 -7.90
C THR A 31 5.91 14.63 -6.60
N HIS A 32 6.06 15.93 -6.41
CA HIS A 32 5.56 16.60 -5.21
C HIS A 32 4.15 16.12 -4.88
N ASP A 33 3.29 16.08 -5.88
CA ASP A 33 1.92 15.64 -5.69
C ASP A 33 1.65 14.34 -6.44
N ALA A 34 2.61 13.43 -6.38
CA ALA A 34 2.48 12.14 -7.05
C ALA A 34 3.30 11.07 -6.35
N VAL A 35 2.67 9.91 -6.12
CA VAL A 35 3.34 8.80 -5.45
C VAL A 35 2.88 7.46 -6.01
N ARG A 36 3.80 6.74 -6.64
CA ARG A 36 3.49 5.44 -7.22
C ARG A 36 3.61 4.33 -6.17
N VAL A 37 2.48 3.91 -5.63
CA VAL A 37 2.46 2.86 -4.61
C VAL A 37 2.30 1.48 -5.26
N SER A 38 3.37 0.70 -5.23
CA SER A 38 3.35 -0.64 -5.82
C SER A 38 3.63 -1.70 -4.75
N TRP A 39 3.12 -2.90 -4.98
CA TRP A 39 3.32 -4.00 -4.05
C TRP A 39 3.40 -5.34 -4.78
N ALA A 40 3.53 -6.42 -4.03
CA ALA A 40 3.62 -7.76 -4.60
C ALA A 40 2.42 -8.61 -4.22
N ASP A 41 2.30 -9.78 -4.84
CA ASP A 41 1.19 -10.68 -4.56
C ASP A 41 1.70 -12.10 -4.32
N ASN A 42 1.50 -12.60 -3.11
CA ASN A 42 1.94 -13.95 -2.75
C ASN A 42 0.76 -14.79 -2.26
N SER A 43 -0.45 -14.36 -2.58
CA SER A 43 -1.65 -15.07 -2.15
C SER A 43 -2.18 -15.95 -3.28
N VAL A 44 -1.34 -16.18 -4.29
CA VAL A 44 -1.73 -17.02 -5.42
C VAL A 44 -0.58 -17.93 -5.84
N PRO A 45 -0.78 -19.24 -5.70
CA PRO A 45 0.23 -20.24 -6.06
C PRO A 45 0.44 -20.34 -7.56
N LYS A 46 1.34 -21.22 -7.98
CA LYS A 46 1.63 -21.42 -9.40
C LYS A 46 0.61 -22.36 -10.03
N ASN A 47 0.45 -22.24 -11.35
CA ASN A 47 -0.48 -23.09 -12.08
C ASN A 47 -1.81 -23.20 -11.33
N GLN A 48 -2.36 -22.06 -10.95
CA GLN A 48 -3.63 -22.04 -10.21
C GLN A 48 -4.66 -21.20 -10.95
N LYS A 49 -5.82 -21.79 -11.21
CA LYS A 49 -6.90 -21.10 -11.91
C LYS A 49 -7.78 -20.34 -10.93
N THR A 50 -7.65 -19.02 -10.92
CA THR A 50 -8.44 -18.18 -10.03
C THR A 50 -9.86 -18.00 -10.55
N SER A 51 -10.84 -18.43 -9.76
CA SER A 51 -12.24 -18.32 -10.16
C SER A 51 -12.93 -17.19 -9.40
N GLU A 52 -12.66 -17.11 -8.10
CA GLU A 52 -13.24 -16.06 -7.26
C GLU A 52 -12.55 -14.72 -7.48
N VAL A 53 -13.26 -13.79 -8.12
CA VAL A 53 -12.70 -12.47 -8.40
C VAL A 53 -12.14 -11.84 -7.13
N ARG A 54 -11.48 -10.70 -7.28
CA ARG A 54 -10.89 -10.00 -6.15
C ARG A 54 -10.60 -8.54 -6.50
N LEU A 55 -10.60 -7.68 -5.49
CA LEU A 55 -10.34 -6.26 -5.70
C LEU A 55 -9.35 -5.74 -4.66
N TYR A 56 -8.38 -4.94 -5.13
CA TYR A 56 -7.37 -4.37 -4.24
C TYR A 56 -7.70 -2.92 -3.91
N THR A 57 -7.60 -2.57 -2.62
CA THR A 57 -7.87 -1.22 -2.18
C THR A 57 -6.61 -0.52 -1.70
N VAL A 58 -6.49 0.77 -2.01
CA VAL A 58 -5.32 1.54 -1.60
C VAL A 58 -5.74 2.81 -0.85
N ARG A 59 -5.31 2.91 0.41
CA ARG A 59 -5.65 4.06 1.24
C ARG A 59 -4.38 4.74 1.75
N TRP A 60 -4.45 6.05 1.93
CA TRP A 60 -3.32 6.82 2.42
C TRP A 60 -3.78 8.02 3.23
N ARG A 61 -3.20 8.19 4.42
CA ARG A 61 -3.56 9.30 5.29
C ARG A 61 -2.30 10.02 5.79
N THR A 62 -2.40 11.34 5.93
CA THR A 62 -1.27 12.14 6.39
C THR A 62 -0.64 11.54 7.64
N SER A 63 0.68 11.48 7.67
CA SER A 63 1.40 10.92 8.81
C SER A 63 1.71 12.01 9.84
N PHE A 64 1.19 11.83 11.04
CA PHE A 64 1.42 12.78 12.12
C PHE A 64 0.69 14.10 11.84
N SER A 65 -0.58 14.00 11.48
CA SER A 65 -1.39 15.18 11.18
C SER A 65 -2.37 15.48 12.31
N ALA A 66 -2.93 16.68 12.29
CA ALA A 66 -3.88 17.10 13.32
C ALA A 66 -5.30 16.75 12.91
N SER A 67 -5.65 17.09 11.67
CA SER A 67 -7.00 16.81 11.16
C SER A 67 -6.95 16.48 9.67
N ALA A 68 -7.22 15.22 9.35
CA ALA A 68 -7.22 14.77 7.96
C ALA A 68 -8.20 13.61 7.75
N LYS A 69 -8.31 13.16 6.50
CA LYS A 69 -9.21 12.07 6.16
C LYS A 69 -8.48 10.99 5.37
N TYR A 70 -8.76 9.73 5.69
CA TYR A 70 -8.14 8.61 5.01
C TYR A 70 -8.72 8.42 3.62
N LYS A 71 -7.87 8.57 2.60
CA LYS A 71 -8.31 8.41 1.22
C LYS A 71 -8.43 6.95 0.84
N SER A 72 -9.27 6.65 -0.14
CA SER A 72 -9.48 5.28 -0.59
C SER A 72 -9.78 5.24 -2.09
N GLU A 73 -9.09 4.35 -2.79
CA GLU A 73 -9.29 4.21 -4.24
C GLU A 73 -9.21 2.75 -4.66
N ASP A 74 -10.09 2.35 -5.58
CA ASP A 74 -10.13 0.98 -6.06
C ASP A 74 -9.19 0.80 -7.26
N THR A 75 -8.41 -0.27 -7.24
CA THR A 75 -7.46 -0.56 -8.31
C THR A 75 -7.26 -2.05 -8.48
N THR A 76 -7.40 -2.53 -9.70
CA THR A 76 -7.23 -3.95 -9.99
C THR A 76 -5.80 -4.26 -10.44
N SER A 77 -4.84 -3.55 -9.85
CA SER A 77 -3.43 -3.73 -10.19
C SER A 77 -2.56 -3.68 -8.95
N LEU A 78 -1.30 -4.06 -9.10
CA LEU A 78 -0.36 -4.05 -7.99
C LEU A 78 0.43 -2.76 -7.95
N SER A 79 -0.14 -1.70 -8.51
CA SER A 79 0.52 -0.40 -8.55
C SER A 79 -0.50 0.71 -8.72
N TYR A 80 -0.40 1.74 -7.89
CA TYR A 80 -1.31 2.88 -7.95
C TYR A 80 -0.55 4.19 -7.92
N THR A 81 -1.13 5.22 -8.54
CA THR A 81 -0.51 6.53 -8.60
C THR A 81 -1.32 7.56 -7.80
N ALA A 82 -0.84 7.88 -6.60
CA ALA A 82 -1.51 8.85 -5.75
C ALA A 82 -1.26 10.27 -6.22
N THR A 83 -2.23 10.83 -6.95
CA THR A 83 -2.11 12.19 -7.47
C THR A 83 -2.92 13.16 -6.64
N GLY A 84 -2.52 14.42 -6.65
CA GLY A 84 -3.22 15.44 -5.89
C GLY A 84 -2.92 15.36 -4.40
N LEU A 85 -1.65 15.28 -4.06
CA LEU A 85 -1.23 15.19 -2.67
C LEU A 85 -0.55 16.49 -2.22
N LYS A 86 -0.03 16.48 -1.00
CA LYS A 86 0.64 17.66 -0.46
C LYS A 86 2.16 17.53 -0.61
N PRO A 87 2.79 18.61 -1.08
CA PRO A 87 4.24 18.65 -1.29
C PRO A 87 5.01 18.65 0.02
N ASN A 88 6.26 18.20 -0.04
CA ASN A 88 7.12 18.14 1.16
C ASN A 88 6.35 17.55 2.33
N THR A 89 5.51 16.55 2.06
CA THR A 89 4.72 15.90 3.09
C THR A 89 4.59 14.41 2.83
N MET A 90 4.96 13.60 3.82
CA MET A 90 4.88 12.15 3.69
C MET A 90 3.66 11.60 4.43
N TYR A 91 3.15 10.47 3.95
CA TYR A 91 1.98 9.85 4.56
C TYR A 91 2.15 8.34 4.65
N GLU A 92 1.14 7.66 5.19
CA GLU A 92 1.18 6.22 5.34
C GLU A 92 0.38 5.53 4.25
N PHE A 93 1.03 4.61 3.54
CA PHE A 93 0.37 3.88 2.45
C PHE A 93 0.26 2.39 2.78
N SER A 94 -0.77 1.75 2.25
CA SER A 94 -0.99 0.33 2.50
C SER A 94 -1.78 -0.30 1.34
N VAL A 95 -2.06 -1.60 1.46
CA VAL A 95 -2.79 -2.32 0.44
C VAL A 95 -3.57 -3.49 1.04
N MET A 96 -4.74 -3.77 0.47
CA MET A 96 -5.58 -4.86 0.94
C MET A 96 -6.39 -5.45 -0.20
N VAL A 97 -7.26 -6.41 0.13
CA VAL A 97 -8.10 -7.07 -0.87
C VAL A 97 -9.47 -7.41 -0.30
N THR A 98 -10.49 -7.30 -1.13
CA THR A 98 -11.86 -7.60 -0.71
C THR A 98 -12.42 -8.79 -1.46
N LYS A 99 -12.35 -9.96 -0.84
CA LYS A 99 -12.86 -11.19 -1.46
C LYS A 99 -13.91 -11.86 -0.56
N ASN A 100 -14.80 -12.62 -1.18
CA ASN A 100 -15.85 -13.31 -0.44
C ASN A 100 -16.80 -12.32 0.23
N ARG A 101 -17.11 -11.24 -0.49
CA ARG A 101 -18.00 -10.21 0.04
C ARG A 101 -17.49 -9.69 1.38
N ARG A 102 -16.17 -9.74 1.57
CA ARG A 102 -15.57 -9.27 2.81
C ARG A 102 -14.21 -8.62 2.53
N SER A 103 -13.89 -7.60 3.31
CA SER A 103 -12.62 -6.88 3.15
C SER A 103 -11.56 -7.45 4.08
N SER A 104 -10.35 -7.62 3.55
CA SER A 104 -9.24 -8.16 4.34
C SER A 104 -8.50 -7.04 5.07
N THR A 105 -7.48 -7.42 5.83
CA THR A 105 -6.69 -6.45 6.59
C THR A 105 -5.68 -5.75 5.70
N TRP A 106 -5.01 -4.74 6.24
CA TRP A 106 -4.01 -3.98 5.50
C TRP A 106 -2.62 -4.52 5.76
N SER A 107 -1.77 -4.48 4.74
CA SER A 107 -0.40 -4.97 4.85
C SER A 107 0.49 -3.92 5.51
N MET A 108 1.78 -4.23 5.60
CA MET A 108 2.75 -3.31 6.20
C MET A 108 2.63 -1.92 5.59
N THR A 109 2.85 -0.90 6.40
CA THR A 109 2.77 0.48 5.93
C THR A 109 4.06 0.91 5.27
N ALA A 110 3.95 1.61 4.15
CA ALA A 110 5.11 2.08 3.41
C ALA A 110 5.23 3.60 3.49
N HIS A 111 6.36 4.08 3.98
CA HIS A 111 6.61 5.52 4.10
C HIS A 111 7.30 6.06 2.87
N ALA A 112 6.91 7.26 2.46
CA ALA A 112 7.50 7.90 1.28
C ALA A 112 7.12 9.38 1.21
N THR A 113 8.12 10.24 1.35
CA THR A 113 7.89 11.69 1.30
C THR A 113 7.92 12.19 -0.13
N THR A 114 7.15 13.24 -0.39
CA THR A 114 7.07 13.83 -1.72
C THR A 114 8.16 14.89 -1.92
N TYR A 115 8.40 15.26 -3.16
CA TYR A 115 9.41 16.25 -3.48
C TYR A 115 8.95 17.65 -3.07
N GLU A 116 9.91 18.51 -2.71
CA GLU A 116 9.59 19.87 -2.30
C GLU A 116 9.13 20.71 -3.49
N ALA A 117 7.85 21.03 -3.53
CA ALA A 117 7.28 21.83 -4.61
C ALA A 117 8.18 23.01 -4.94
N SER A 118 8.51 23.80 -3.91
CA SER A 118 9.35 24.97 -4.08
C SER A 118 10.78 24.69 -3.61
N GLY A 119 11.59 24.14 -4.51
CA GLY A 119 12.97 23.83 -4.18
C GLY A 119 13.75 23.29 -5.37
N PRO A 120 14.09 24.19 -6.30
CA PRO A 120 14.85 23.83 -7.51
C PRO A 120 16.29 23.45 -7.19
N SER A 121 16.73 23.74 -5.97
CA SER A 121 18.09 23.42 -5.54
C SER A 121 18.08 22.51 -4.33
N SER A 122 18.68 21.33 -4.47
CA SER A 122 18.75 20.37 -3.38
C SER A 122 20.20 20.00 -3.05
N GLY A 123 21.06 21.01 -3.01
CA GLY A 123 22.46 20.79 -2.71
C GLY A 123 23.13 22.00 -2.11
N GLY A 1 3.99 -32.41 32.78
CA GLY A 1 4.49 -31.11 32.38
C GLY A 1 5.91 -30.86 32.85
N SER A 2 6.77 -30.42 31.94
CA SER A 2 8.17 -30.16 32.26
C SER A 2 8.58 -28.77 31.78
N SER A 3 9.66 -28.25 32.36
CA SER A 3 10.16 -26.93 31.99
C SER A 3 11.56 -27.02 31.41
N GLY A 4 11.80 -26.27 30.33
CA GLY A 4 13.10 -26.29 29.68
C GLY A 4 13.00 -26.19 28.17
N SER A 5 12.18 -25.25 27.70
CA SER A 5 12.00 -25.06 26.26
C SER A 5 11.87 -23.58 25.93
N SER A 6 11.97 -23.25 24.64
CA SER A 6 11.87 -21.88 24.18
C SER A 6 10.47 -21.33 24.44
N GLY A 7 10.38 -20.01 24.59
CA GLY A 7 9.10 -19.38 24.83
C GLY A 7 8.38 -19.03 23.55
N PHE A 8 8.20 -17.73 23.31
CA PHE A 8 7.51 -17.25 22.12
C PHE A 8 6.17 -17.97 21.94
N PRO A 9 5.34 -17.94 22.99
CA PRO A 9 4.02 -18.58 22.97
C PRO A 9 3.04 -17.86 22.04
N THR A 10 3.50 -16.76 21.45
CA THR A 10 2.66 -15.98 20.54
C THR A 10 2.15 -16.84 19.39
N SER A 11 1.11 -17.62 19.65
CA SER A 11 0.53 -18.50 18.64
C SER A 11 -0.99 -18.63 18.83
N VAL A 12 -1.72 -18.64 17.72
CA VAL A 12 -3.17 -18.75 17.76
C VAL A 12 -3.63 -20.06 17.12
N PRO A 13 -4.20 -20.95 17.94
CA PRO A 13 -4.70 -22.26 17.47
C PRO A 13 -5.95 -22.12 16.59
N ASP A 14 -5.79 -22.40 15.31
CA ASP A 14 -6.89 -22.31 14.36
C ASP A 14 -6.67 -23.23 13.17
N LEU A 15 -7.73 -23.93 12.76
CA LEU A 15 -7.66 -24.84 11.63
C LEU A 15 -7.44 -24.09 10.33
N SER A 16 -8.25 -23.06 10.10
CA SER A 16 -8.16 -22.26 8.89
C SER A 16 -7.74 -20.83 9.22
N THR A 17 -7.47 -20.04 8.18
CA THR A 17 -7.06 -18.66 8.36
C THR A 17 -7.85 -17.73 7.44
N PRO A 18 -8.07 -16.49 7.90
CA PRO A 18 -8.81 -15.48 7.14
C PRO A 18 -8.05 -15.00 5.92
N MET A 19 -8.57 -13.96 5.27
CA MET A 19 -7.93 -13.40 4.08
C MET A 19 -6.44 -13.19 4.31
N LEU A 20 -5.71 -12.94 3.23
CA LEU A 20 -4.28 -12.73 3.31
C LEU A 20 -3.87 -11.42 2.61
N PRO A 21 -3.37 -10.46 3.40
CA PRO A 21 -2.94 -9.16 2.89
C PRO A 21 -1.68 -9.26 2.03
N PRO A 22 -1.45 -8.23 1.20
CA PRO A 22 -0.28 -8.18 0.32
C PRO A 22 1.03 -7.99 1.09
N VAL A 23 2.12 -7.87 0.36
CA VAL A 23 3.43 -7.67 0.97
C VAL A 23 4.36 -6.86 0.06
N GLY A 24 5.60 -6.72 0.49
CA GLY A 24 6.56 -5.97 -0.29
C GLY A 24 6.03 -4.62 -0.74
N VAL A 25 5.12 -4.07 0.05
CA VAL A 25 4.52 -2.77 -0.26
C VAL A 25 5.57 -1.68 -0.34
N GLN A 26 5.81 -1.17 -1.54
CA GLN A 26 6.80 -0.12 -1.74
C GLN A 26 6.13 1.19 -2.19
N ALA A 27 6.36 2.25 -1.42
CA ALA A 27 5.78 3.56 -1.73
C ALA A 27 6.78 4.44 -2.45
N VAL A 28 6.68 4.48 -3.78
CA VAL A 28 7.58 5.29 -4.59
C VAL A 28 6.99 6.68 -4.86
N ALA A 29 7.83 7.70 -4.72
CA ALA A 29 7.39 9.07 -4.94
C ALA A 29 7.78 9.55 -6.34
N LEU A 30 6.78 9.79 -7.18
CA LEU A 30 7.02 10.25 -8.55
C LEU A 30 7.33 11.74 -8.57
N THR A 31 6.44 12.53 -7.96
CA THR A 31 6.61 13.97 -7.90
C THR A 31 6.04 14.55 -6.60
N HIS A 32 6.22 15.85 -6.41
CA HIS A 32 5.72 16.52 -5.21
C HIS A 32 4.30 16.07 -4.89
N ASP A 33 3.45 16.07 -5.90
CA ASP A 33 2.05 15.66 -5.73
C ASP A 33 1.77 14.36 -6.48
N ALA A 34 2.70 13.43 -6.39
CA ALA A 34 2.55 12.13 -7.06
C ALA A 34 3.35 11.04 -6.35
N VAL A 35 2.72 9.90 -6.12
CA VAL A 35 3.37 8.79 -5.45
C VAL A 35 2.89 7.46 -6.01
N ARG A 36 3.81 6.70 -6.58
CA ARG A 36 3.48 5.39 -7.16
C ARG A 36 3.64 4.29 -6.13
N VAL A 37 2.52 3.70 -5.72
CA VAL A 37 2.52 2.63 -4.73
C VAL A 37 2.43 1.25 -5.40
N SER A 38 3.54 0.54 -5.43
CA SER A 38 3.59 -0.78 -6.04
C SER A 38 3.90 -1.86 -5.00
N TRP A 39 3.14 -2.95 -5.04
CA TRP A 39 3.32 -4.04 -4.10
C TRP A 39 3.42 -5.38 -4.83
N ALA A 40 3.72 -6.43 -4.09
CA ALA A 40 3.84 -7.77 -4.67
C ALA A 40 2.79 -8.72 -4.09
N ASP A 41 2.39 -9.70 -4.89
CA ASP A 41 1.40 -10.67 -4.46
C ASP A 41 2.06 -12.01 -4.12
N ASN A 42 1.75 -12.53 -2.93
CA ASN A 42 2.31 -13.79 -2.49
C ASN A 42 1.21 -14.77 -2.11
N SER A 43 0.05 -14.24 -1.76
CA SER A 43 -1.10 -15.07 -1.38
C SER A 43 -1.87 -15.53 -2.61
N VAL A 44 -1.13 -15.92 -3.65
CA VAL A 44 -1.75 -16.38 -4.89
C VAL A 44 -1.01 -17.59 -5.45
N PRO A 45 -1.64 -18.76 -5.39
CA PRO A 45 -1.06 -20.00 -5.90
C PRO A 45 -0.97 -20.03 -7.42
N LYS A 46 0.25 -20.21 -7.93
CA LYS A 46 0.47 -20.25 -9.37
C LYS A 46 -0.26 -21.44 -10.00
N ASN A 47 -0.54 -21.33 -11.29
CA ASN A 47 -1.23 -22.40 -12.01
C ASN A 47 -2.65 -22.58 -11.48
N GLN A 48 -3.39 -21.48 -11.40
CA GLN A 48 -4.76 -21.53 -10.91
C GLN A 48 -5.76 -21.50 -12.06
N LYS A 49 -6.61 -22.52 -12.12
CA LYS A 49 -7.62 -22.63 -13.16
C LYS A 49 -8.83 -21.75 -12.84
N THR A 50 -9.49 -22.05 -11.73
CA THR A 50 -10.67 -21.31 -11.31
C THR A 50 -10.35 -20.41 -10.11
N SER A 51 -10.62 -19.12 -10.26
CA SER A 51 -10.36 -18.15 -9.20
C SER A 51 -11.53 -17.18 -9.06
N GLU A 52 -11.76 -16.72 -7.83
CA GLU A 52 -12.84 -15.77 -7.56
C GLU A 52 -12.37 -14.33 -7.77
N VAL A 53 -13.26 -13.50 -8.31
CA VAL A 53 -12.93 -12.10 -8.56
C VAL A 53 -12.50 -11.40 -7.27
N ARG A 54 -11.38 -10.69 -7.34
CA ARG A 54 -10.85 -9.98 -6.18
C ARG A 54 -10.59 -8.52 -6.53
N LEU A 55 -10.60 -7.66 -5.50
CA LEU A 55 -10.36 -6.24 -5.69
C LEU A 55 -9.33 -5.73 -4.69
N TYR A 56 -8.48 -4.81 -5.16
CA TYR A 56 -7.44 -4.24 -4.31
C TYR A 56 -7.73 -2.78 -4.00
N THR A 57 -7.71 -2.44 -2.71
CA THR A 57 -7.97 -1.07 -2.28
C THR A 57 -6.69 -0.39 -1.79
N VAL A 58 -6.64 0.93 -1.93
CA VAL A 58 -5.47 1.69 -1.51
C VAL A 58 -5.89 2.92 -0.70
N ARG A 59 -5.36 3.03 0.52
CA ARG A 59 -5.69 4.17 1.38
C ARG A 59 -4.42 4.78 1.97
N TRP A 60 -4.42 6.10 2.15
CA TRP A 60 -3.27 6.80 2.70
C TRP A 60 -3.72 8.03 3.48
N ARG A 61 -3.07 8.27 4.62
CA ARG A 61 -3.40 9.42 5.46
C ARG A 61 -2.13 10.10 5.95
N THR A 62 -2.16 11.43 5.96
CA THR A 62 -1.01 12.21 6.41
C THR A 62 -0.29 11.53 7.58
N SER A 63 1.04 11.52 7.51
CA SER A 63 1.84 10.89 8.56
C SER A 63 1.95 11.80 9.78
N PHE A 64 1.64 11.24 10.95
CA PHE A 64 1.71 12.00 12.20
C PHE A 64 0.84 13.25 12.11
N SER A 65 -0.38 13.10 11.62
CA SER A 65 -1.31 14.22 11.48
C SER A 65 -2.32 14.22 12.62
N ALA A 66 -3.26 15.16 12.55
CA ALA A 66 -4.29 15.27 13.57
C ALA A 66 -5.63 15.72 12.96
N SER A 67 -6.69 14.98 13.26
CA SER A 67 -8.01 15.30 12.75
C SER A 67 -8.04 15.21 11.22
N ALA A 68 -7.24 14.28 10.68
CA ALA A 68 -7.18 14.10 9.24
C ALA A 68 -8.13 13.00 8.78
N LYS A 69 -8.25 12.83 7.47
CA LYS A 69 -9.12 11.81 6.91
C LYS A 69 -8.32 10.78 6.10
N TYR A 70 -8.90 9.60 5.91
CA TYR A 70 -8.25 8.54 5.16
C TYR A 70 -8.87 8.39 3.77
N LYS A 71 -8.02 8.40 2.74
CA LYS A 71 -8.49 8.26 1.38
C LYS A 71 -8.66 6.79 1.00
N SER A 72 -9.27 6.55 -0.15
CA SER A 72 -9.48 5.18 -0.62
C SER A 72 -9.77 5.16 -2.12
N GLU A 73 -9.19 4.18 -2.82
CA GLU A 73 -9.38 4.06 -4.26
C GLU A 73 -9.40 2.59 -4.67
N ASP A 74 -10.13 2.30 -5.75
CA ASP A 74 -10.23 0.95 -6.26
C ASP A 74 -9.36 0.75 -7.50
N THR A 75 -8.50 -0.27 -7.46
CA THR A 75 -7.62 -0.56 -8.58
C THR A 75 -7.43 -2.07 -8.75
N THR A 76 -7.58 -2.54 -9.98
CA THR A 76 -7.44 -3.96 -10.28
C THR A 76 -6.00 -4.28 -10.67
N SER A 77 -5.05 -3.51 -10.13
CA SER A 77 -3.64 -3.72 -10.42
C SER A 77 -2.81 -3.65 -9.15
N LEU A 78 -1.56 -4.13 -9.23
CA LEU A 78 -0.66 -4.11 -8.09
C LEU A 78 0.16 -2.82 -8.06
N SER A 79 -0.43 -1.74 -8.56
CA SER A 79 0.24 -0.45 -8.59
C SER A 79 -0.76 0.68 -8.79
N TYR A 80 -0.68 1.71 -7.95
CA TYR A 80 -1.58 2.85 -8.02
C TYR A 80 -0.81 4.16 -7.92
N THR A 81 -1.22 5.15 -8.71
CA THR A 81 -0.58 6.45 -8.71
C THR A 81 -1.38 7.47 -7.91
N ALA A 82 -0.85 7.84 -6.74
CA ALA A 82 -1.52 8.80 -5.88
C ALA A 82 -1.26 10.23 -6.35
N THR A 83 -2.25 10.84 -7.00
CA THR A 83 -2.12 12.20 -7.50
C THR A 83 -2.89 13.17 -6.61
N GLY A 84 -2.39 14.41 -6.55
CA GLY A 84 -3.04 15.43 -5.74
C GLY A 84 -2.65 15.33 -4.27
N LEU A 85 -1.35 15.25 -4.02
CA LEU A 85 -0.85 15.16 -2.65
C LEU A 85 -0.17 16.46 -2.24
N LYS A 86 0.27 16.51 -0.98
CA LYS A 86 0.94 17.69 -0.45
C LYS A 86 2.44 17.60 -0.63
N PRO A 87 3.06 18.68 -1.13
CA PRO A 87 4.50 18.74 -1.35
C PRO A 87 5.29 18.77 -0.05
N ASN A 88 6.48 18.18 -0.07
CA ASN A 88 7.34 18.15 1.11
C ASN A 88 6.60 17.56 2.30
N THR A 89 5.63 16.69 2.02
CA THR A 89 4.84 16.06 3.07
C THR A 89 4.73 14.56 2.84
N MET A 90 4.97 13.78 3.90
CA MET A 90 4.90 12.33 3.82
C MET A 90 3.65 11.81 4.52
N TYR A 91 3.14 10.68 4.04
CA TYR A 91 1.96 10.07 4.63
C TYR A 91 2.10 8.56 4.73
N GLU A 92 1.03 7.88 5.13
CA GLU A 92 1.05 6.44 5.28
C GLU A 92 0.39 5.76 4.07
N PHE A 93 0.98 4.66 3.62
CA PHE A 93 0.45 3.92 2.48
C PHE A 93 0.32 2.44 2.81
N SER A 94 -0.74 1.82 2.28
CA SER A 94 -0.98 0.40 2.51
C SER A 94 -1.80 -0.20 1.38
N VAL A 95 -2.11 -1.49 1.49
CA VAL A 95 -2.89 -2.18 0.48
C VAL A 95 -3.69 -3.34 1.09
N MET A 96 -4.83 -3.64 0.48
CA MET A 96 -5.68 -4.72 0.97
C MET A 96 -6.46 -5.35 -0.19
N VAL A 97 -7.17 -6.44 0.11
CA VAL A 97 -7.95 -7.14 -0.90
C VAL A 97 -9.29 -7.60 -0.33
N THR A 98 -10.36 -7.36 -1.07
CA THR A 98 -11.70 -7.75 -0.64
C THR A 98 -12.20 -8.94 -1.45
N LYS A 99 -12.00 -10.14 -0.92
CA LYS A 99 -12.44 -11.36 -1.60
C LYS A 99 -13.40 -12.15 -0.72
N ASN A 100 -14.25 -12.95 -1.34
CA ASN A 100 -15.22 -13.76 -0.61
C ASN A 100 -16.22 -12.89 0.12
N ARG A 101 -16.75 -11.89 -0.57
CA ARG A 101 -17.73 -10.98 0.02
C ARG A 101 -17.25 -10.48 1.37
N ARG A 102 -15.95 -10.27 1.50
CA ARG A 102 -15.36 -9.79 2.74
C ARG A 102 -14.05 -9.05 2.49
N SER A 103 -13.70 -8.15 3.40
CA SER A 103 -12.48 -7.36 3.26
C SER A 103 -11.43 -7.82 4.27
N SER A 104 -10.18 -7.89 3.81
CA SER A 104 -9.08 -8.31 4.67
C SER A 104 -8.42 -7.11 5.34
N THR A 105 -7.32 -7.37 6.05
CA THR A 105 -6.59 -6.32 6.74
C THR A 105 -5.56 -5.68 5.83
N TRP A 106 -5.11 -4.48 6.19
CA TRP A 106 -4.11 -3.76 5.41
C TRP A 106 -2.70 -4.23 5.76
N SER A 107 -1.88 -4.43 4.72
CA SER A 107 -0.51 -4.89 4.91
C SER A 107 0.32 -3.81 5.62
N MET A 108 1.61 -4.07 5.76
CA MET A 108 2.51 -3.13 6.41
C MET A 108 2.38 -1.74 5.80
N THR A 109 2.68 -0.72 6.60
CA THR A 109 2.60 0.66 6.14
C THR A 109 3.90 1.11 5.49
N ALA A 110 3.78 1.72 4.32
CA ALA A 110 4.95 2.21 3.58
C ALA A 110 5.06 3.72 3.65
N HIS A 111 6.20 4.21 4.13
CA HIS A 111 6.42 5.65 4.26
C HIS A 111 7.21 6.17 3.06
N ALA A 112 6.76 7.30 2.51
CA ALA A 112 7.42 7.91 1.37
C ALA A 112 7.12 9.40 1.28
N THR A 113 8.14 10.22 1.50
CA THR A 113 7.97 11.67 1.45
C THR A 113 8.04 12.18 0.02
N THR A 114 7.33 13.28 -0.26
CA THR A 114 7.30 13.86 -1.58
C THR A 114 8.40 14.91 -1.74
N TYR A 115 8.72 15.24 -2.99
CA TYR A 115 9.76 16.22 -3.28
C TYR A 115 9.26 17.64 -3.00
N GLU A 116 10.16 18.50 -2.54
CA GLU A 116 9.81 19.88 -2.23
C GLU A 116 9.37 20.62 -3.49
N ALA A 117 8.09 20.96 -3.57
CA ALA A 117 7.56 21.66 -4.72
C ALA A 117 8.47 22.82 -5.13
N SER A 118 9.03 23.51 -4.15
CA SER A 118 9.92 24.63 -4.41
C SER A 118 11.37 24.22 -4.24
N GLY A 119 11.90 23.51 -5.24
CA GLY A 119 13.28 23.07 -5.18
C GLY A 119 13.72 22.36 -6.45
N PRO A 120 14.18 23.13 -7.44
CA PRO A 120 14.63 22.59 -8.73
C PRO A 120 15.93 21.81 -8.60
N SER A 121 16.51 21.82 -7.40
CA SER A 121 17.76 21.11 -7.15
C SER A 121 17.58 20.06 -6.06
N SER A 122 18.35 18.97 -6.16
CA SER A 122 18.27 17.89 -5.19
C SER A 122 19.63 17.60 -4.58
N GLY A 123 19.70 17.63 -3.25
CA GLY A 123 20.95 17.38 -2.56
C GLY A 123 20.91 17.78 -1.11
N GLY A 1 12.55 7.98 -0.62
CA GLY A 1 13.06 7.40 0.61
C GLY A 1 12.10 7.58 1.76
N SER A 2 12.66 7.65 2.98
CA SER A 2 11.84 7.83 4.18
C SER A 2 12.68 8.36 5.33
N SER A 3 12.04 9.12 6.21
CA SER A 3 12.72 9.71 7.35
C SER A 3 12.47 8.89 8.62
N GLY A 4 12.51 7.58 8.48
CA GLY A 4 12.28 6.70 9.61
C GLY A 4 13.54 6.44 10.41
N SER A 5 14.66 6.27 9.71
CA SER A 5 15.93 6.00 10.37
C SER A 5 15.96 4.61 10.97
N SER A 6 15.41 3.63 10.24
CA SER A 6 15.36 2.25 10.72
C SER A 6 14.53 2.15 11.98
N GLY A 7 13.41 2.87 12.00
CA GLY A 7 12.53 2.84 13.16
C GLY A 7 11.34 1.91 12.97
N PHE A 8 11.55 0.63 13.28
CA PHE A 8 10.49 -0.37 13.14
C PHE A 8 10.34 -1.19 14.41
N PRO A 9 9.34 -0.83 15.23
CA PRO A 9 9.07 -1.52 16.50
C PRO A 9 8.52 -2.94 16.29
N THR A 10 8.44 -3.70 17.37
CA THR A 10 7.94 -5.07 17.29
C THR A 10 6.43 -5.09 17.08
N SER A 11 5.98 -5.94 16.16
CA SER A 11 4.57 -6.06 15.86
C SER A 11 4.09 -7.50 16.04
N VAL A 12 3.32 -7.72 17.10
CA VAL A 12 2.79 -9.06 17.40
C VAL A 12 1.95 -9.57 16.23
N PRO A 13 2.06 -10.89 15.96
CA PRO A 13 1.32 -11.55 14.89
C PRO A 13 -0.18 -11.62 15.17
N ASP A 14 -0.90 -10.59 14.74
CA ASP A 14 -2.35 -10.54 14.94
C ASP A 14 -3.00 -11.89 14.65
N LEU A 15 -4.22 -12.08 15.12
CA LEU A 15 -4.95 -13.33 14.91
C LEU A 15 -4.91 -13.73 13.44
N SER A 16 -5.50 -14.88 13.13
CA SER A 16 -5.54 -15.37 11.76
C SER A 16 -6.78 -14.88 11.03
N THR A 17 -6.80 -15.05 9.72
CA THR A 17 -7.92 -14.62 8.90
C THR A 17 -8.09 -15.50 7.67
N PRO A 18 -9.34 -15.64 7.20
CA PRO A 18 -9.66 -16.45 6.02
C PRO A 18 -9.12 -15.84 4.72
N MET A 19 -8.39 -14.73 4.86
CA MET A 19 -7.82 -14.06 3.70
C MET A 19 -6.33 -13.84 3.88
N LEU A 20 -5.71 -13.17 2.90
CA LEU A 20 -4.28 -12.90 2.95
C LEU A 20 -3.94 -11.63 2.16
N PRO A 21 -3.51 -10.59 2.87
CA PRO A 21 -3.14 -9.31 2.25
C PRO A 21 -1.85 -9.41 1.44
N PRO A 22 -1.57 -8.38 0.63
CA PRO A 22 -0.38 -8.32 -0.21
C PRO A 22 0.90 -8.16 0.60
N VAL A 23 2.03 -8.08 -0.09
CA VAL A 23 3.32 -7.92 0.56
C VAL A 23 4.25 -7.02 -0.24
N GLY A 24 5.47 -6.84 0.24
CA GLY A 24 6.43 -6.00 -0.45
C GLY A 24 5.86 -4.65 -0.82
N VAL A 25 4.97 -4.13 0.03
CA VAL A 25 4.35 -2.83 -0.21
C VAL A 25 5.39 -1.71 -0.20
N GLN A 26 5.67 -1.17 -1.39
CA GLN A 26 6.64 -0.09 -1.51
C GLN A 26 5.97 1.19 -1.99
N ALA A 27 6.35 2.31 -1.38
CA ALA A 27 5.78 3.60 -1.74
C ALA A 27 6.81 4.47 -2.45
N VAL A 28 6.69 4.54 -3.78
CA VAL A 28 7.61 5.33 -4.59
C VAL A 28 7.05 6.74 -4.83
N ALA A 29 7.90 7.74 -4.64
CA ALA A 29 7.50 9.12 -4.84
C ALA A 29 7.89 9.61 -6.24
N LEU A 30 6.88 9.87 -7.06
CA LEU A 30 7.12 10.35 -8.43
C LEU A 30 7.39 11.84 -8.44
N THR A 31 6.51 12.61 -7.81
CA THR A 31 6.66 14.05 -7.75
C THR A 31 6.07 14.61 -6.46
N HIS A 32 6.25 15.92 -6.25
CA HIS A 32 5.74 16.58 -5.05
C HIS A 32 4.31 16.13 -4.75
N ASP A 33 3.48 16.09 -5.79
CA ASP A 33 2.09 15.68 -5.65
C ASP A 33 1.82 14.39 -6.40
N ALA A 34 2.76 13.46 -6.32
CA ALA A 34 2.62 12.17 -6.99
C ALA A 34 3.42 11.09 -6.28
N VAL A 35 2.80 9.94 -6.06
CA VAL A 35 3.44 8.82 -5.38
C VAL A 35 2.97 7.49 -5.94
N ARG A 36 3.89 6.78 -6.60
CA ARG A 36 3.56 5.48 -7.18
C ARG A 36 3.70 4.36 -6.16
N VAL A 37 2.58 3.82 -5.71
CA VAL A 37 2.59 2.74 -4.73
C VAL A 37 2.51 1.38 -5.40
N SER A 38 3.61 0.65 -5.35
CA SER A 38 3.68 -0.68 -5.96
C SER A 38 3.97 -1.74 -4.91
N TRP A 39 3.26 -2.87 -5.02
CA TRP A 39 3.44 -3.98 -4.08
C TRP A 39 3.55 -5.31 -4.81
N ALA A 40 3.62 -6.40 -4.05
CA ALA A 40 3.72 -7.72 -4.63
C ALA A 40 2.61 -8.63 -4.11
N ASP A 41 2.37 -9.72 -4.83
CA ASP A 41 1.32 -10.67 -4.45
C ASP A 41 1.93 -12.05 -4.18
N ASN A 42 2.11 -12.39 -2.92
CA ASN A 42 2.67 -13.68 -2.54
C ASN A 42 1.58 -14.74 -2.41
N SER A 43 0.34 -14.28 -2.31
CA SER A 43 -0.80 -15.18 -2.17
C SER A 43 -1.37 -15.54 -3.54
N VAL A 44 -0.49 -15.67 -4.53
CA VAL A 44 -0.91 -16.01 -5.88
C VAL A 44 -0.17 -17.24 -6.39
N PRO A 45 -0.79 -18.42 -6.21
CA PRO A 45 -0.21 -19.70 -6.65
C PRO A 45 -0.19 -19.83 -8.17
N LYS A 46 0.55 -20.82 -8.65
CA LYS A 46 0.67 -21.05 -10.08
C LYS A 46 -0.52 -21.85 -10.61
N ASN A 47 -0.76 -21.77 -11.92
CA ASN A 47 -1.87 -22.49 -12.53
C ASN A 47 -3.20 -22.01 -11.98
N GLN A 48 -3.31 -20.70 -11.75
CA GLN A 48 -4.53 -20.11 -11.22
C GLN A 48 -5.52 -19.81 -12.34
N LYS A 49 -6.26 -20.83 -12.77
CA LYS A 49 -7.24 -20.67 -13.84
C LYS A 49 -8.61 -20.32 -13.27
N THR A 50 -9.11 -21.15 -12.35
CA THR A 50 -10.40 -20.93 -11.73
C THR A 50 -10.25 -20.46 -10.29
N SER A 51 -10.61 -19.21 -10.03
CA SER A 51 -10.50 -18.65 -8.69
C SER A 51 -11.66 -17.68 -8.41
N GLU A 52 -11.65 -17.08 -7.23
CA GLU A 52 -12.68 -16.13 -6.85
C GLU A 52 -12.20 -14.69 -7.01
N VAL A 53 -12.96 -13.90 -7.77
CA VAL A 53 -12.61 -12.51 -8.00
C VAL A 53 -12.04 -11.86 -6.74
N ARG A 54 -11.31 -10.77 -6.92
CA ARG A 54 -10.70 -10.07 -5.79
C ARG A 54 -10.35 -8.64 -6.18
N LEU A 55 -10.62 -7.70 -5.27
CA LEU A 55 -10.32 -6.29 -5.52
C LEU A 55 -9.25 -5.78 -4.56
N TYR A 56 -8.43 -4.85 -5.04
CA TYR A 56 -7.37 -4.28 -4.22
C TYR A 56 -7.68 -2.83 -3.85
N THR A 57 -7.62 -2.53 -2.56
CA THR A 57 -7.89 -1.18 -2.07
C THR A 57 -6.62 -0.50 -1.61
N VAL A 58 -6.59 0.83 -1.72
CA VAL A 58 -5.43 1.61 -1.31
C VAL A 58 -5.85 2.90 -0.62
N ARG A 59 -5.35 3.11 0.59
CA ARG A 59 -5.67 4.30 1.36
C ARG A 59 -4.40 5.00 1.85
N TRP A 60 -4.51 6.29 2.10
CA TRP A 60 -3.37 7.08 2.58
C TRP A 60 -3.83 8.37 3.24
N ARG A 61 -3.29 8.64 4.42
CA ARG A 61 -3.65 9.85 5.16
C ARG A 61 -2.41 10.54 5.72
N THR A 62 -2.44 11.86 5.75
CA THR A 62 -1.31 12.64 6.27
C THR A 62 -0.67 11.95 7.47
N SER A 63 0.65 11.99 7.53
CA SER A 63 1.39 11.36 8.62
C SER A 63 1.42 12.28 9.84
N PHE A 64 1.11 11.73 11.00
CA PHE A 64 1.10 12.49 12.25
C PHE A 64 0.33 13.80 12.07
N SER A 65 -0.89 13.70 11.55
CA SER A 65 -1.72 14.88 11.33
C SER A 65 -3.02 14.78 12.14
N ALA A 66 -3.33 15.84 12.87
CA ALA A 66 -4.54 15.88 13.68
C ALA A 66 -5.78 15.55 12.84
N SER A 67 -6.20 16.51 12.02
CA SER A 67 -7.37 16.31 11.17
C SER A 67 -6.96 15.93 9.75
N ALA A 68 -7.60 14.91 9.21
CA ALA A 68 -7.29 14.44 7.86
C ALA A 68 -8.32 13.39 7.40
N LYS A 69 -8.55 13.35 6.09
CA LYS A 69 -9.50 12.40 5.53
C LYS A 69 -8.78 11.25 4.85
N TYR A 70 -9.00 10.04 5.35
CA TYR A 70 -8.37 8.84 4.80
C TYR A 70 -8.93 8.52 3.41
N LYS A 71 -8.11 8.74 2.39
CA LYS A 71 -8.51 8.47 1.01
C LYS A 71 -8.57 6.97 0.75
N SER A 72 -9.35 6.58 -0.25
CA SER A 72 -9.49 5.17 -0.62
C SER A 72 -9.92 5.02 -2.07
N GLU A 73 -9.15 4.22 -2.82
CA GLU A 73 -9.45 4.00 -4.23
C GLU A 73 -9.48 2.51 -4.55
N ASP A 74 -10.17 2.15 -5.63
CA ASP A 74 -10.27 0.76 -6.04
C ASP A 74 -9.49 0.52 -7.32
N THR A 75 -8.66 -0.53 -7.32
CA THR A 75 -7.86 -0.88 -8.48
C THR A 75 -7.60 -2.38 -8.55
N THR A 76 -7.56 -2.92 -9.76
CA THR A 76 -7.33 -4.34 -9.96
C THR A 76 -5.86 -4.62 -10.27
N SER A 77 -5.04 -3.57 -10.22
CA SER A 77 -3.62 -3.70 -10.50
C SER A 77 -2.81 -3.71 -9.21
N LEU A 78 -1.50 -3.97 -9.34
CA LEU A 78 -0.62 -4.02 -8.18
C LEU A 78 0.17 -2.73 -8.05
N SER A 79 -0.32 -1.66 -8.68
CA SER A 79 0.34 -0.36 -8.63
C SER A 79 -0.68 0.76 -8.79
N TYR A 80 -0.64 1.72 -7.87
CA TYR A 80 -1.55 2.86 -7.90
C TYR A 80 -0.79 4.18 -7.79
N THR A 81 -1.21 5.17 -8.57
CA THR A 81 -0.56 6.48 -8.55
C THR A 81 -1.38 7.48 -7.74
N ALA A 82 -0.82 7.92 -6.62
CA ALA A 82 -1.49 8.88 -5.75
C ALA A 82 -1.23 10.31 -6.21
N THR A 83 -2.20 10.90 -6.88
CA THR A 83 -2.07 12.27 -7.38
C THR A 83 -2.83 13.24 -6.49
N GLY A 84 -2.44 14.51 -6.56
CA GLY A 84 -3.10 15.53 -5.75
C GLY A 84 -2.74 15.42 -4.29
N LEU A 85 -1.44 15.45 -3.99
CA LEU A 85 -0.98 15.36 -2.61
C LEU A 85 -0.28 16.65 -2.18
N LYS A 86 0.25 16.64 -0.96
CA LYS A 86 0.94 17.82 -0.43
C LYS A 86 2.45 17.66 -0.57
N PRO A 87 3.13 18.74 -0.99
CA PRO A 87 4.58 18.74 -1.17
C PRO A 87 5.33 18.68 0.16
N ASN A 88 6.57 18.19 0.11
CA ASN A 88 7.38 18.07 1.31
C ASN A 88 6.58 17.48 2.47
N THR A 89 5.74 16.50 2.15
CA THR A 89 4.92 15.86 3.17
C THR A 89 4.78 14.36 2.89
N MET A 90 5.06 13.55 3.91
CA MET A 90 4.97 12.10 3.78
C MET A 90 3.72 11.57 4.46
N TYR A 91 3.23 10.43 3.98
CA TYR A 91 2.02 9.82 4.54
C TYR A 91 2.18 8.32 4.65
N GLU A 92 1.14 7.65 5.14
CA GLU A 92 1.16 6.20 5.29
C GLU A 92 0.37 5.53 4.17
N PHE A 93 1.02 4.60 3.47
CA PHE A 93 0.37 3.88 2.37
C PHE A 93 0.27 2.39 2.68
N SER A 94 -0.84 1.78 2.28
CA SER A 94 -1.06 0.36 2.53
C SER A 94 -1.97 -0.23 1.45
N VAL A 95 -2.02 -1.56 1.39
CA VAL A 95 -2.85 -2.26 0.42
C VAL A 95 -3.56 -3.44 1.05
N MET A 96 -4.69 -3.82 0.47
CA MET A 96 -5.48 -4.94 0.97
C MET A 96 -6.27 -5.60 -0.14
N VAL A 97 -7.11 -6.57 0.22
CA VAL A 97 -7.92 -7.29 -0.76
C VAL A 97 -9.30 -7.62 -0.19
N THR A 98 -10.32 -7.45 -1.02
CA THR A 98 -11.70 -7.72 -0.60
C THR A 98 -12.33 -8.81 -1.46
N LYS A 99 -12.24 -10.05 -1.00
CA LYS A 99 -12.80 -11.18 -1.73
C LYS A 99 -13.75 -11.99 -0.85
N ASN A 100 -14.73 -12.64 -1.46
CA ASN A 100 -15.69 -13.45 -0.73
C ASN A 100 -16.69 -12.57 0.01
N ARG A 101 -16.98 -11.41 -0.57
CA ARG A 101 -17.92 -10.47 0.04
C ARG A 101 -17.41 -9.97 1.38
N ARG A 102 -16.08 -9.95 1.53
CA ARG A 102 -15.47 -9.50 2.77
C ARG A 102 -14.14 -8.80 2.49
N SER A 103 -13.74 -7.90 3.40
CA SER A 103 -12.50 -7.17 3.24
C SER A 103 -11.43 -7.69 4.21
N SER A 104 -10.23 -7.90 3.69
CA SER A 104 -9.13 -8.40 4.51
C SER A 104 -8.36 -7.25 5.14
N THR A 105 -7.38 -7.59 5.98
CA THR A 105 -6.57 -6.59 6.66
C THR A 105 -5.54 -6.00 5.70
N TRP A 106 -4.88 -4.92 6.13
CA TRP A 106 -3.87 -4.26 5.32
C TRP A 106 -2.49 -4.87 5.55
N SER A 107 -1.60 -4.69 4.58
CA SER A 107 -0.24 -5.23 4.67
C SER A 107 0.72 -4.17 5.17
N MET A 108 1.97 -4.58 5.37
CA MET A 108 3.01 -3.67 5.85
C MET A 108 2.88 -2.30 5.17
N THR A 109 2.92 -1.24 5.98
CA THR A 109 2.79 0.11 5.46
C THR A 109 4.11 0.59 4.86
N ALA A 110 4.03 1.53 3.92
CA ALA A 110 5.21 2.07 3.27
C ALA A 110 5.26 3.59 3.38
N HIS A 111 6.35 4.10 3.93
CA HIS A 111 6.53 5.54 4.11
C HIS A 111 7.27 6.15 2.92
N ALA A 112 6.70 7.20 2.35
CA ALA A 112 7.32 7.88 1.21
C ALA A 112 7.03 9.37 1.24
N THR A 113 8.08 10.17 1.39
CA THR A 113 7.93 11.62 1.44
C THR A 113 7.97 12.22 0.04
N THR A 114 7.24 13.31 -0.16
CA THR A 114 7.18 13.97 -1.46
C THR A 114 8.28 15.02 -1.58
N TYR A 115 8.70 15.30 -2.81
CA TYR A 115 9.73 16.28 -3.07
C TYR A 115 9.23 17.69 -2.80
N GLU A 116 10.15 18.58 -2.42
CA GLU A 116 9.80 19.97 -2.14
C GLU A 116 9.39 20.70 -3.41
N ALA A 117 8.11 21.04 -3.50
CA ALA A 117 7.59 21.75 -4.67
C ALA A 117 8.51 22.89 -5.08
N SER A 118 8.35 23.35 -6.31
CA SER A 118 9.17 24.44 -6.83
C SER A 118 8.37 25.73 -6.95
N GLY A 119 9.05 26.87 -6.79
CA GLY A 119 8.38 28.14 -6.88
C GLY A 119 9.30 29.31 -6.57
N PRO A 120 9.31 29.75 -5.30
CA PRO A 120 10.16 30.86 -4.85
C PRO A 120 11.64 30.50 -4.84
N SER A 121 11.92 29.20 -4.95
CA SER A 121 13.30 28.72 -4.94
C SER A 121 13.81 28.53 -6.36
N SER A 122 15.10 28.23 -6.48
CA SER A 122 15.73 28.04 -7.79
C SER A 122 16.89 27.05 -7.69
N GLY A 123 17.38 26.61 -8.86
CA GLY A 123 18.48 25.66 -8.88
C GLY A 123 19.79 26.28 -8.46
N GLY A 1 7.19 -5.78 -12.33
CA GLY A 1 7.64 -5.89 -10.96
C GLY A 1 9.14 -5.76 -10.83
N SER A 2 9.85 -6.84 -11.15
CA SER A 2 11.31 -6.85 -11.07
C SER A 2 11.76 -6.86 -9.61
N SER A 3 11.08 -7.66 -8.79
CA SER A 3 11.41 -7.76 -7.38
C SER A 3 12.55 -8.74 -7.14
N GLY A 4 13.48 -8.38 -6.26
CA GLY A 4 14.60 -9.25 -5.96
C GLY A 4 14.17 -10.65 -5.57
N SER A 5 15.14 -11.54 -5.40
CA SER A 5 14.86 -12.92 -5.02
C SER A 5 14.95 -13.09 -3.51
N SER A 6 13.81 -12.94 -2.83
CA SER A 6 13.76 -13.09 -1.38
C SER A 6 12.70 -14.12 -0.98
N GLY A 7 13.09 -15.39 -1.01
CA GLY A 7 12.18 -16.45 -0.64
C GLY A 7 12.61 -17.19 0.61
N PHE A 8 11.71 -17.99 1.17
CA PHE A 8 12.01 -18.75 2.38
C PHE A 8 11.46 -20.17 2.27
N PRO A 9 12.35 -21.16 2.44
CA PRO A 9 11.98 -22.58 2.36
C PRO A 9 11.14 -23.01 3.55
N THR A 10 11.15 -22.20 4.61
CA THR A 10 10.38 -22.52 5.82
C THR A 10 9.07 -23.20 5.47
N SER A 11 8.84 -24.36 6.07
CA SER A 11 7.62 -25.12 5.83
C SER A 11 6.40 -24.21 5.82
N VAL A 12 5.50 -24.44 4.86
CA VAL A 12 4.29 -23.63 4.74
C VAL A 12 3.38 -23.83 5.95
N PRO A 13 2.94 -22.71 6.54
CA PRO A 13 2.05 -22.73 7.71
C PRO A 13 0.65 -23.22 7.37
N ASP A 14 -0.15 -23.49 8.39
CA ASP A 14 -1.51 -23.96 8.19
C ASP A 14 -2.24 -23.12 7.16
N LEU A 15 -3.15 -23.75 6.41
CA LEU A 15 -3.90 -23.06 5.38
C LEU A 15 -5.34 -22.82 5.83
N SER A 16 -5.52 -22.63 7.13
CA SER A 16 -6.85 -22.38 7.69
C SER A 16 -7.10 -20.89 7.86
N THR A 17 -6.05 -20.15 8.19
CA THR A 17 -6.16 -18.71 8.38
C THR A 17 -7.06 -18.07 7.31
N PRO A 18 -7.66 -16.93 7.65
CA PRO A 18 -8.54 -16.21 6.73
C PRO A 18 -7.78 -15.58 5.56
N MET A 19 -8.42 -14.66 4.87
CA MET A 19 -7.81 -13.99 3.72
C MET A 19 -6.37 -13.60 4.04
N LEU A 20 -5.55 -13.48 2.99
CA LEU A 20 -4.15 -13.12 3.16
C LEU A 20 -3.84 -11.80 2.45
N PRO A 21 -3.31 -10.84 3.20
CA PRO A 21 -2.94 -9.52 2.67
C PRO A 21 -1.75 -9.58 1.73
N PRO A 22 -1.52 -8.50 0.98
CA PRO A 22 -0.41 -8.40 0.03
C PRO A 22 0.94 -8.32 0.73
N VAL A 23 2.00 -8.13 -0.06
CA VAL A 23 3.35 -8.02 0.49
C VAL A 23 4.18 -7.00 -0.29
N GLY A 24 5.45 -6.89 0.07
CA GLY A 24 6.33 -5.96 -0.61
C GLY A 24 5.67 -4.62 -0.87
N VAL A 25 5.00 -4.09 0.14
CA VAL A 25 4.31 -2.80 0.02
C VAL A 25 5.31 -1.65 0.06
N GLN A 26 5.60 -1.09 -1.11
CA GLN A 26 6.52 0.03 -1.21
C GLN A 26 5.83 1.28 -1.70
N ALA A 27 6.30 2.44 -1.25
CA ALA A 27 5.72 3.71 -1.66
C ALA A 27 6.75 4.59 -2.38
N VAL A 28 6.66 4.60 -3.71
CA VAL A 28 7.57 5.39 -4.53
C VAL A 28 7.00 6.78 -4.81
N ALA A 29 7.84 7.80 -4.66
CA ALA A 29 7.42 9.17 -4.90
C ALA A 29 7.76 9.60 -6.32
N LEU A 30 6.73 9.85 -7.12
CA LEU A 30 6.92 10.28 -8.51
C LEU A 30 7.12 11.78 -8.59
N THR A 31 6.19 12.53 -8.00
CA THR A 31 6.25 13.99 -8.01
C THR A 31 5.63 14.57 -6.75
N HIS A 32 5.78 15.88 -6.58
CA HIS A 32 5.22 16.56 -5.41
C HIS A 32 3.83 16.03 -5.08
N ASP A 33 2.98 15.95 -6.09
CA ASP A 33 1.62 15.47 -5.90
C ASP A 33 1.41 14.14 -6.63
N ALA A 34 2.39 13.26 -6.52
CA ALA A 34 2.31 11.95 -7.17
C ALA A 34 3.19 10.93 -6.45
N VAL A 35 2.58 9.80 -6.06
CA VAL A 35 3.30 8.75 -5.37
C VAL A 35 2.90 7.37 -5.89
N ARG A 36 3.84 6.71 -6.56
CA ARG A 36 3.58 5.39 -7.12
C ARG A 36 3.76 4.31 -6.05
N VAL A 37 2.64 3.67 -5.68
CA VAL A 37 2.67 2.62 -4.68
C VAL A 37 2.58 1.24 -5.32
N SER A 38 3.70 0.52 -5.32
CA SER A 38 3.74 -0.81 -5.90
C SER A 38 3.90 -1.88 -4.82
N TRP A 39 3.21 -3.01 -5.01
CA TRP A 39 3.26 -4.10 -4.04
C TRP A 39 3.26 -5.44 -4.75
N ALA A 40 3.36 -6.52 -3.97
CA ALA A 40 3.36 -7.86 -4.53
C ALA A 40 2.32 -8.75 -3.85
N ASP A 41 2.06 -9.92 -4.44
CA ASP A 41 1.09 -10.85 -3.88
C ASP A 41 1.74 -12.20 -3.61
N ASN A 42 1.64 -12.66 -2.37
CA ASN A 42 2.22 -13.94 -1.97
C ASN A 42 1.12 -14.90 -1.52
N SER A 43 -0.11 -14.40 -1.44
CA SER A 43 -1.24 -15.22 -1.00
C SER A 43 -1.34 -16.50 -1.83
N VAL A 44 -0.75 -16.46 -3.03
CA VAL A 44 -0.77 -17.62 -3.92
C VAL A 44 0.39 -18.56 -3.63
N PRO A 45 0.07 -19.77 -3.15
CA PRO A 45 1.07 -20.78 -2.81
C PRO A 45 1.75 -21.35 -4.05
N LYS A 46 1.22 -21.01 -5.22
CA LYS A 46 1.78 -21.49 -6.48
C LYS A 46 1.06 -20.85 -7.67
N ASN A 47 1.50 -21.20 -8.88
CA ASN A 47 0.91 -20.66 -10.09
C ASN A 47 -0.43 -21.32 -10.38
N GLN A 48 -1.29 -21.38 -9.38
CA GLN A 48 -2.60 -22.00 -9.53
C GLN A 48 -3.22 -21.65 -10.87
N LYS A 49 -3.65 -22.66 -11.61
CA LYS A 49 -4.26 -22.45 -12.93
C LYS A 49 -5.39 -21.43 -12.84
N THR A 50 -6.46 -21.78 -12.13
CA THR A 50 -7.59 -20.89 -11.98
C THR A 50 -7.39 -19.92 -10.82
N SER A 51 -7.10 -18.67 -11.15
CA SER A 51 -6.86 -17.65 -10.13
C SER A 51 -8.12 -16.80 -9.92
N GLU A 52 -8.69 -16.89 -8.73
CA GLU A 52 -9.89 -16.13 -8.40
C GLU A 52 -9.64 -14.63 -8.53
N VAL A 53 -10.66 -13.90 -8.98
CA VAL A 53 -10.55 -12.45 -9.14
C VAL A 53 -10.89 -11.72 -7.85
N ARG A 54 -10.16 -10.65 -7.56
CA ARG A 54 -10.37 -9.86 -6.36
C ARG A 54 -10.16 -8.38 -6.63
N LEU A 55 -10.26 -7.57 -5.58
CA LEU A 55 -10.08 -6.13 -5.70
C LEU A 55 -9.08 -5.62 -4.67
N TYR A 56 -8.16 -4.76 -5.12
CA TYR A 56 -7.15 -4.21 -4.23
C TYR A 56 -7.44 -2.74 -3.92
N THR A 57 -7.48 -2.41 -2.63
CA THR A 57 -7.76 -1.06 -2.19
C THR A 57 -6.48 -0.34 -1.77
N VAL A 58 -6.51 0.99 -1.82
CA VAL A 58 -5.35 1.79 -1.44
C VAL A 58 -5.77 3.04 -0.69
N ARG A 59 -5.23 3.21 0.52
CA ARG A 59 -5.56 4.37 1.35
C ARG A 59 -4.29 5.04 1.87
N TRP A 60 -4.40 6.29 2.25
CA TRP A 60 -3.26 7.05 2.77
C TRP A 60 -3.72 8.25 3.59
N ARG A 61 -3.02 8.52 4.68
CA ARG A 61 -3.36 9.64 5.55
C ARG A 61 -2.11 10.38 6.01
N THR A 62 -2.20 11.69 6.13
CA THR A 62 -1.07 12.51 6.56
C THR A 62 -0.34 11.86 7.73
N SER A 63 0.97 11.69 7.57
CA SER A 63 1.79 11.08 8.62
C SER A 63 2.12 12.09 9.72
N PHE A 64 1.87 11.70 10.96
CA PHE A 64 2.14 12.56 12.11
C PHE A 64 1.16 13.74 12.14
N SER A 65 -0.08 13.47 11.72
CA SER A 65 -1.11 14.50 11.69
C SER A 65 -2.12 14.28 12.82
N ALA A 66 -2.38 15.34 13.59
CA ALA A 66 -3.32 15.26 14.69
C ALA A 66 -4.69 14.78 14.22
N SER A 67 -5.28 15.53 13.30
CA SER A 67 -6.60 15.19 12.76
C SER A 67 -6.62 15.33 11.24
N ALA A 68 -6.93 14.24 10.55
CA ALA A 68 -6.99 14.24 9.10
C ALA A 68 -7.99 13.20 8.59
N LYS A 69 -8.23 13.23 7.28
CA LYS A 69 -9.16 12.29 6.67
C LYS A 69 -8.41 11.20 5.90
N TYR A 70 -9.02 10.03 5.78
CA TYR A 70 -8.41 8.92 5.08
C TYR A 70 -8.97 8.79 3.66
N LYS A 71 -8.08 8.68 2.69
CA LYS A 71 -8.48 8.54 1.29
C LYS A 71 -8.50 7.08 0.87
N SER A 72 -9.31 6.78 -0.15
CA SER A 72 -9.42 5.41 -0.65
C SER A 72 -9.64 5.41 -2.16
N GLU A 73 -9.01 4.46 -2.84
CA GLU A 73 -9.14 4.35 -4.29
C GLU A 73 -9.06 2.89 -4.73
N ASP A 74 -9.94 2.50 -5.64
CA ASP A 74 -9.97 1.14 -6.15
C ASP A 74 -9.05 0.97 -7.34
N THR A 75 -8.33 -0.15 -7.39
CA THR A 75 -7.40 -0.42 -8.48
C THR A 75 -7.22 -1.91 -8.69
N THR A 76 -7.39 -2.36 -9.93
CA THR A 76 -7.24 -3.77 -10.27
C THR A 76 -5.84 -4.08 -10.74
N SER A 77 -4.84 -3.48 -10.10
CA SER A 77 -3.45 -3.69 -10.45
C SER A 77 -2.56 -3.70 -9.21
N LEU A 78 -1.31 -4.08 -9.40
CA LEU A 78 -0.36 -4.14 -8.29
C LEU A 78 0.46 -2.84 -8.20
N SER A 79 -0.11 -1.76 -8.72
CA SER A 79 0.57 -0.46 -8.71
C SER A 79 -0.43 0.67 -8.91
N TYR A 80 -0.44 1.61 -7.97
CA TYR A 80 -1.35 2.74 -8.05
C TYR A 80 -0.58 4.06 -7.96
N THR A 81 -1.13 5.10 -8.58
CA THR A 81 -0.50 6.41 -8.60
C THR A 81 -1.33 7.42 -7.80
N ALA A 82 -0.92 7.66 -6.56
CA ALA A 82 -1.62 8.60 -5.69
C ALA A 82 -1.35 10.05 -6.12
N THR A 83 -2.33 10.66 -6.77
CA THR A 83 -2.20 12.03 -7.23
C THR A 83 -3.01 12.99 -6.37
N GLY A 84 -2.64 14.27 -6.40
CA GLY A 84 -3.35 15.26 -5.61
C GLY A 84 -2.95 15.23 -4.16
N LEU A 85 -1.64 15.13 -3.90
CA LEU A 85 -1.14 15.09 -2.53
C LEU A 85 -0.48 16.41 -2.16
N LYS A 86 0.03 16.49 -0.94
CA LYS A 86 0.70 17.70 -0.46
C LYS A 86 2.21 17.60 -0.65
N PRO A 87 2.81 18.67 -1.18
CA PRO A 87 4.26 18.73 -1.42
C PRO A 87 5.06 18.79 -0.12
N ASN A 88 6.31 18.33 -0.18
CA ASN A 88 7.17 18.32 0.99
C ASN A 88 6.48 17.67 2.19
N THR A 89 5.60 16.72 1.91
CA THR A 89 4.88 16.02 2.96
C THR A 89 4.85 14.51 2.70
N MET A 90 5.00 13.73 3.76
CA MET A 90 5.00 12.28 3.65
C MET A 90 3.80 11.69 4.38
N TYR A 91 3.35 10.52 3.94
CA TYR A 91 2.22 9.85 4.55
C TYR A 91 2.41 8.33 4.53
N GLU A 92 1.41 7.62 5.04
CA GLU A 92 1.46 6.15 5.08
C GLU A 92 0.53 5.55 4.05
N PHE A 93 0.98 4.47 3.42
CA PHE A 93 0.19 3.78 2.40
C PHE A 93 0.09 2.29 2.71
N SER A 94 -1.11 1.73 2.52
CA SER A 94 -1.35 0.32 2.78
C SER A 94 -2.26 -0.27 1.72
N VAL A 95 -2.02 -1.54 1.37
CA VAL A 95 -2.83 -2.23 0.38
C VAL A 95 -3.53 -3.43 0.98
N MET A 96 -4.68 -3.78 0.41
CA MET A 96 -5.47 -4.92 0.89
C MET A 96 -6.22 -5.59 -0.25
N VAL A 97 -7.05 -6.57 0.08
CA VAL A 97 -7.84 -7.29 -0.92
C VAL A 97 -9.20 -7.68 -0.37
N THR A 98 -10.19 -7.71 -1.25
CA THR A 98 -11.55 -8.07 -0.86
C THR A 98 -12.09 -9.20 -1.72
N LYS A 99 -12.04 -10.42 -1.19
CA LYS A 99 -12.53 -11.59 -1.91
C LYS A 99 -13.53 -12.37 -1.06
N ASN A 100 -14.37 -13.16 -1.72
CA ASN A 100 -15.38 -13.96 -1.02
C ASN A 100 -16.39 -13.05 -0.31
N ARG A 101 -16.78 -11.97 -0.98
CA ARG A 101 -17.73 -11.03 -0.41
C ARG A 101 -17.26 -10.52 0.95
N ARG A 102 -15.94 -10.49 1.14
CA ARG A 102 -15.37 -10.03 2.39
C ARG A 102 -14.04 -9.29 2.15
N SER A 103 -13.70 -8.39 3.06
CA SER A 103 -12.47 -7.62 2.94
C SER A 103 -11.36 -8.23 3.79
N SER A 104 -10.11 -8.10 3.32
CA SER A 104 -8.96 -8.63 4.04
C SER A 104 -8.31 -7.55 4.90
N THR A 105 -7.24 -7.92 5.60
CA THR A 105 -6.53 -7.00 6.46
C THR A 105 -5.46 -6.23 5.67
N TRP A 106 -5.04 -5.10 6.22
CA TRP A 106 -4.02 -4.27 5.57
C TRP A 106 -2.63 -4.78 5.88
N SER A 107 -1.78 -4.83 4.86
CA SER A 107 -0.41 -5.30 5.03
C SER A 107 0.49 -4.20 5.61
N MET A 108 1.76 -4.53 5.82
CA MET A 108 2.71 -3.57 6.37
C MET A 108 2.61 -2.24 5.64
N THR A 109 2.36 -1.17 6.38
CA THR A 109 2.26 0.17 5.80
C THR A 109 3.62 0.69 5.37
N ALA A 110 3.64 1.44 4.27
CA ALA A 110 4.87 2.00 3.74
C ALA A 110 4.86 3.53 3.85
N HIS A 111 6.05 4.12 3.78
CA HIS A 111 6.19 5.56 3.87
C HIS A 111 6.89 6.13 2.63
N ALA A 112 6.56 7.36 2.27
CA ALA A 112 7.16 8.00 1.11
C ALA A 112 6.85 9.50 1.09
N THR A 113 7.90 10.31 1.13
CA THR A 113 7.74 11.77 1.12
C THR A 113 7.71 12.31 -0.30
N THR A 114 6.96 13.37 -0.52
CA THR A 114 6.84 13.99 -1.83
C THR A 114 7.88 15.10 -2.00
N TYR A 115 8.31 15.31 -3.25
CA TYR A 115 9.30 16.34 -3.56
C TYR A 115 8.78 17.72 -3.18
N GLU A 116 9.70 18.62 -2.86
CA GLU A 116 9.34 19.98 -2.48
C GLU A 116 8.82 20.76 -3.70
N ALA A 117 7.53 21.07 -3.69
CA ALA A 117 6.93 21.81 -4.79
C ALA A 117 7.77 23.02 -5.17
N SER A 118 8.05 23.87 -4.18
CA SER A 118 8.85 25.07 -4.41
C SER A 118 9.44 25.58 -3.11
N GLY A 119 10.77 25.70 -3.05
CA GLY A 119 11.42 26.19 -1.86
C GLY A 119 12.94 26.22 -2.01
N PRO A 120 13.65 26.19 -0.87
CA PRO A 120 15.11 26.23 -0.85
C PRO A 120 15.73 24.94 -1.38
N SER A 121 16.98 25.03 -1.82
CA SER A 121 17.68 23.86 -2.36
C SER A 121 18.78 23.39 -1.39
N SER A 122 18.84 22.09 -1.16
CA SER A 122 19.83 21.52 -0.26
C SER A 122 20.80 20.60 -1.03
N GLY A 123 22.05 20.58 -0.59
CA GLY A 123 23.05 19.75 -1.24
C GLY A 123 23.85 18.94 -0.25
N GLY A 1 8.16 -18.38 -15.70
CA GLY A 1 9.43 -19.04 -15.50
C GLY A 1 9.66 -19.42 -14.05
N SER A 2 10.80 -19.03 -13.51
CA SER A 2 11.15 -19.33 -12.13
C SER A 2 10.01 -18.93 -11.19
N SER A 3 10.18 -19.24 -9.90
CA SER A 3 9.16 -18.91 -8.90
C SER A 3 9.62 -17.75 -8.02
N GLY A 4 10.75 -17.95 -7.33
CA GLY A 4 11.26 -16.91 -6.46
C GLY A 4 11.12 -17.26 -4.99
N SER A 5 11.78 -16.49 -4.13
CA SER A 5 11.72 -16.72 -2.70
C SER A 5 10.79 -15.72 -2.02
N SER A 6 10.43 -16.01 -0.77
CA SER A 6 9.54 -15.13 -0.01
C SER A 6 10.30 -14.43 1.11
N GLY A 7 11.51 -13.96 0.80
CA GLY A 7 12.32 -13.27 1.78
C GLY A 7 12.29 -13.95 3.14
N PHE A 8 11.70 -13.28 4.12
CA PHE A 8 11.62 -13.83 5.47
C PHE A 8 10.27 -13.51 6.10
N PRO A 9 9.86 -14.34 7.08
CA PRO A 9 8.58 -14.17 7.77
C PRO A 9 8.58 -12.95 8.69
N THR A 10 7.39 -12.41 8.94
CA THR A 10 7.26 -11.23 9.79
C THR A 10 6.05 -11.37 10.72
N SER A 11 5.99 -10.51 11.73
CA SER A 11 4.89 -10.53 12.69
C SER A 11 3.60 -10.01 12.06
N VAL A 12 2.52 -10.76 12.24
CA VAL A 12 1.23 -10.37 11.68
C VAL A 12 0.20 -10.15 12.78
N PRO A 13 -0.73 -9.21 12.55
CA PRO A 13 -1.79 -8.88 13.51
C PRO A 13 -2.81 -10.00 13.66
N ASP A 14 -3.56 -9.98 14.76
CA ASP A 14 -4.57 -10.99 15.01
C ASP A 14 -5.28 -11.39 13.72
N LEU A 15 -5.74 -12.64 13.67
CA LEU A 15 -6.44 -13.15 12.50
C LEU A 15 -7.85 -12.56 12.40
N SER A 16 -7.96 -11.38 11.81
CA SER A 16 -9.25 -10.72 11.66
C SER A 16 -10.12 -11.45 10.64
N THR A 17 -9.51 -11.85 9.52
CA THR A 17 -10.22 -12.55 8.47
C THR A 17 -9.36 -13.67 7.87
N PRO A 18 -10.02 -14.72 7.37
CA PRO A 18 -9.34 -15.85 6.75
C PRO A 18 -8.69 -15.50 5.42
N MET A 19 -8.75 -14.23 5.07
CA MET A 19 -8.16 -13.75 3.81
C MET A 19 -6.65 -13.69 3.91
N LEU A 20 -6.01 -13.17 2.87
CA LEU A 20 -4.55 -13.06 2.84
C LEU A 20 -4.12 -11.77 2.17
N PRO A 21 -3.63 -10.81 2.99
CA PRO A 21 -3.17 -9.51 2.50
C PRO A 21 -1.88 -9.62 1.70
N PRO A 22 -1.60 -8.58 0.89
CA PRO A 22 -0.40 -8.53 0.06
C PRO A 22 0.87 -8.37 0.89
N VAL A 23 2.00 -8.13 0.21
CA VAL A 23 3.28 -7.94 0.87
C VAL A 23 4.22 -7.10 0.03
N GLY A 24 5.43 -6.89 0.54
CA GLY A 24 6.40 -6.08 -0.17
C GLY A 24 5.84 -4.77 -0.66
N VAL A 25 5.22 -4.02 0.24
CA VAL A 25 4.63 -2.73 -0.11
C VAL A 25 5.69 -1.65 -0.21
N GLN A 26 5.81 -1.05 -1.39
CA GLN A 26 6.78 0.01 -1.62
C GLN A 26 6.10 1.30 -2.05
N ALA A 27 6.47 2.39 -1.41
CA ALA A 27 5.89 3.69 -1.73
C ALA A 27 6.90 4.59 -2.45
N VAL A 28 6.77 4.66 -3.77
CA VAL A 28 7.65 5.49 -4.58
C VAL A 28 7.09 6.87 -4.81
N ALA A 29 7.95 7.88 -4.76
CA ALA A 29 7.53 9.26 -4.96
C ALA A 29 7.81 9.72 -6.39
N LEU A 30 6.74 9.98 -7.14
CA LEU A 30 6.88 10.43 -8.52
C LEU A 30 7.16 11.93 -8.59
N THR A 31 6.31 12.71 -7.91
CA THR A 31 6.47 14.16 -7.90
C THR A 31 6.00 14.75 -6.56
N HIS A 32 6.16 16.06 -6.42
CA HIS A 32 5.76 16.74 -5.20
C HIS A 32 4.33 16.36 -4.81
N ASP A 33 3.49 16.15 -5.81
CA ASP A 33 2.10 15.77 -5.58
C ASP A 33 1.76 14.45 -6.27
N ALA A 34 2.69 13.50 -6.19
CA ALA A 34 2.50 12.20 -6.81
C ALA A 34 3.33 11.13 -6.11
N VAL A 35 2.74 9.95 -5.92
CA VAL A 35 3.42 8.85 -5.26
C VAL A 35 2.97 7.51 -5.80
N ARG A 36 3.88 6.78 -6.43
CA ARG A 36 3.57 5.47 -7.00
C ARG A 36 3.77 4.37 -5.98
N VAL A 37 2.67 3.78 -5.53
CA VAL A 37 2.73 2.70 -4.54
C VAL A 37 2.56 1.34 -5.20
N SER A 38 3.62 0.55 -5.20
CA SER A 38 3.59 -0.78 -5.80
C SER A 38 3.81 -1.86 -4.76
N TRP A 39 3.29 -3.05 -5.03
CA TRP A 39 3.43 -4.18 -4.11
C TRP A 39 3.49 -5.50 -4.86
N ALA A 40 3.53 -6.60 -4.11
CA ALA A 40 3.59 -7.93 -4.71
C ALA A 40 2.48 -8.82 -4.18
N ASP A 41 1.85 -9.58 -5.08
CA ASP A 41 0.77 -10.48 -4.70
C ASP A 41 1.32 -11.85 -4.30
N ASN A 42 1.28 -12.15 -3.01
CA ASN A 42 1.78 -13.42 -2.52
C ASN A 42 0.66 -14.47 -2.49
N SER A 43 -0.55 -14.03 -2.17
CA SER A 43 -1.70 -14.92 -2.11
C SER A 43 -1.85 -15.70 -3.42
N VAL A 44 -1.33 -15.13 -4.50
CA VAL A 44 -1.40 -15.75 -5.81
C VAL A 44 -0.04 -16.29 -6.25
N PRO A 45 0.15 -17.61 -6.14
CA PRO A 45 1.40 -18.27 -6.51
C PRO A 45 1.63 -18.27 -8.03
N LYS A 46 2.59 -19.06 -8.48
CA LYS A 46 2.90 -19.15 -9.89
C LYS A 46 1.68 -19.61 -10.70
N ASN A 47 0.75 -20.27 -10.01
CA ASN A 47 -0.46 -20.77 -10.66
C ASN A 47 -1.64 -20.75 -9.69
N GLN A 48 -2.72 -20.08 -10.10
CA GLN A 48 -3.91 -19.99 -9.26
C GLN A 48 -5.17 -19.95 -10.12
N LYS A 49 -6.14 -20.79 -9.77
CA LYS A 49 -7.39 -20.85 -10.50
C LYS A 49 -8.57 -20.56 -9.59
N THR A 50 -8.70 -19.30 -9.18
CA THR A 50 -9.79 -18.89 -8.29
C THR A 50 -11.06 -18.59 -9.09
N SER A 51 -12.20 -18.61 -8.41
CA SER A 51 -13.48 -18.34 -9.05
C SER A 51 -13.98 -16.95 -8.71
N GLU A 52 -14.03 -16.64 -7.42
CA GLU A 52 -14.49 -15.34 -6.97
C GLU A 52 -13.45 -14.25 -7.27
N VAL A 53 -13.84 -13.26 -8.05
CA VAL A 53 -12.94 -12.18 -8.41
C VAL A 53 -12.25 -11.61 -7.18
N ARG A 54 -11.30 -10.71 -7.41
CA ARG A 54 -10.56 -10.08 -6.32
C ARG A 54 -10.29 -8.62 -6.61
N LEU A 55 -10.50 -7.77 -5.60
CA LEU A 55 -10.28 -6.33 -5.75
C LEU A 55 -9.24 -5.84 -4.76
N TYR A 56 -8.42 -4.88 -5.19
CA TYR A 56 -7.37 -4.33 -4.34
C TYR A 56 -7.64 -2.85 -4.06
N THR A 57 -7.58 -2.49 -2.78
CA THR A 57 -7.82 -1.11 -2.37
C THR A 57 -6.55 -0.48 -1.80
N VAL A 58 -6.43 0.84 -1.94
CA VAL A 58 -5.27 1.56 -1.45
C VAL A 58 -5.69 2.82 -0.71
N ARG A 59 -5.16 2.98 0.50
CA ARG A 59 -5.49 4.15 1.32
C ARG A 59 -4.21 4.93 1.68
N TRP A 60 -4.36 6.23 1.88
CA TRP A 60 -3.22 7.08 2.23
C TRP A 60 -3.70 8.33 2.99
N ARG A 61 -3.12 8.55 4.16
CA ARG A 61 -3.47 9.70 4.99
C ARG A 61 -2.22 10.38 5.53
N THR A 62 -2.26 11.71 5.58
CA THR A 62 -1.12 12.48 6.09
C THR A 62 -0.47 11.80 7.28
N SER A 63 0.85 11.76 7.29
CA SER A 63 1.60 11.13 8.37
C SER A 63 1.89 12.14 9.49
N PHE A 64 1.62 11.74 10.73
CA PHE A 64 1.85 12.61 11.87
C PHE A 64 1.17 13.96 11.69
N SER A 65 -0.10 13.92 11.27
CA SER A 65 -0.87 15.14 11.05
C SER A 65 -2.08 15.19 11.98
N ALA A 66 -2.57 16.39 12.23
CA ALA A 66 -3.73 16.58 13.11
C ALA A 66 -4.95 15.88 12.53
N SER A 67 -6.05 15.94 13.27
CA SER A 67 -7.30 15.30 12.84
C SER A 67 -7.48 15.42 11.34
N ALA A 68 -7.08 14.37 10.62
CA ALA A 68 -7.21 14.36 9.17
C ALA A 68 -8.14 13.24 8.70
N LYS A 69 -8.34 13.15 7.39
CA LYS A 69 -9.20 12.13 6.82
C LYS A 69 -8.40 11.15 5.95
N TYR A 70 -8.76 9.87 6.03
CA TYR A 70 -8.07 8.85 5.26
C TYR A 70 -8.71 8.67 3.89
N LYS A 71 -7.90 8.79 2.84
CA LYS A 71 -8.39 8.64 1.47
C LYS A 71 -8.03 7.28 0.91
N SER A 72 -8.91 6.73 0.09
CA SER A 72 -8.69 5.42 -0.51
C SER A 72 -9.61 5.20 -1.72
N GLU A 73 -9.17 4.36 -2.65
CA GLU A 73 -9.95 4.07 -3.85
C GLU A 73 -9.65 2.67 -4.36
N ASP A 74 -10.42 2.23 -5.35
CA ASP A 74 -10.24 0.91 -5.94
C ASP A 74 -9.23 0.95 -7.07
N THR A 75 -8.45 -0.12 -7.21
CA THR A 75 -7.44 -0.20 -8.27
C THR A 75 -7.14 -1.65 -8.62
N THR A 76 -7.57 -2.06 -9.82
CA THR A 76 -7.34 -3.43 -10.28
C THR A 76 -5.92 -3.59 -10.82
N SER A 77 -4.96 -3.00 -10.11
CA SER A 77 -3.56 -3.09 -10.53
C SER A 77 -2.65 -3.22 -9.32
N LEU A 78 -1.50 -3.83 -9.52
CA LEU A 78 -0.53 -4.02 -8.44
C LEU A 78 0.32 -2.77 -8.24
N SER A 79 -0.16 -1.65 -8.75
CA SER A 79 0.54 -0.37 -8.63
C SER A 79 -0.43 0.80 -8.68
N TYR A 80 -0.44 1.58 -7.61
CA TYR A 80 -1.33 2.74 -7.51
C TYR A 80 -0.54 4.04 -7.58
N THR A 81 -1.18 5.09 -8.09
CA THR A 81 -0.52 6.39 -8.21
C THR A 81 -1.34 7.47 -7.49
N ALA A 82 -0.88 7.84 -6.30
CA ALA A 82 -1.56 8.87 -5.52
C ALA A 82 -1.26 10.26 -6.07
N THR A 83 -2.22 10.81 -6.81
CA THR A 83 -2.06 12.12 -7.40
C THR A 83 -2.89 13.17 -6.64
N GLY A 84 -2.38 14.39 -6.59
CA GLY A 84 -3.07 15.45 -5.89
C GLY A 84 -2.79 15.46 -4.40
N LEU A 85 -1.52 15.30 -4.04
CA LEU A 85 -1.11 15.29 -2.64
C LEU A 85 -0.40 16.58 -2.27
N LYS A 86 0.06 16.67 -1.03
CA LYS A 86 0.75 17.85 -0.55
C LYS A 86 2.26 17.70 -0.70
N PRO A 87 2.93 18.77 -1.15
CA PRO A 87 4.38 18.78 -1.33
C PRO A 87 5.14 18.74 -0.02
N ASN A 88 6.42 18.36 -0.08
CA ASN A 88 7.25 18.28 1.11
C ASN A 88 6.49 17.63 2.27
N THR A 89 5.64 16.65 1.94
CA THR A 89 4.86 15.96 2.95
C THR A 89 4.82 14.46 2.67
N MET A 90 4.94 13.67 3.73
CA MET A 90 4.92 12.21 3.60
C MET A 90 3.68 11.62 4.28
N TYR A 91 3.20 10.51 3.75
CA TYR A 91 2.03 9.84 4.30
C TYR A 91 2.23 8.34 4.39
N GLU A 92 1.22 7.64 4.87
CA GLU A 92 1.29 6.18 5.01
C GLU A 92 0.36 5.50 4.02
N PHE A 93 0.92 4.59 3.22
CA PHE A 93 0.14 3.86 2.24
C PHE A 93 0.02 2.39 2.61
N SER A 94 -1.03 1.73 2.14
CA SER A 94 -1.25 0.32 2.42
C SER A 94 -2.08 -0.33 1.32
N VAL A 95 -2.18 -1.66 1.37
CA VAL A 95 -2.95 -2.41 0.38
C VAL A 95 -3.73 -3.54 1.03
N MET A 96 -4.82 -3.94 0.38
CA MET A 96 -5.66 -5.02 0.90
C MET A 96 -6.41 -5.71 -0.24
N VAL A 97 -7.27 -6.66 0.13
CA VAL A 97 -8.04 -7.40 -0.86
C VAL A 97 -9.42 -7.78 -0.31
N THR A 98 -10.43 -7.72 -1.17
CA THR A 98 -11.79 -8.04 -0.77
C THR A 98 -12.34 -9.20 -1.61
N LYS A 99 -12.22 -10.42 -1.08
CA LYS A 99 -12.71 -11.61 -1.77
C LYS A 99 -13.64 -12.41 -0.87
N ASN A 100 -14.59 -13.10 -1.49
CA ASN A 100 -15.55 -13.92 -0.75
C ASN A 100 -16.56 -13.04 -0.02
N ARG A 101 -16.95 -11.94 -0.67
CA ARG A 101 -17.92 -11.03 -0.08
C ARG A 101 -17.41 -10.48 1.26
N ARG A 102 -16.09 -10.48 1.43
CA ARG A 102 -15.48 -9.98 2.66
C ARG A 102 -14.20 -9.22 2.35
N SER A 103 -13.89 -8.24 3.20
CA SER A 103 -12.68 -7.43 3.02
C SER A 103 -11.58 -7.89 3.96
N SER A 104 -10.36 -7.97 3.44
CA SER A 104 -9.21 -8.40 4.23
C SER A 104 -8.56 -7.21 4.94
N THR A 105 -7.48 -7.48 5.66
CA THR A 105 -6.77 -6.44 6.39
C THR A 105 -5.70 -5.79 5.51
N TRP A 106 -5.25 -4.60 5.91
CA TRP A 106 -4.23 -3.89 5.17
C TRP A 106 -2.84 -4.43 5.47
N SER A 107 -2.01 -4.56 4.44
CA SER A 107 -0.66 -5.07 4.61
C SER A 107 0.27 -3.99 5.17
N MET A 108 1.46 -4.40 5.57
CA MET A 108 2.45 -3.47 6.12
C MET A 108 2.35 -2.11 5.44
N THR A 109 2.10 -1.08 6.23
CA THR A 109 1.98 0.28 5.70
C THR A 109 3.36 0.84 5.32
N ALA A 110 3.47 1.34 4.10
CA ALA A 110 4.72 1.91 3.62
C ALA A 110 4.72 3.43 3.72
N HIS A 111 5.90 4.03 3.65
CA HIS A 111 6.03 5.47 3.74
C HIS A 111 6.74 6.04 2.51
N ALA A 112 6.51 7.32 2.24
CA ALA A 112 7.13 7.97 1.09
C ALA A 112 6.85 9.48 1.09
N THR A 113 7.92 10.26 1.20
CA THR A 113 7.78 11.72 1.22
C THR A 113 7.85 12.30 -0.19
N THR A 114 7.14 13.40 -0.41
CA THR A 114 7.11 14.05 -1.71
C THR A 114 8.18 15.15 -1.80
N TYR A 115 8.69 15.37 -3.00
CA TYR A 115 9.72 16.38 -3.21
C TYR A 115 9.19 17.77 -2.86
N GLU A 116 10.00 18.55 -2.16
CA GLU A 116 9.61 19.90 -1.76
C GLU A 116 9.21 20.73 -2.98
N ALA A 117 7.99 21.26 -2.94
CA ALA A 117 7.48 22.08 -4.04
C ALA A 117 8.43 23.23 -4.34
N SER A 118 8.95 23.86 -3.30
CA SER A 118 9.86 24.99 -3.45
C SER A 118 11.31 24.52 -3.34
N GLY A 119 11.97 24.35 -4.49
CA GLY A 119 13.35 23.92 -4.49
C GLY A 119 13.53 22.57 -5.15
N PRO A 120 14.07 22.58 -6.38
CA PRO A 120 14.31 21.35 -7.15
C PRO A 120 15.42 20.49 -6.55
N SER A 121 15.32 19.18 -6.74
CA SER A 121 16.32 18.25 -6.22
C SER A 121 17.35 17.93 -7.28
N SER A 122 18.54 18.53 -7.17
CA SER A 122 19.61 18.31 -8.12
C SER A 122 20.80 17.64 -7.45
N GLY A 123 21.13 16.43 -7.89
CA GLY A 123 22.25 15.70 -7.32
C GLY A 123 22.96 14.83 -8.34
N GLY A 1 0.46 -37.92 13.37
CA GLY A 1 0.88 -36.78 12.58
C GLY A 1 2.20 -36.21 13.05
N SER A 2 2.81 -35.37 12.21
CA SER A 2 4.10 -34.77 12.54
C SER A 2 4.50 -33.73 11.50
N SER A 3 5.39 -32.83 11.88
CA SER A 3 5.85 -31.77 10.98
C SER A 3 7.00 -30.99 11.61
N GLY A 4 7.59 -30.09 10.82
CA GLY A 4 8.70 -29.29 11.31
C GLY A 4 9.05 -28.15 10.37
N SER A 5 9.88 -28.45 9.37
CA SER A 5 10.30 -27.44 8.40
C SER A 5 10.88 -26.22 9.11
N SER A 6 11.76 -26.46 10.08
CA SER A 6 12.39 -25.39 10.83
C SER A 6 13.11 -24.42 9.89
N GLY A 7 13.53 -23.28 10.44
CA GLY A 7 14.23 -22.29 9.64
C GLY A 7 14.93 -21.25 10.50
N PHE A 8 14.88 -20.00 10.06
CA PHE A 8 15.51 -18.90 10.78
C PHE A 8 14.58 -18.35 11.85
N PRO A 9 15.16 -17.96 12.99
CA PRO A 9 14.39 -17.41 14.12
C PRO A 9 13.83 -16.02 13.81
N THR A 10 12.67 -15.98 13.19
CA THR A 10 12.03 -14.73 12.83
C THR A 10 10.51 -14.82 12.94
N SER A 11 9.92 -14.00 13.81
CA SER A 11 8.48 -14.01 14.01
C SER A 11 7.75 -14.08 12.67
N VAL A 12 6.57 -14.70 12.68
CA VAL A 12 5.78 -14.83 11.46
C VAL A 12 4.55 -13.94 11.51
N PRO A 13 4.27 -13.24 10.39
CA PRO A 13 3.13 -12.33 10.28
C PRO A 13 1.80 -13.07 10.26
N ASP A 14 1.86 -14.39 10.45
CA ASP A 14 0.66 -15.21 10.46
C ASP A 14 -0.52 -14.46 11.06
N LEU A 15 -1.55 -14.22 10.24
CA LEU A 15 -2.74 -13.51 10.70
C LEU A 15 -3.86 -14.48 11.06
N SER A 16 -4.90 -13.96 11.69
CA SER A 16 -6.04 -14.78 12.09
C SER A 16 -7.14 -14.73 11.04
N THR A 17 -7.32 -13.55 10.43
CA THR A 17 -8.34 -13.37 9.41
C THR A 17 -8.29 -14.48 8.36
N PRO A 18 -9.47 -14.85 7.85
CA PRO A 18 -9.58 -15.90 6.83
C PRO A 18 -9.00 -15.48 5.49
N MET A 19 -8.42 -14.29 5.44
CA MET A 19 -7.83 -13.76 4.22
C MET A 19 -6.33 -13.58 4.38
N LEU A 20 -5.68 -13.11 3.32
CA LEU A 20 -4.24 -12.89 3.34
C LEU A 20 -3.88 -11.62 2.58
N PRO A 21 -3.42 -10.60 3.32
CA PRO A 21 -3.02 -9.31 2.74
C PRO A 21 -1.74 -9.41 1.91
N PRO A 22 -1.52 -8.41 1.04
CA PRO A 22 -0.34 -8.36 0.17
C PRO A 22 0.94 -8.10 0.96
N VAL A 23 2.05 -8.00 0.24
CA VAL A 23 3.34 -7.75 0.86
C VAL A 23 4.27 -6.99 -0.08
N GLY A 24 5.51 -6.79 0.36
CA GLY A 24 6.48 -6.07 -0.46
C GLY A 24 5.96 -4.72 -0.93
N VAL A 25 5.10 -4.11 -0.12
CA VAL A 25 4.53 -2.81 -0.46
C VAL A 25 5.60 -1.72 -0.48
N GLN A 26 5.83 -1.15 -1.66
CA GLN A 26 6.82 -0.10 -1.81
C GLN A 26 6.18 1.21 -2.25
N ALA A 27 6.43 2.28 -1.49
CA ALA A 27 5.87 3.58 -1.80
C ALA A 27 6.88 4.45 -2.54
N VAL A 28 6.72 4.54 -3.85
CA VAL A 28 7.62 5.35 -4.67
C VAL A 28 7.07 6.75 -4.88
N ALA A 29 7.94 7.74 -4.73
CA ALA A 29 7.55 9.14 -4.91
C ALA A 29 7.87 9.63 -6.31
N LEU A 30 6.83 9.95 -7.07
CA LEU A 30 7.00 10.44 -8.43
C LEU A 30 7.25 11.94 -8.45
N THR A 31 6.37 12.69 -7.78
CA THR A 31 6.51 14.14 -7.72
C THR A 31 5.97 14.68 -6.40
N HIS A 32 6.11 15.99 -6.20
CA HIS A 32 5.63 16.63 -4.99
C HIS A 32 4.19 16.22 -4.67
N ASP A 33 3.38 16.09 -5.72
CA ASP A 33 1.99 15.71 -5.56
C ASP A 33 1.70 14.39 -6.30
N ALA A 34 2.63 13.44 -6.19
CA ALA A 34 2.46 12.15 -6.84
C ALA A 34 3.24 11.07 -6.10
N VAL A 35 2.72 9.85 -6.13
CA VAL A 35 3.36 8.72 -5.46
C VAL A 35 2.89 7.40 -6.04
N ARG A 36 3.80 6.67 -6.67
CA ARG A 36 3.47 5.38 -7.27
C ARG A 36 3.61 4.25 -6.24
N VAL A 37 2.48 3.77 -5.74
CA VAL A 37 2.47 2.70 -4.75
C VAL A 37 2.35 1.34 -5.42
N SER A 38 3.43 0.56 -5.37
CA SER A 38 3.44 -0.77 -5.98
C SER A 38 3.74 -1.84 -4.94
N TRP A 39 3.02 -2.96 -5.02
CA TRP A 39 3.20 -4.06 -4.09
C TRP A 39 3.32 -5.38 -4.82
N ALA A 40 3.47 -6.47 -4.07
CA ALA A 40 3.58 -7.80 -4.65
C ALA A 40 2.48 -8.72 -4.15
N ASP A 41 2.08 -9.67 -4.99
CA ASP A 41 1.03 -10.62 -4.63
C ASP A 41 1.63 -11.91 -4.07
N ASN A 42 1.10 -12.37 -2.95
CA ASN A 42 1.58 -13.59 -2.32
C ASN A 42 0.46 -14.62 -2.22
N SER A 43 -0.77 -14.15 -2.27
CA SER A 43 -1.94 -15.04 -2.17
C SER A 43 -2.35 -15.54 -3.55
N VAL A 44 -1.37 -15.65 -4.45
CA VAL A 44 -1.63 -16.12 -5.81
C VAL A 44 -0.68 -17.24 -6.20
N PRO A 45 -1.08 -18.48 -5.90
CA PRO A 45 -0.28 -19.67 -6.22
C PRO A 45 -0.20 -19.95 -7.71
N LYS A 46 0.79 -20.73 -8.12
CA LYS A 46 0.97 -21.07 -9.53
C LYS A 46 -0.21 -21.87 -10.05
N ASN A 47 -0.53 -21.68 -11.32
CA ASN A 47 -1.64 -22.39 -11.94
C ASN A 47 -2.87 -22.38 -11.03
N GLN A 48 -3.27 -21.19 -10.59
CA GLN A 48 -4.43 -21.05 -9.71
C GLN A 48 -5.59 -21.90 -10.21
N LYS A 49 -5.90 -22.96 -9.48
CA LYS A 49 -6.99 -23.84 -9.84
C LYS A 49 -8.33 -23.12 -9.77
N THR A 50 -8.64 -22.57 -8.60
CA THR A 50 -9.89 -21.84 -8.40
C THR A 50 -9.76 -20.39 -8.82
N SER A 51 -10.39 -20.03 -9.93
CA SER A 51 -10.34 -18.67 -10.43
C SER A 51 -11.24 -17.74 -9.62
N GLU A 52 -10.73 -17.29 -8.47
CA GLU A 52 -11.48 -16.41 -7.60
C GLU A 52 -11.02 -14.96 -7.75
N VAL A 53 -11.91 -14.12 -8.26
CA VAL A 53 -11.60 -12.71 -8.46
C VAL A 53 -11.64 -11.94 -7.14
N ARG A 54 -10.85 -10.88 -7.05
CA ARG A 54 -10.79 -10.06 -5.84
C ARG A 54 -10.62 -8.58 -6.19
N LEU A 55 -10.46 -7.76 -5.17
CA LEU A 55 -10.27 -6.32 -5.36
C LEU A 55 -9.20 -5.77 -4.43
N TYR A 56 -8.32 -4.93 -4.96
CA TYR A 56 -7.25 -4.33 -4.17
C TYR A 56 -7.52 -2.85 -3.93
N THR A 57 -7.50 -2.45 -2.67
CA THR A 57 -7.74 -1.06 -2.30
C THR A 57 -6.46 -0.41 -1.77
N VAL A 58 -6.31 0.89 -2.02
CA VAL A 58 -5.14 1.63 -1.57
C VAL A 58 -5.54 2.94 -0.90
N ARG A 59 -5.30 3.01 0.41
CA ARG A 59 -5.63 4.20 1.18
C ARG A 59 -4.37 4.92 1.66
N TRP A 60 -4.47 6.23 1.84
CA TRP A 60 -3.34 7.03 2.30
C TRP A 60 -3.81 8.25 3.08
N ARG A 61 -3.22 8.46 4.26
CA ARG A 61 -3.59 9.59 5.10
C ARG A 61 -2.34 10.26 5.67
N THR A 62 -2.36 11.59 5.73
CA THR A 62 -1.24 12.35 6.24
C THR A 62 -0.63 11.66 7.46
N SER A 63 0.70 11.70 7.55
CA SER A 63 1.41 11.08 8.66
C SER A 63 1.66 12.09 9.78
N PHE A 64 1.19 11.77 10.98
CA PHE A 64 1.37 12.65 12.13
C PHE A 64 0.49 13.89 12.01
N SER A 65 -0.74 13.69 11.53
CA SER A 65 -1.69 14.79 11.36
C SER A 65 -2.95 14.54 12.18
N ALA A 66 -3.43 15.60 12.84
CA ALA A 66 -4.64 15.51 13.66
C ALA A 66 -5.89 15.55 12.79
N SER A 67 -6.20 16.72 12.26
CA SER A 67 -7.38 16.90 11.42
C SER A 67 -7.08 16.49 9.98
N ALA A 68 -7.72 15.42 9.54
CA ALA A 68 -7.52 14.92 8.17
C ALA A 68 -8.45 13.75 7.88
N LYS A 69 -8.61 13.43 6.60
CA LYS A 69 -9.47 12.33 6.18
C LYS A 69 -8.67 11.26 5.43
N TYR A 70 -9.14 10.02 5.51
CA TYR A 70 -8.46 8.91 4.85
C TYR A 70 -8.99 8.73 3.42
N LYS A 71 -8.10 8.88 2.45
CA LYS A 71 -8.47 8.72 1.04
C LYS A 71 -8.05 7.35 0.52
N SER A 72 -8.83 6.84 -0.43
CA SER A 72 -8.54 5.53 -1.02
C SER A 72 -9.25 5.37 -2.35
N GLU A 73 -8.78 4.42 -3.16
CA GLU A 73 -9.38 4.16 -4.46
C GLU A 73 -9.37 2.67 -4.78
N ASP A 74 -10.33 2.24 -5.58
CA ASP A 74 -10.43 0.83 -5.97
C ASP A 74 -9.71 0.57 -7.29
N THR A 75 -8.77 -0.37 -7.27
CA THR A 75 -8.01 -0.72 -8.46
C THR A 75 -7.83 -2.22 -8.59
N THR A 76 -7.78 -2.71 -9.82
CA THR A 76 -7.62 -4.14 -10.08
C THR A 76 -6.18 -4.46 -10.46
N SER A 77 -5.25 -3.57 -10.09
CA SER A 77 -3.84 -3.77 -10.39
C SER A 77 -3.02 -3.85 -9.10
N LEU A 78 -1.72 -4.06 -9.26
CA LEU A 78 -0.81 -4.15 -8.12
C LEU A 78 -0.03 -2.85 -7.93
N SER A 79 -0.50 -1.79 -8.58
CA SER A 79 0.16 -0.49 -8.49
C SER A 79 -0.85 0.64 -8.66
N TYR A 80 -0.72 1.68 -7.84
CA TYR A 80 -1.63 2.82 -7.91
C TYR A 80 -0.85 4.13 -7.76
N THR A 81 -1.27 5.14 -8.52
CA THR A 81 -0.62 6.45 -8.49
C THR A 81 -1.43 7.44 -7.67
N ALA A 82 -0.86 7.89 -6.55
CA ALA A 82 -1.54 8.84 -5.69
C ALA A 82 -1.24 10.27 -6.11
N THR A 83 -2.17 10.88 -6.86
CA THR A 83 -2.01 12.25 -7.33
C THR A 83 -2.83 13.22 -6.48
N GLY A 84 -2.37 14.47 -6.42
CA GLY A 84 -3.06 15.48 -5.66
C GLY A 84 -2.75 15.39 -4.17
N LEU A 85 -1.47 15.33 -3.84
CA LEU A 85 -1.05 15.24 -2.45
C LEU A 85 -0.28 16.50 -2.02
N LYS A 86 -0.11 16.67 -0.72
CA LYS A 86 0.60 17.83 -0.19
C LYS A 86 2.10 17.67 -0.39
N PRO A 87 2.75 18.74 -0.89
CA PRO A 87 4.19 18.74 -1.14
C PRO A 87 5.01 18.74 0.16
N ASN A 88 6.25 18.27 0.07
CA ASN A 88 7.12 18.21 1.24
C ASN A 88 6.39 17.62 2.43
N THR A 89 5.58 16.59 2.19
CA THR A 89 4.83 15.94 3.25
C THR A 89 4.73 14.43 3.01
N MET A 90 4.94 13.67 4.07
CA MET A 90 4.87 12.21 3.99
C MET A 90 3.59 11.68 4.63
N TYR A 91 3.11 10.54 4.14
CA TYR A 91 1.90 9.93 4.66
C TYR A 91 2.06 8.41 4.78
N GLU A 92 0.99 7.74 5.21
CA GLU A 92 1.02 6.30 5.37
C GLU A 92 0.32 5.61 4.20
N PHE A 93 1.00 4.64 3.60
CA PHE A 93 0.45 3.90 2.47
C PHE A 93 0.36 2.42 2.79
N SER A 94 -0.72 1.78 2.32
CA SER A 94 -0.92 0.36 2.55
C SER A 94 -1.81 -0.25 1.46
N VAL A 95 -2.06 -1.55 1.57
CA VAL A 95 -2.89 -2.25 0.60
C VAL A 95 -3.70 -3.37 1.25
N MET A 96 -4.80 -3.74 0.63
CA MET A 96 -5.65 -4.80 1.15
C MET A 96 -6.34 -5.56 0.02
N VAL A 97 -7.21 -6.50 0.39
CA VAL A 97 -7.93 -7.29 -0.60
C VAL A 97 -9.31 -7.68 -0.08
N THR A 98 -10.28 -7.77 -0.99
CA THR A 98 -11.64 -8.13 -0.63
C THR A 98 -12.10 -9.38 -1.38
N LYS A 99 -12.03 -10.52 -0.70
CA LYS A 99 -12.44 -11.79 -1.30
C LYS A 99 -13.51 -12.47 -0.47
N ASN A 100 -14.36 -13.24 -1.12
CA ASN A 100 -15.44 -13.95 -0.44
C ASN A 100 -16.42 -12.97 0.20
N ARG A 101 -16.66 -11.85 -0.49
CA ARG A 101 -17.57 -10.84 0.01
C ARG A 101 -17.10 -10.28 1.34
N ARG A 102 -15.79 -10.35 1.59
CA ARG A 102 -15.22 -9.87 2.83
C ARG A 102 -13.89 -9.17 2.58
N SER A 103 -13.59 -8.15 3.38
CA SER A 103 -12.36 -7.39 3.24
C SER A 103 -11.34 -7.81 4.31
N SER A 104 -10.12 -8.09 3.88
CA SER A 104 -9.05 -8.50 4.80
C SER A 104 -8.36 -7.28 5.39
N THR A 105 -7.31 -7.53 6.17
CA THR A 105 -6.56 -6.46 6.81
C THR A 105 -5.56 -5.84 5.84
N TRP A 106 -5.07 -4.66 6.16
CA TRP A 106 -4.11 -3.95 5.32
C TRP A 106 -2.70 -4.44 5.59
N SER A 107 -1.86 -4.43 4.55
CA SER A 107 -0.48 -4.88 4.68
C SER A 107 0.36 -3.84 5.41
N MET A 108 1.67 -4.09 5.49
CA MET A 108 2.59 -3.17 6.16
C MET A 108 2.45 -1.76 5.58
N THR A 109 2.78 -0.77 6.40
CA THR A 109 2.70 0.63 5.98
C THR A 109 4.00 1.08 5.32
N ALA A 110 3.89 1.63 4.11
CA ALA A 110 5.04 2.11 3.38
C ALA A 110 5.16 3.62 3.47
N HIS A 111 6.23 4.10 4.10
CA HIS A 111 6.46 5.53 4.26
C HIS A 111 7.23 6.09 3.06
N ALA A 112 6.83 7.27 2.61
CA ALA A 112 7.47 7.91 1.47
C ALA A 112 7.09 9.38 1.37
N THR A 113 8.06 10.25 1.64
CA THR A 113 7.82 11.70 1.59
C THR A 113 7.85 12.21 0.16
N THR A 114 7.10 13.27 -0.11
CA THR A 114 7.04 13.86 -1.43
C THR A 114 8.11 14.92 -1.62
N TYR A 115 8.42 15.23 -2.87
CA TYR A 115 9.44 16.23 -3.19
C TYR A 115 8.96 17.63 -2.83
N GLU A 116 9.89 18.49 -2.41
CA GLU A 116 9.57 19.85 -2.03
C GLU A 116 9.13 20.67 -3.25
N ALA A 117 7.86 21.06 -3.27
CA ALA A 117 7.33 21.85 -4.37
C ALA A 117 8.15 23.13 -4.59
N SER A 118 7.79 23.88 -5.62
CA SER A 118 8.49 25.11 -5.95
C SER A 118 8.59 26.01 -4.71
N GLY A 119 9.68 26.77 -4.62
CA GLY A 119 9.87 27.66 -3.50
C GLY A 119 10.41 29.02 -3.92
N PRO A 120 10.55 29.92 -2.94
CA PRO A 120 11.04 31.28 -3.18
C PRO A 120 12.53 31.30 -3.54
N SER A 121 13.12 30.11 -3.65
CA SER A 121 14.54 29.99 -3.98
C SER A 121 14.97 31.10 -4.93
N SER A 122 15.97 31.86 -4.51
CA SER A 122 16.48 32.96 -5.32
C SER A 122 16.41 32.63 -6.81
N GLY A 123 15.93 33.58 -7.60
CA GLY A 123 15.82 33.36 -9.03
C GLY A 123 16.71 34.30 -9.84
N GLY A 1 9.65 -16.26 -18.22
CA GLY A 1 8.58 -15.55 -17.53
C GLY A 1 8.07 -16.30 -16.32
N SER A 2 7.72 -17.57 -16.51
CA SER A 2 7.21 -18.39 -15.42
C SER A 2 8.33 -18.83 -14.49
N SER A 3 7.97 -19.38 -13.34
CA SER A 3 8.95 -19.84 -12.36
C SER A 3 10.10 -18.85 -12.25
N GLY A 4 9.76 -17.57 -12.19
CA GLY A 4 10.77 -16.54 -12.08
C GLY A 4 10.41 -15.47 -11.06
N SER A 5 10.28 -15.87 -9.80
CA SER A 5 9.92 -14.95 -8.74
C SER A 5 11.10 -14.06 -8.37
N SER A 6 10.82 -12.89 -7.81
CA SER A 6 11.85 -11.94 -7.41
C SER A 6 11.49 -11.25 -6.11
N GLY A 7 12.27 -11.51 -5.06
CA GLY A 7 12.02 -10.91 -3.77
C GLY A 7 11.40 -11.88 -2.79
N PHE A 8 11.82 -11.78 -1.53
CA PHE A 8 11.31 -12.66 -0.48
C PHE A 8 10.75 -11.84 0.69
N PRO A 9 9.59 -12.27 1.21
CA PRO A 9 8.93 -11.60 2.33
C PRO A 9 9.69 -11.79 3.64
N THR A 10 9.89 -10.69 4.36
CA THR A 10 10.60 -10.73 5.63
C THR A 10 9.80 -11.51 6.67
N SER A 11 8.48 -11.50 6.53
CA SER A 11 7.61 -12.21 7.47
C SER A 11 6.69 -13.17 6.73
N VAL A 12 6.76 -14.44 7.09
CA VAL A 12 5.93 -15.46 6.46
C VAL A 12 4.45 -15.10 6.56
N PRO A 13 3.79 -14.98 5.40
CA PRO A 13 2.37 -14.63 5.32
C PRO A 13 1.47 -15.77 5.82
N ASP A 14 0.90 -15.59 7.00
CA ASP A 14 0.03 -16.60 7.59
C ASP A 14 -1.06 -15.95 8.44
N LEU A 15 -2.30 -16.08 8.00
CA LEU A 15 -3.44 -15.51 8.72
C LEU A 15 -4.61 -16.46 8.74
N SER A 16 -5.45 -16.36 9.78
CA SER A 16 -6.61 -17.22 9.91
C SER A 16 -7.73 -16.77 8.97
N THR A 17 -7.99 -15.47 8.97
CA THR A 17 -9.03 -14.90 8.11
C THR A 17 -9.02 -15.54 6.73
N PRO A 18 -10.20 -15.64 6.12
CA PRO A 18 -10.35 -16.22 4.77
C PRO A 18 -9.75 -15.33 3.68
N MET A 19 -9.10 -14.25 4.10
CA MET A 19 -8.49 -13.33 3.17
C MET A 19 -7.01 -13.14 3.47
N LEU A 20 -6.22 -12.84 2.45
CA LEU A 20 -4.79 -12.63 2.61
C LEU A 20 -4.34 -11.34 1.93
N PRO A 21 -3.85 -10.39 2.73
CA PRO A 21 -3.37 -9.10 2.22
C PRO A 21 -2.08 -9.23 1.42
N PRO A 22 -1.76 -8.18 0.64
CA PRO A 22 -0.55 -8.16 -0.19
C PRO A 22 0.73 -8.05 0.64
N VAL A 23 1.87 -8.07 -0.04
CA VAL A 23 3.16 -7.98 0.63
C VAL A 23 4.10 -7.04 -0.11
N GLY A 24 5.33 -6.93 0.37
CA GLY A 24 6.30 -6.07 -0.26
C GLY A 24 5.73 -4.71 -0.61
N VAL A 25 4.80 -4.23 0.20
CA VAL A 25 4.18 -2.93 -0.04
C VAL A 25 5.22 -1.82 -0.06
N GLN A 26 5.42 -1.24 -1.24
CA GLN A 26 6.39 -0.16 -1.39
C GLN A 26 5.70 1.13 -1.83
N ALA A 27 6.24 2.26 -1.39
CA ALA A 27 5.68 3.56 -1.74
C ALA A 27 6.68 4.40 -2.51
N VAL A 28 6.53 4.43 -3.84
CA VAL A 28 7.43 5.19 -4.69
C VAL A 28 6.89 6.61 -4.92
N ALA A 29 7.76 7.60 -4.77
CA ALA A 29 7.38 8.99 -4.96
C ALA A 29 7.73 9.47 -6.37
N LEU A 30 6.71 9.81 -7.15
CA LEU A 30 6.92 10.28 -8.52
C LEU A 30 7.16 11.78 -8.54
N THR A 31 6.24 12.53 -7.93
CA THR A 31 6.35 13.99 -7.89
C THR A 31 5.75 14.54 -6.60
N HIS A 32 5.92 15.84 -6.38
CA HIS A 32 5.40 16.50 -5.20
C HIS A 32 3.98 16.00 -4.88
N ASP A 33 3.13 15.98 -5.90
CA ASP A 33 1.76 15.52 -5.73
C ASP A 33 1.51 14.23 -6.51
N ALA A 34 2.48 13.32 -6.45
CA ALA A 34 2.37 12.04 -7.14
C ALA A 34 3.20 10.97 -6.44
N VAL A 35 2.56 9.84 -6.14
CA VAL A 35 3.24 8.74 -5.47
C VAL A 35 2.79 7.39 -6.04
N ARG A 36 3.72 6.70 -6.69
CA ARG A 36 3.42 5.40 -7.28
C ARG A 36 3.62 4.28 -6.27
N VAL A 37 2.54 3.91 -5.59
CA VAL A 37 2.59 2.84 -4.59
C VAL A 37 2.43 1.48 -5.24
N SER A 38 3.51 0.71 -5.25
CA SER A 38 3.50 -0.62 -5.84
C SER A 38 3.81 -1.68 -4.79
N TRP A 39 3.31 -2.89 -5.01
CA TRP A 39 3.52 -4.00 -4.09
C TRP A 39 3.68 -5.32 -4.84
N ALA A 40 3.86 -6.40 -4.09
CA ALA A 40 4.01 -7.72 -4.68
C ALA A 40 2.82 -8.62 -4.36
N ASP A 41 2.54 -9.58 -5.24
CA ASP A 41 1.43 -10.50 -5.03
C ASP A 41 1.94 -11.89 -4.65
N ASN A 42 1.83 -12.22 -3.37
CA ASN A 42 2.29 -13.51 -2.88
C ASN A 42 1.10 -14.41 -2.56
N SER A 43 -0.06 -13.81 -2.37
CA SER A 43 -1.28 -14.55 -2.06
C SER A 43 -1.98 -15.01 -3.32
N VAL A 44 -1.24 -15.70 -4.19
CA VAL A 44 -1.79 -16.20 -5.44
C VAL A 44 -1.43 -17.67 -5.65
N PRO A 45 -2.47 -18.51 -5.81
CA PRO A 45 -2.30 -19.95 -6.03
C PRO A 45 -1.70 -20.26 -7.39
N LYS A 46 -1.34 -21.52 -7.61
CA LYS A 46 -0.77 -21.96 -8.87
C LYS A 46 -1.71 -21.63 -10.03
N ASN A 47 -3.00 -21.57 -9.75
CA ASN A 47 -4.00 -21.27 -10.77
C ASN A 47 -5.14 -20.44 -10.18
N GLN A 48 -5.38 -19.27 -10.77
CA GLN A 48 -6.43 -18.38 -10.32
C GLN A 48 -7.69 -18.55 -11.17
N LYS A 49 -8.53 -19.51 -10.80
CA LYS A 49 -9.76 -19.77 -11.51
C LYS A 49 -10.98 -19.45 -10.65
N THR A 50 -10.90 -18.34 -9.93
CA THR A 50 -12.01 -17.92 -9.06
C THR A 50 -13.04 -17.10 -9.84
N SER A 51 -14.27 -17.12 -9.36
CA SER A 51 -15.35 -16.39 -10.00
C SER A 51 -15.00 -14.91 -10.16
N GLU A 52 -14.79 -14.24 -9.02
CA GLU A 52 -14.44 -12.83 -9.03
C GLU A 52 -12.96 -12.63 -8.75
N VAL A 53 -12.41 -11.51 -9.22
CA VAL A 53 -11.00 -11.20 -9.02
C VAL A 53 -10.81 -10.30 -7.81
N ARG A 54 -9.98 -10.75 -6.86
CA ARG A 54 -9.71 -9.99 -5.66
C ARG A 54 -9.40 -8.53 -5.99
N LEU A 55 -10.17 -7.62 -5.41
CA LEU A 55 -9.97 -6.19 -5.64
C LEU A 55 -9.01 -5.60 -4.61
N TYR A 56 -8.02 -4.86 -5.09
CA TYR A 56 -7.04 -4.23 -4.22
C TYR A 56 -7.38 -2.77 -3.98
N THR A 57 -7.41 -2.38 -2.71
CA THR A 57 -7.74 -1.00 -2.34
C THR A 57 -6.50 -0.28 -1.83
N VAL A 58 -6.39 1.00 -2.17
CA VAL A 58 -5.26 1.82 -1.74
C VAL A 58 -5.70 2.94 -0.83
N ARG A 59 -5.16 2.97 0.39
CA ARG A 59 -5.50 4.00 1.37
C ARG A 59 -4.24 4.68 1.90
N TRP A 60 -4.37 5.95 2.27
CA TRP A 60 -3.24 6.71 2.80
C TRP A 60 -3.73 7.91 3.60
N ARG A 61 -2.90 8.36 4.54
CA ARG A 61 -3.25 9.51 5.37
C ARG A 61 -1.99 10.23 5.84
N THR A 62 -2.12 11.54 6.06
CA THR A 62 -1.00 12.34 6.52
C THR A 62 -0.32 11.71 7.73
N SER A 63 1.00 11.55 7.64
CA SER A 63 1.77 10.95 8.73
C SER A 63 1.85 11.90 9.92
N PHE A 64 1.71 11.35 11.12
CA PHE A 64 1.76 12.14 12.34
C PHE A 64 0.84 13.37 12.23
N SER A 65 -0.33 13.17 11.65
CA SER A 65 -1.30 14.24 11.49
C SER A 65 -2.40 14.15 12.53
N ALA A 66 -3.34 15.08 12.47
CA ALA A 66 -4.46 15.11 13.42
C ALA A 66 -5.78 15.38 12.70
N SER A 67 -6.86 14.85 13.26
CA SER A 67 -8.18 15.04 12.67
C SER A 67 -8.13 14.89 11.15
N ALA A 68 -7.27 13.99 10.68
CA ALA A 68 -7.13 13.76 9.24
C ALA A 68 -8.08 12.67 8.77
N LYS A 69 -8.19 12.52 7.45
CA LYS A 69 -9.07 11.52 6.87
C LYS A 69 -8.30 10.60 5.93
N TYR A 70 -8.64 9.32 5.95
CA TYR A 70 -7.98 8.33 5.10
C TYR A 70 -8.71 8.18 3.77
N LYS A 71 -7.95 8.17 2.68
CA LYS A 71 -8.51 8.02 1.35
C LYS A 71 -8.64 6.56 0.96
N SER A 72 -9.25 6.30 -0.19
CA SER A 72 -9.43 4.93 -0.67
C SER A 72 -9.72 4.92 -2.17
N GLU A 73 -9.06 4.03 -2.89
CA GLU A 73 -9.24 3.91 -4.34
C GLU A 73 -9.27 2.45 -4.76
N ASP A 74 -9.93 2.19 -5.89
CA ASP A 74 -10.04 0.83 -6.41
C ASP A 74 -9.14 0.63 -7.62
N THR A 75 -8.23 -0.32 -7.53
CA THR A 75 -7.29 -0.61 -8.62
C THR A 75 -7.08 -2.11 -8.77
N THR A 76 -7.17 -2.58 -10.02
CA THR A 76 -6.99 -3.99 -10.31
C THR A 76 -5.54 -4.29 -10.69
N SER A 77 -4.61 -3.51 -10.14
CA SER A 77 -3.20 -3.69 -10.42
C SER A 77 -2.38 -3.70 -9.14
N LEU A 78 -1.09 -4.00 -9.26
CA LEU A 78 -0.21 -4.03 -8.10
C LEU A 78 0.56 -2.72 -7.96
N SER A 79 0.00 -1.65 -8.52
CA SER A 79 0.62 -0.34 -8.46
C SER A 79 -0.41 0.77 -8.63
N TYR A 80 -0.37 1.75 -7.74
CA TYR A 80 -1.30 2.88 -7.80
C TYR A 80 -0.57 4.20 -7.78
N THR A 81 -1.16 5.22 -8.41
CA THR A 81 -0.56 6.54 -8.46
C THR A 81 -1.37 7.55 -7.65
N ALA A 82 -0.92 7.83 -6.44
CA ALA A 82 -1.60 8.77 -5.56
C ALA A 82 -1.38 10.21 -6.04
N THR A 83 -2.40 10.79 -6.66
CA THR A 83 -2.31 12.16 -7.17
C THR A 83 -3.08 13.11 -6.26
N GLY A 84 -2.65 14.37 -6.24
CA GLY A 84 -3.30 15.37 -5.42
C GLY A 84 -2.89 15.28 -3.97
N LEU A 85 -1.58 15.21 -3.72
CA LEU A 85 -1.06 15.12 -2.37
C LEU A 85 -0.33 16.40 -1.97
N LYS A 86 0.03 16.51 -0.71
CA LYS A 86 0.73 17.68 -0.20
C LYS A 86 2.23 17.58 -0.45
N PRO A 87 2.82 18.66 -0.99
CA PRO A 87 4.25 18.71 -1.28
C PRO A 87 5.11 18.74 -0.03
N ASN A 88 6.34 18.24 -0.14
CA ASN A 88 7.26 18.21 0.99
C ASN A 88 6.58 17.64 2.22
N THR A 89 5.67 16.68 2.01
CA THR A 89 4.96 16.05 3.11
C THR A 89 4.80 14.55 2.86
N MET A 90 5.19 13.75 3.84
CA MET A 90 5.09 12.30 3.75
C MET A 90 3.84 11.79 4.46
N TYR A 91 3.24 10.74 3.91
CA TYR A 91 2.04 10.15 4.50
C TYR A 91 2.17 8.64 4.61
N GLU A 92 1.08 7.99 5.00
CA GLU A 92 1.07 6.54 5.16
C GLU A 92 0.42 5.86 3.94
N PHE A 93 0.97 4.72 3.56
CA PHE A 93 0.44 3.97 2.43
C PHE A 93 0.29 2.49 2.76
N SER A 94 -0.80 1.90 2.29
CA SER A 94 -1.07 0.49 2.54
C SER A 94 -1.92 -0.12 1.44
N VAL A 95 -2.21 -1.41 1.55
CA VAL A 95 -3.02 -2.10 0.55
C VAL A 95 -3.77 -3.28 1.18
N MET A 96 -4.89 -3.65 0.56
CA MET A 96 -5.70 -4.76 1.06
C MET A 96 -6.49 -5.39 -0.08
N VAL A 97 -7.33 -6.37 0.26
CA VAL A 97 -8.15 -7.07 -0.72
C VAL A 97 -9.56 -7.28 -0.21
N THR A 98 -10.53 -7.22 -1.12
CA THR A 98 -11.93 -7.42 -0.75
C THR A 98 -12.60 -8.44 -1.66
N LYS A 99 -12.68 -9.68 -1.19
CA LYS A 99 -13.29 -10.76 -1.96
C LYS A 99 -14.36 -11.47 -1.14
N ASN A 100 -15.32 -12.08 -1.83
CA ASN A 100 -16.40 -12.80 -1.16
C ASN A 100 -17.29 -11.84 -0.38
N ARG A 101 -17.59 -10.68 -0.99
CA ARG A 101 -18.43 -9.68 -0.35
C ARG A 101 -17.95 -9.38 1.07
N ARG A 102 -16.64 -9.28 1.23
CA ARG A 102 -16.05 -9.01 2.53
C ARG A 102 -14.65 -8.42 2.39
N SER A 103 -14.35 -7.42 3.22
CA SER A 103 -13.04 -6.76 3.17
C SER A 103 -12.05 -7.47 4.09
N SER A 104 -10.78 -7.45 3.71
CA SER A 104 -9.74 -8.10 4.50
C SER A 104 -8.88 -7.06 5.22
N THR A 105 -7.83 -7.52 5.87
CA THR A 105 -6.93 -6.63 6.61
C THR A 105 -5.87 -6.04 5.68
N TRP A 106 -5.20 -4.98 6.16
CA TRP A 106 -4.16 -4.33 5.38
C TRP A 106 -2.80 -4.92 5.67
N SER A 107 -1.79 -4.52 4.90
CA SER A 107 -0.43 -5.02 5.07
C SER A 107 0.49 -3.92 5.58
N MET A 108 1.73 -4.29 5.88
CA MET A 108 2.71 -3.33 6.38
C MET A 108 2.59 -2.00 5.65
N THR A 109 2.77 -0.90 6.38
CA THR A 109 2.68 0.43 5.81
C THR A 109 4.00 0.84 5.14
N ALA A 110 3.90 1.69 4.13
CA ALA A 110 5.08 2.16 3.42
C ALA A 110 5.15 3.68 3.41
N HIS A 111 6.24 4.22 3.94
CA HIS A 111 6.42 5.67 4.00
C HIS A 111 7.16 6.17 2.76
N ALA A 112 6.79 7.36 2.29
CA ALA A 112 7.41 7.95 1.12
C ALA A 112 7.11 9.44 1.02
N THR A 113 8.10 10.27 1.35
CA THR A 113 7.93 11.72 1.30
C THR A 113 7.88 12.21 -0.14
N THR A 114 7.10 13.26 -0.38
CA THR A 114 6.96 13.83 -1.71
C THR A 114 8.05 14.88 -1.97
N TYR A 115 8.37 15.07 -3.23
CA TYR A 115 9.40 16.04 -3.62
C TYR A 115 8.97 17.46 -3.26
N GLU A 116 9.92 18.25 -2.78
CA GLU A 116 9.65 19.63 -2.39
C GLU A 116 9.19 20.45 -3.59
N ALA A 117 7.90 20.76 -3.63
CA ALA A 117 7.35 21.55 -4.72
C ALA A 117 8.32 22.64 -5.18
N SER A 118 8.89 23.36 -4.21
CA SER A 118 9.83 24.43 -4.51
C SER A 118 11.25 24.04 -4.09
N GLY A 119 11.95 23.34 -4.98
CA GLY A 119 13.31 22.91 -4.69
C GLY A 119 14.07 22.53 -5.93
N PRO A 120 15.10 23.31 -6.27
CA PRO A 120 15.93 23.06 -7.45
C PRO A 120 16.82 21.82 -7.29
N SER A 121 16.66 21.14 -6.16
CA SER A 121 17.44 19.94 -5.88
C SER A 121 17.64 19.11 -7.15
N SER A 122 18.88 18.70 -7.38
CA SER A 122 19.20 17.90 -8.56
C SER A 122 18.44 16.58 -8.54
N GLY A 123 18.66 15.77 -9.58
CA GLY A 123 17.99 14.48 -9.67
C GLY A 123 18.37 13.71 -10.92
N GLY A 1 29.53 -9.09 32.57
CA GLY A 1 29.29 -9.23 31.15
C GLY A 1 27.91 -8.74 30.75
N SER A 2 27.71 -8.54 29.45
CA SER A 2 26.44 -8.06 28.93
C SER A 2 25.68 -9.19 28.24
N SER A 3 24.72 -9.79 28.96
CA SER A 3 23.93 -10.89 28.41
C SER A 3 22.65 -10.36 27.77
N GLY A 4 22.00 -9.42 28.44
CA GLY A 4 20.77 -8.84 27.91
C GLY A 4 20.88 -8.52 26.44
N SER A 5 20.31 -9.38 25.60
CA SER A 5 20.34 -9.17 24.16
C SER A 5 18.95 -9.32 23.55
N SER A 6 18.44 -8.24 22.96
CA SER A 6 17.12 -8.25 22.35
C SER A 6 17.12 -7.45 21.05
N GLY A 7 16.00 -7.51 20.33
CA GLY A 7 15.89 -6.79 19.08
C GLY A 7 14.59 -6.02 18.96
N PHE A 8 13.78 -6.37 17.96
CA PHE A 8 12.50 -5.70 17.75
C PHE A 8 11.38 -6.72 17.62
N PRO A 9 10.52 -6.78 18.65
CA PRO A 9 9.38 -7.70 18.68
C PRO A 9 8.30 -7.34 17.67
N THR A 10 7.17 -8.04 17.73
CA THR A 10 6.06 -7.78 16.82
C THR A 10 5.50 -6.38 17.01
N SER A 11 5.36 -5.66 15.90
CA SER A 11 4.83 -4.30 15.95
C SER A 11 3.33 -4.30 16.19
N VAL A 12 2.58 -4.62 15.14
CA VAL A 12 1.12 -4.65 15.23
C VAL A 12 0.59 -6.07 15.01
N PRO A 13 -0.46 -6.43 15.76
CA PRO A 13 -1.09 -7.76 15.65
C PRO A 13 -1.82 -7.95 14.33
N ASP A 14 -2.24 -9.18 14.07
CA ASP A 14 -2.96 -9.51 12.85
C ASP A 14 -4.39 -9.92 13.14
N LEU A 15 -5.27 -9.78 12.15
CA LEU A 15 -6.67 -10.14 12.31
C LEU A 15 -6.91 -11.60 11.95
N SER A 16 -7.96 -12.18 12.52
CA SER A 16 -8.29 -13.57 12.27
C SER A 16 -9.32 -13.69 11.15
N THR A 17 -8.85 -13.58 9.92
CA THR A 17 -9.74 -13.67 8.76
C THR A 17 -9.17 -14.62 7.71
N PRO A 18 -10.06 -15.31 6.99
CA PRO A 18 -9.67 -16.26 5.94
C PRO A 18 -9.08 -15.56 4.72
N MET A 19 -8.92 -14.25 4.81
CA MET A 19 -8.36 -13.47 3.71
C MET A 19 -6.87 -13.28 3.88
N LEU A 20 -6.19 -12.90 2.81
CA LEU A 20 -4.75 -12.69 2.84
C LEU A 20 -4.36 -11.46 2.02
N PRO A 21 -3.99 -10.38 2.72
CA PRO A 21 -3.58 -9.12 2.08
C PRO A 21 -2.24 -9.24 1.36
N PRO A 22 -1.90 -8.21 0.58
CA PRO A 22 -0.64 -8.18 -0.18
C PRO A 22 0.57 -8.02 0.73
N VAL A 23 1.76 -8.11 0.13
CA VAL A 23 3.00 -7.97 0.89
C VAL A 23 3.97 -7.03 0.19
N GLY A 24 5.17 -6.89 0.75
CA GLY A 24 6.17 -6.01 0.16
C GLY A 24 5.56 -4.75 -0.39
N VAL A 25 4.93 -3.95 0.47
CA VAL A 25 4.32 -2.70 0.07
C VAL A 25 5.34 -1.58 0.00
N GLN A 26 5.63 -1.12 -1.21
CA GLN A 26 6.59 -0.04 -1.41
C GLN A 26 5.90 1.22 -1.90
N ALA A 27 6.33 2.37 -1.40
CA ALA A 27 5.77 3.66 -1.78
C ALA A 27 6.78 4.51 -2.54
N VAL A 28 6.61 4.61 -3.85
CA VAL A 28 7.51 5.40 -4.68
C VAL A 28 6.97 6.81 -4.89
N ALA A 29 7.84 7.80 -4.74
CA ALA A 29 7.46 9.19 -4.91
C ALA A 29 7.78 9.68 -6.33
N LEU A 30 6.75 9.90 -7.12
CA LEU A 30 6.91 10.37 -8.49
C LEU A 30 7.17 11.87 -8.53
N THR A 31 6.27 12.64 -7.94
CA THR A 31 6.41 14.09 -7.89
C THR A 31 5.85 14.66 -6.60
N HIS A 32 5.99 15.97 -6.43
CA HIS A 32 5.49 16.64 -5.23
C HIS A 32 4.09 16.15 -4.87
N ASP A 33 3.22 16.09 -5.87
CA ASP A 33 1.85 15.64 -5.67
C ASP A 33 1.59 14.34 -6.42
N ALA A 34 2.55 13.42 -6.35
CA ALA A 34 2.43 12.14 -7.03
C ALA A 34 3.25 11.06 -6.32
N VAL A 35 2.63 9.92 -6.06
CA VAL A 35 3.31 8.82 -5.38
C VAL A 35 2.87 7.48 -5.95
N ARG A 36 3.81 6.79 -6.60
CA ARG A 36 3.52 5.49 -7.19
C ARG A 36 3.70 4.37 -6.17
N VAL A 37 2.59 3.84 -5.67
CA VAL A 37 2.62 2.78 -4.69
C VAL A 37 2.57 1.41 -5.36
N SER A 38 3.68 0.68 -5.27
CA SER A 38 3.77 -0.65 -5.88
C SER A 38 4.07 -1.71 -4.82
N TRP A 39 3.33 -2.81 -4.87
CA TRP A 39 3.51 -3.90 -3.92
C TRP A 39 3.65 -5.23 -4.64
N ALA A 40 3.86 -6.30 -3.88
CA ALA A 40 4.00 -7.64 -4.44
C ALA A 40 2.85 -8.54 -4.00
N ASP A 41 2.72 -9.69 -4.66
CA ASP A 41 1.67 -10.64 -4.34
C ASP A 41 2.26 -11.99 -3.98
N ASN A 42 1.77 -12.58 -2.90
CA ASN A 42 2.25 -13.89 -2.45
C ASN A 42 1.08 -14.84 -2.19
N SER A 43 0.13 -14.39 -1.39
CA SER A 43 -1.04 -15.21 -1.06
C SER A 43 -1.47 -16.05 -2.26
N VAL A 44 -1.23 -15.53 -3.46
CA VAL A 44 -1.59 -16.22 -4.69
C VAL A 44 -0.70 -17.44 -4.91
N PRO A 45 -1.33 -18.59 -5.18
CA PRO A 45 -0.60 -19.85 -5.42
C PRO A 45 0.15 -19.83 -6.74
N LYS A 46 1.09 -20.77 -6.90
CA LYS A 46 1.88 -20.88 -8.12
C LYS A 46 0.98 -20.82 -9.35
N ASN A 47 -0.15 -21.51 -9.29
CA ASN A 47 -1.09 -21.53 -10.40
C ASN A 47 -2.51 -21.23 -9.93
N GLN A 48 -3.17 -20.31 -10.61
CA GLN A 48 -4.54 -19.92 -10.25
C GLN A 48 -5.55 -20.65 -11.13
N LYS A 49 -5.48 -21.99 -11.12
CA LYS A 49 -6.40 -22.80 -11.91
C LYS A 49 -7.85 -22.44 -11.62
N THR A 50 -8.07 -21.78 -10.48
CA THR A 50 -9.42 -21.37 -10.08
C THR A 50 -9.74 -19.98 -10.61
N SER A 51 -11.03 -19.74 -10.84
CA SER A 51 -11.47 -18.44 -11.34
C SER A 51 -12.18 -17.65 -10.26
N GLU A 52 -11.40 -16.98 -9.41
CA GLU A 52 -11.95 -16.18 -8.31
C GLU A 52 -11.64 -14.70 -8.51
N VAL A 53 -12.67 -13.88 -8.48
CA VAL A 53 -12.52 -12.44 -8.65
C VAL A 53 -12.07 -11.77 -7.36
N ARG A 54 -11.18 -10.81 -7.47
CA ARG A 54 -10.67 -10.10 -6.30
C ARG A 54 -10.33 -8.65 -6.66
N LEU A 55 -10.47 -7.76 -5.68
CA LEU A 55 -10.19 -6.34 -5.88
C LEU A 55 -9.19 -5.84 -4.84
N TYR A 56 -8.27 -4.99 -5.29
CA TYR A 56 -7.25 -4.44 -4.40
C TYR A 56 -7.51 -2.96 -4.14
N THR A 57 -7.46 -2.57 -2.87
CA THR A 57 -7.68 -1.17 -2.49
C THR A 57 -6.41 -0.53 -1.96
N VAL A 58 -6.32 0.79 -2.08
CA VAL A 58 -5.15 1.53 -1.61
C VAL A 58 -5.56 2.79 -0.87
N ARG A 59 -5.10 2.91 0.37
CA ARG A 59 -5.42 4.08 1.20
C ARG A 59 -4.14 4.78 1.65
N TRP A 60 -4.30 5.99 2.19
CA TRP A 60 -3.17 6.76 2.66
C TRP A 60 -3.64 7.96 3.49
N ARG A 61 -2.91 8.25 4.56
CA ARG A 61 -3.25 9.37 5.44
C ARG A 61 -2.00 10.13 5.86
N THR A 62 -2.14 11.44 6.01
CA THR A 62 -1.03 12.30 6.40
C THR A 62 -0.27 11.70 7.59
N SER A 63 1.05 11.68 7.49
CA SER A 63 1.88 11.14 8.57
C SER A 63 2.25 12.23 9.57
N PHE A 64 2.05 11.92 10.85
CA PHE A 64 2.35 12.88 11.92
C PHE A 64 1.41 14.08 11.85
N SER A 65 0.17 13.85 11.45
CA SER A 65 -0.81 14.90 11.34
C SER A 65 -2.06 14.57 12.16
N ALA A 66 -3.07 15.42 12.05
CA ALA A 66 -4.32 15.22 12.78
C ALA A 66 -5.52 15.71 11.97
N SER A 67 -6.71 15.25 12.34
CA SER A 67 -7.92 15.63 11.64
C SER A 67 -7.79 15.39 10.13
N ALA A 68 -7.18 14.27 9.77
CA ALA A 68 -7.00 13.93 8.37
C ALA A 68 -7.95 12.81 7.94
N LYS A 69 -8.38 12.86 6.68
CA LYS A 69 -9.30 11.86 6.15
C LYS A 69 -8.53 10.74 5.44
N TYR A 70 -8.97 9.51 5.62
CA TYR A 70 -8.33 8.36 5.00
C TYR A 70 -8.89 8.12 3.60
N LYS A 71 -8.07 8.41 2.59
CA LYS A 71 -8.47 8.22 1.20
C LYS A 71 -8.36 6.76 0.79
N SER A 72 -9.09 6.38 -0.25
CA SER A 72 -9.07 5.01 -0.74
C SER A 72 -9.50 4.95 -2.21
N GLU A 73 -8.95 3.97 -2.93
CA GLU A 73 -9.27 3.81 -4.35
C GLU A 73 -9.26 2.33 -4.73
N ASP A 74 -10.23 1.92 -5.55
CA ASP A 74 -10.33 0.55 -6.00
C ASP A 74 -9.59 0.35 -7.31
N THR A 75 -8.56 -0.49 -7.29
CA THR A 75 -7.77 -0.76 -8.48
C THR A 75 -7.53 -2.26 -8.66
N THR A 76 -7.49 -2.71 -9.91
CA THR A 76 -7.27 -4.12 -10.21
C THR A 76 -5.81 -4.39 -10.54
N SER A 77 -4.96 -3.39 -10.32
CA SER A 77 -3.54 -3.52 -10.60
C SER A 77 -2.73 -3.59 -9.30
N LEU A 78 -1.47 -3.97 -9.42
CA LEU A 78 -0.60 -4.07 -8.25
C LEU A 78 0.16 -2.77 -8.01
N SER A 79 -0.35 -1.69 -8.58
CA SER A 79 0.28 -0.38 -8.44
C SER A 79 -0.74 0.75 -8.60
N TYR A 80 -0.73 1.69 -7.67
CA TYR A 80 -1.66 2.81 -7.70
C TYR A 80 -0.92 4.14 -7.57
N THR A 81 -1.36 5.13 -8.32
CA THR A 81 -0.74 6.45 -8.29
C THR A 81 -1.51 7.41 -7.39
N ALA A 82 -0.81 8.00 -6.43
CA ALA A 82 -1.42 8.94 -5.50
C ALA A 82 -1.26 10.38 -5.97
N THR A 83 -2.30 10.91 -6.61
CA THR A 83 -2.26 12.27 -7.12
C THR A 83 -3.01 13.23 -6.18
N GLY A 84 -2.67 14.50 -6.25
CA GLY A 84 -3.32 15.50 -5.41
C GLY A 84 -2.88 15.41 -3.97
N LEU A 85 -1.57 15.35 -3.76
CA LEU A 85 -1.01 15.26 -2.41
C LEU A 85 -0.32 16.57 -2.02
N LYS A 86 0.26 16.59 -0.82
CA LYS A 86 0.95 17.77 -0.33
C LYS A 86 2.46 17.64 -0.53
N PRO A 87 3.09 18.73 -0.98
CA PRO A 87 4.54 18.77 -1.22
C PRO A 87 5.34 18.72 0.07
N ASN A 88 6.60 18.30 -0.04
CA ASN A 88 7.48 18.21 1.12
C ASN A 88 6.74 17.58 2.31
N THR A 89 5.75 16.76 2.01
CA THR A 89 4.97 16.09 3.04
C THR A 89 4.86 14.60 2.77
N MET A 90 5.25 13.78 3.74
CA MET A 90 5.19 12.33 3.61
C MET A 90 4.01 11.76 4.37
N TYR A 91 3.51 10.62 3.92
CA TYR A 91 2.37 9.97 4.56
C TYR A 91 2.55 8.46 4.60
N GLU A 92 1.54 7.75 5.08
CA GLU A 92 1.59 6.30 5.16
C GLU A 92 0.59 5.66 4.19
N PHE A 93 1.10 4.77 3.35
CA PHE A 93 0.26 4.09 2.36
C PHE A 93 0.14 2.60 2.68
N SER A 94 -0.93 1.97 2.20
CA SER A 94 -1.15 0.56 2.43
C SER A 94 -2.00 -0.05 1.31
N VAL A 95 -2.10 -1.37 1.30
CA VAL A 95 -2.87 -2.08 0.30
C VAL A 95 -3.64 -3.24 0.90
N MET A 96 -4.84 -3.49 0.39
CA MET A 96 -5.67 -4.59 0.89
C MET A 96 -6.41 -5.26 -0.25
N VAL A 97 -7.27 -6.22 0.08
CA VAL A 97 -8.05 -6.95 -0.92
C VAL A 97 -9.46 -7.23 -0.43
N THR A 98 -10.42 -7.17 -1.34
CA THR A 98 -11.82 -7.41 -1.00
C THR A 98 -12.41 -8.52 -1.86
N LYS A 99 -12.45 -9.73 -1.31
CA LYS A 99 -12.99 -10.88 -2.02
C LYS A 99 -14.08 -11.56 -1.21
N ASN A 100 -15.10 -12.07 -1.90
CA ASN A 100 -16.21 -12.75 -1.24
C ASN A 100 -17.11 -11.75 -0.52
N ARG A 101 -17.52 -10.70 -1.23
CA ARG A 101 -18.38 -9.67 -0.67
C ARG A 101 -17.90 -9.27 0.72
N ARG A 102 -16.59 -9.29 0.93
CA ARG A 102 -16.01 -8.93 2.22
C ARG A 102 -14.61 -8.33 2.03
N SER A 103 -14.21 -7.49 2.98
CA SER A 103 -12.90 -6.85 2.93
C SER A 103 -11.97 -7.41 4.01
N SER A 104 -10.68 -7.46 3.70
CA SER A 104 -9.69 -7.98 4.64
C SER A 104 -8.86 -6.85 5.22
N THR A 105 -7.86 -7.21 6.02
CA THR A 105 -6.98 -6.23 6.65
C THR A 105 -5.95 -5.70 5.64
N TRP A 106 -5.39 -4.53 5.95
CA TRP A 106 -4.39 -3.93 5.07
C TRP A 106 -3.01 -4.48 5.38
N SER A 107 -2.20 -4.63 4.33
CA SER A 107 -0.85 -5.15 4.47
C SER A 107 0.07 -4.12 5.12
N MET A 108 1.31 -4.50 5.35
CA MET A 108 2.29 -3.61 5.96
C MET A 108 2.26 -2.24 5.30
N THR A 109 2.03 -1.20 6.11
CA THR A 109 1.98 0.16 5.60
C THR A 109 3.37 0.68 5.27
N ALA A 110 3.50 1.34 4.11
CA ALA A 110 4.78 1.88 3.69
C ALA A 110 4.78 3.40 3.80
N HIS A 111 5.96 4.00 3.63
CA HIS A 111 6.10 5.45 3.70
C HIS A 111 6.82 5.99 2.47
N ALA A 112 6.54 7.24 2.13
CA ALA A 112 7.16 7.89 0.98
C ALA A 112 6.90 9.39 0.98
N THR A 113 7.97 10.17 1.09
CA THR A 113 7.87 11.62 1.11
C THR A 113 7.82 12.19 -0.31
N THR A 114 7.23 13.37 -0.46
CA THR A 114 7.12 14.02 -1.75
C THR A 114 8.20 15.08 -1.93
N TYR A 115 8.50 15.40 -3.19
CA TYR A 115 9.51 16.41 -3.49
C TYR A 115 9.00 17.81 -3.15
N GLU A 116 9.84 18.59 -2.47
CA GLU A 116 9.47 19.95 -2.08
C GLU A 116 8.99 20.75 -3.29
N ALA A 117 7.81 21.34 -3.17
CA ALA A 117 7.24 22.12 -4.25
C ALA A 117 8.12 23.31 -4.60
N SER A 118 8.10 23.72 -5.86
CA SER A 118 8.90 24.84 -6.32
C SER A 118 10.39 24.51 -6.23
N GLY A 119 10.74 23.28 -6.59
CA GLY A 119 12.13 22.86 -6.54
C GLY A 119 12.44 22.01 -5.33
N PRO A 120 12.93 20.79 -5.57
CA PRO A 120 13.27 19.84 -4.50
C PRO A 120 14.49 20.28 -3.71
N SER A 121 14.80 19.55 -2.64
CA SER A 121 15.94 19.87 -1.79
C SER A 121 17.15 19.02 -2.16
N SER A 122 16.92 17.72 -2.34
CA SER A 122 17.99 16.80 -2.70
C SER A 122 17.80 16.28 -4.13
N GLY A 123 18.48 16.93 -5.08
CA GLY A 123 18.38 16.52 -6.47
C GLY A 123 19.73 16.21 -7.07
N GLY A 1 5.12 0.57 -16.74
CA GLY A 1 5.10 -0.28 -15.55
C GLY A 1 6.07 0.21 -14.49
N SER A 2 6.52 -0.71 -13.64
CA SER A 2 7.44 -0.37 -12.57
C SER A 2 8.88 -0.31 -13.09
N SER A 3 9.80 0.13 -12.24
CA SER A 3 11.20 0.23 -12.62
C SER A 3 12.00 -0.93 -12.05
N GLY A 4 11.84 -1.19 -10.76
CA GLY A 4 12.55 -2.27 -10.11
C GLY A 4 12.30 -2.34 -8.62
N SER A 5 11.50 -3.31 -8.20
CA SER A 5 11.16 -3.48 -6.79
C SER A 5 12.32 -4.12 -6.03
N SER A 6 12.43 -3.78 -4.75
CA SER A 6 13.50 -4.32 -3.91
C SER A 6 13.28 -3.93 -2.45
N GLY A 7 13.95 -4.64 -1.55
CA GLY A 7 13.83 -4.37 -0.14
C GLY A 7 13.91 -5.62 0.72
N PHE A 8 13.53 -5.49 1.99
CA PHE A 8 13.57 -6.63 2.90
C PHE A 8 12.23 -6.79 3.62
N PRO A 9 11.40 -7.72 3.11
CA PRO A 9 10.08 -7.99 3.67
C PRO A 9 10.17 -8.70 5.03
N THR A 10 9.01 -9.01 5.60
CA THR A 10 8.96 -9.67 6.90
C THR A 10 8.69 -11.17 6.73
N SER A 11 9.33 -11.97 7.58
CA SER A 11 9.17 -13.42 7.52
C SER A 11 7.96 -13.86 8.35
N VAL A 12 6.80 -13.92 7.72
CA VAL A 12 5.58 -14.33 8.39
C VAL A 12 5.03 -15.63 7.81
N PRO A 13 4.65 -16.56 8.70
CA PRO A 13 4.11 -17.86 8.29
C PRO A 13 2.71 -17.73 7.68
N ASP A 14 2.26 -18.79 7.01
CA ASP A 14 0.95 -18.80 6.39
C ASP A 14 0.33 -20.19 6.45
N LEU A 15 -0.67 -20.34 7.32
CA LEU A 15 -1.35 -21.62 7.49
C LEU A 15 -2.55 -21.48 8.41
N SER A 16 -3.65 -22.14 8.06
CA SER A 16 -4.88 -22.09 8.84
C SER A 16 -5.26 -20.64 9.16
N THR A 17 -5.15 -19.78 8.15
CA THR A 17 -5.47 -18.37 8.33
C THR A 17 -6.40 -17.88 7.22
N PRO A 18 -7.17 -16.82 7.51
CA PRO A 18 -8.11 -16.24 6.55
C PRO A 18 -7.39 -15.54 5.39
N MET A 19 -8.15 -14.74 4.65
CA MET A 19 -7.59 -14.00 3.51
C MET A 19 -6.16 -13.57 3.79
N LEU A 20 -5.31 -13.61 2.76
CA LEU A 20 -3.92 -13.21 2.91
C LEU A 20 -3.64 -11.91 2.18
N PRO A 21 -3.27 -10.86 2.95
CA PRO A 21 -2.97 -9.55 2.39
C PRO A 21 -1.67 -9.54 1.57
N PRO A 22 -1.44 -8.42 0.85
CA PRO A 22 -0.24 -8.27 0.02
C PRO A 22 1.03 -8.13 0.86
N VAL A 23 2.16 -8.00 0.18
CA VAL A 23 3.44 -7.85 0.86
C VAL A 23 4.38 -6.94 0.07
N GLY A 24 5.59 -6.75 0.59
CA GLY A 24 6.57 -5.91 -0.08
C GLY A 24 5.99 -4.58 -0.52
N VAL A 25 4.95 -4.13 0.20
CA VAL A 25 4.31 -2.87 -0.13
C VAL A 25 5.30 -1.72 -0.14
N GLN A 26 5.61 -1.22 -1.33
CA GLN A 26 6.55 -0.11 -1.47
C GLN A 26 5.85 1.14 -2.00
N ALA A 27 6.19 2.29 -1.43
CA ALA A 27 5.59 3.55 -1.83
C ALA A 27 6.59 4.41 -2.60
N VAL A 28 6.50 4.37 -3.93
CA VAL A 28 7.40 5.14 -4.78
C VAL A 28 6.88 6.57 -4.97
N ALA A 29 7.79 7.54 -4.86
CA ALA A 29 7.44 8.94 -5.01
C ALA A 29 7.79 9.44 -6.42
N LEU A 30 6.76 9.72 -7.21
CA LEU A 30 6.96 10.21 -8.57
C LEU A 30 7.27 11.70 -8.57
N THR A 31 6.44 12.49 -7.91
CA THR A 31 6.62 13.92 -7.84
C THR A 31 6.08 14.49 -6.52
N HIS A 32 6.28 15.79 -6.31
CA HIS A 32 5.81 16.44 -5.09
C HIS A 32 4.37 16.03 -4.77
N ASP A 33 3.53 16.00 -5.80
CA ASP A 33 2.13 15.62 -5.62
C ASP A 33 1.82 14.33 -6.39
N ALA A 34 2.75 13.38 -6.33
CA ALA A 34 2.56 12.10 -7.02
C ALA A 34 3.35 11.00 -6.33
N VAL A 35 2.69 9.87 -6.09
CA VAL A 35 3.33 8.73 -5.44
C VAL A 35 2.82 7.41 -6.01
N ARG A 36 3.73 6.67 -6.65
CA ARG A 36 3.38 5.39 -7.25
C ARG A 36 3.55 4.25 -6.25
N VAL A 37 2.43 3.75 -5.73
CA VAL A 37 2.46 2.66 -4.76
C VAL A 37 2.40 1.31 -5.45
N SER A 38 3.54 0.61 -5.47
CA SER A 38 3.63 -0.70 -6.10
C SER A 38 3.96 -1.78 -5.07
N TRP A 39 3.13 -2.82 -5.04
CA TRP A 39 3.34 -3.92 -4.10
C TRP A 39 3.38 -5.26 -4.83
N ALA A 40 3.74 -6.32 -4.11
CA ALA A 40 3.82 -7.65 -4.69
C ALA A 40 2.74 -8.56 -4.13
N ASP A 41 2.31 -9.53 -4.94
CA ASP A 41 1.28 -10.47 -4.51
C ASP A 41 1.89 -11.81 -4.10
N ASN A 42 1.67 -12.20 -2.85
CA ASN A 42 2.20 -13.45 -2.34
C ASN A 42 1.08 -14.46 -2.10
N SER A 43 -0.01 -13.99 -1.50
CA SER A 43 -1.14 -14.86 -1.20
C SER A 43 -1.33 -15.90 -2.31
N VAL A 44 -1.00 -15.52 -3.53
CA VAL A 44 -1.13 -16.42 -4.67
C VAL A 44 -0.09 -17.54 -4.60
N PRO A 45 -0.48 -18.75 -5.03
CA PRO A 45 0.40 -19.92 -5.04
C PRO A 45 1.51 -19.80 -6.08
N LYS A 46 2.40 -20.79 -6.10
CA LYS A 46 3.50 -20.80 -7.05
C LYS A 46 3.00 -20.62 -8.47
N ASN A 47 1.94 -21.35 -8.81
CA ASN A 47 1.35 -21.26 -10.15
C ASN A 47 -0.14 -20.91 -10.08
N GLN A 48 -0.54 -19.96 -10.90
CA GLN A 48 -1.94 -19.51 -10.93
C GLN A 48 -2.24 -18.76 -12.22
N LYS A 49 -3.05 -19.37 -13.08
CA LYS A 49 -3.43 -18.75 -14.34
C LYS A 49 -4.81 -18.11 -14.25
N THR A 50 -5.75 -18.84 -13.67
CA THR A 50 -7.12 -18.34 -13.52
C THR A 50 -7.49 -18.20 -12.04
N SER A 51 -7.47 -16.97 -11.55
CA SER A 51 -7.81 -16.70 -10.15
C SER A 51 -9.17 -16.03 -10.04
N GLU A 52 -9.87 -16.29 -8.93
CA GLU A 52 -11.18 -15.71 -8.71
C GLU A 52 -11.10 -14.19 -8.63
N VAL A 53 -12.00 -13.51 -9.34
CA VAL A 53 -12.03 -12.05 -9.35
C VAL A 53 -11.64 -11.49 -8.00
N ARG A 54 -10.76 -10.48 -8.00
CA ARG A 54 -10.30 -9.86 -6.77
C ARG A 54 -10.16 -8.35 -6.96
N LEU A 55 -9.88 -7.65 -5.86
CA LEU A 55 -9.71 -6.20 -5.91
C LEU A 55 -8.78 -5.73 -4.79
N TYR A 56 -7.92 -4.77 -5.11
CA TYR A 56 -6.97 -4.23 -4.15
C TYR A 56 -7.25 -2.75 -3.87
N THR A 57 -7.49 -2.42 -2.61
CA THR A 57 -7.77 -1.05 -2.21
C THR A 57 -6.50 -0.33 -1.80
N VAL A 58 -6.52 1.00 -1.90
CA VAL A 58 -5.36 1.81 -1.53
C VAL A 58 -5.78 3.07 -0.79
N ARG A 59 -5.20 3.28 0.38
CA ARG A 59 -5.52 4.45 1.20
C ARG A 59 -4.25 5.14 1.68
N TRP A 60 -4.37 6.41 2.04
CA TRP A 60 -3.23 7.18 2.52
C TRP A 60 -3.69 8.45 3.24
N ARG A 61 -3.08 8.72 4.39
CA ARG A 61 -3.43 9.90 5.18
C ARG A 61 -2.19 10.53 5.79
N THR A 62 -2.21 11.85 5.93
CA THR A 62 -1.07 12.58 6.50
C THR A 62 -0.57 11.88 7.75
N SER A 63 0.76 11.85 7.90
CA SER A 63 1.38 11.22 9.06
C SER A 63 1.41 12.17 10.25
N PHE A 64 0.66 11.82 11.29
CA PHE A 64 0.59 12.64 12.49
C PHE A 64 -0.19 13.92 12.24
N SER A 65 -1.42 13.77 11.75
CA SER A 65 -2.27 14.92 11.46
C SER A 65 -3.55 14.88 12.30
N ALA A 66 -4.44 15.82 12.05
CA ALA A 66 -5.70 15.90 12.79
C ALA A 66 -6.86 16.24 11.85
N SER A 67 -7.98 15.57 12.05
CA SER A 67 -9.16 15.79 11.23
C SER A 67 -8.84 15.61 9.74
N ALA A 68 -8.13 14.52 9.43
CA ALA A 68 -7.76 14.24 8.05
C ALA A 68 -8.57 13.06 7.51
N LYS A 69 -9.46 13.35 6.56
CA LYS A 69 -10.29 12.32 5.96
C LYS A 69 -9.45 11.36 5.13
N TYR A 70 -9.42 10.10 5.55
CA TYR A 70 -8.65 9.08 4.85
C TYR A 70 -9.20 8.84 3.45
N LYS A 71 -8.30 8.70 2.47
CA LYS A 71 -8.70 8.48 1.09
C LYS A 71 -8.62 6.99 0.74
N SER A 72 -9.45 6.57 -0.20
CA SER A 72 -9.48 5.17 -0.63
C SER A 72 -9.90 5.05 -2.09
N GLU A 73 -9.18 4.24 -2.85
CA GLU A 73 -9.48 4.04 -4.26
C GLU A 73 -9.44 2.56 -4.62
N ASP A 74 -10.30 2.16 -5.56
CA ASP A 74 -10.37 0.77 -5.99
C ASP A 74 -9.58 0.57 -7.27
N THR A 75 -8.56 -0.31 -7.21
CA THR A 75 -7.73 -0.59 -8.36
C THR A 75 -7.53 -2.10 -8.54
N THR A 76 -7.84 -2.60 -9.73
CA THR A 76 -7.69 -4.01 -10.03
C THR A 76 -6.26 -4.35 -10.42
N SER A 77 -5.32 -3.53 -9.96
CA SER A 77 -3.91 -3.73 -10.28
C SER A 77 -3.05 -3.67 -9.01
N LEU A 78 -1.80 -4.06 -9.13
CA LEU A 78 -0.87 -4.04 -8.00
C LEU A 78 -0.06 -2.75 -7.98
N SER A 79 -0.64 -1.68 -8.53
CA SER A 79 0.02 -0.39 -8.58
C SER A 79 -0.99 0.75 -8.73
N TYR A 80 -0.81 1.79 -7.93
CA TYR A 80 -1.71 2.94 -7.97
C TYR A 80 -0.93 4.25 -7.87
N THR A 81 -1.36 5.24 -8.64
CA THR A 81 -0.70 6.55 -8.63
C THR A 81 -1.48 7.54 -7.77
N ALA A 82 -0.86 7.96 -6.67
CA ALA A 82 -1.49 8.92 -5.77
C ALA A 82 -1.19 10.35 -6.19
N THR A 83 -2.13 10.96 -6.91
CA THR A 83 -1.96 12.33 -7.38
C THR A 83 -2.77 13.30 -6.54
N GLY A 84 -2.28 14.53 -6.40
CA GLY A 84 -2.98 15.53 -5.63
C GLY A 84 -2.64 15.46 -4.15
N LEU A 85 -1.36 15.35 -3.84
CA LEU A 85 -0.90 15.27 -2.46
C LEU A 85 -0.20 16.56 -2.03
N LYS A 86 0.33 16.57 -0.81
CA LYS A 86 1.03 17.73 -0.29
C LYS A 86 2.53 17.59 -0.47
N PRO A 87 3.18 18.65 -0.96
CA PRO A 87 4.63 18.67 -1.19
C PRO A 87 5.41 18.69 0.12
N ASN A 88 6.58 18.05 0.11
CA ASN A 88 7.43 18.00 1.30
C ASN A 88 6.66 17.41 2.49
N THR A 89 5.75 16.48 2.20
CA THR A 89 4.95 15.86 3.24
C THR A 89 4.78 14.36 2.97
N MET A 90 5.13 13.54 3.97
CA MET A 90 5.01 12.10 3.83
C MET A 90 3.76 11.59 4.53
N TYR A 91 3.24 10.46 4.05
CA TYR A 91 2.04 9.87 4.63
C TYR A 91 2.18 8.36 4.75
N GLU A 92 1.15 7.72 5.30
CA GLU A 92 1.16 6.27 5.46
C GLU A 92 0.32 5.59 4.38
N PHE A 93 0.94 4.65 3.67
CA PHE A 93 0.25 3.94 2.61
C PHE A 93 0.03 2.48 2.99
N SER A 94 -1.04 1.89 2.46
CA SER A 94 -1.37 0.49 2.76
C SER A 94 -2.17 -0.13 1.62
N VAL A 95 -2.15 -1.46 1.54
CA VAL A 95 -2.89 -2.17 0.50
C VAL A 95 -3.55 -3.42 1.05
N MET A 96 -4.70 -3.77 0.51
CA MET A 96 -5.44 -4.95 0.95
C MET A 96 -6.13 -5.63 -0.23
N VAL A 97 -6.91 -6.66 0.07
CA VAL A 97 -7.63 -7.41 -0.96
C VAL A 97 -9.02 -7.79 -0.49
N THR A 98 -9.99 -7.71 -1.40
CA THR A 98 -11.37 -8.06 -1.07
C THR A 98 -11.89 -9.15 -2.00
N LYS A 99 -11.79 -10.40 -1.55
CA LYS A 99 -12.27 -11.54 -2.33
C LYS A 99 -13.26 -12.38 -1.54
N ASN A 100 -14.16 -13.04 -2.26
CA ASN A 100 -15.18 -13.88 -1.62
C ASN A 100 -16.23 -13.02 -0.92
N ARG A 101 -16.56 -11.88 -1.54
CA ARG A 101 -17.56 -10.97 -0.98
C ARG A 101 -17.17 -10.56 0.43
N ARG A 102 -15.87 -10.48 0.69
CA ARG A 102 -15.36 -10.09 2.00
C ARG A 102 -14.05 -9.33 1.88
N SER A 103 -13.76 -8.49 2.87
CA SER A 103 -12.53 -7.71 2.87
C SER A 103 -11.51 -8.30 3.84
N SER A 104 -10.24 -8.27 3.45
CA SER A 104 -9.17 -8.79 4.28
C SER A 104 -8.46 -7.67 5.03
N THR A 105 -7.41 -8.03 5.75
CA THR A 105 -6.63 -7.06 6.51
C THR A 105 -5.61 -6.35 5.64
N TRP A 106 -5.08 -5.24 6.13
CA TRP A 106 -4.09 -4.47 5.39
C TRP A 106 -2.69 -5.05 5.59
N SER A 107 -1.75 -4.61 4.74
CA SER A 107 -0.37 -5.09 4.82
C SER A 107 0.55 -4.00 5.37
N MET A 108 1.79 -4.38 5.67
CA MET A 108 2.76 -3.43 6.20
C MET A 108 2.64 -2.08 5.50
N THR A 109 2.76 -1.00 6.27
CA THR A 109 2.66 0.34 5.72
C THR A 109 3.98 0.76 5.07
N ALA A 110 3.88 1.62 4.05
CA ALA A 110 5.05 2.10 3.34
C ALA A 110 5.20 3.61 3.47
N HIS A 111 6.30 4.05 4.05
CA HIS A 111 6.56 5.47 4.23
C HIS A 111 7.36 6.03 3.06
N ALA A 112 6.83 7.10 2.45
CA ALA A 112 7.50 7.73 1.32
C ALA A 112 7.17 9.22 1.26
N THR A 113 8.17 10.06 1.52
CA THR A 113 7.99 11.50 1.49
C THR A 113 8.04 12.03 0.06
N THR A 114 7.29 13.10 -0.19
CA THR A 114 7.25 13.70 -1.52
C THR A 114 8.37 14.72 -1.69
N TYR A 115 8.67 15.05 -2.95
CA TYR A 115 9.73 16.01 -3.24
C TYR A 115 9.26 17.43 -2.96
N GLU A 116 10.16 18.26 -2.43
CA GLU A 116 9.84 19.64 -2.11
C GLU A 116 9.49 20.42 -3.37
N ALA A 117 8.23 20.81 -3.49
CA ALA A 117 7.77 21.57 -4.65
C ALA A 117 8.72 22.72 -4.96
N SER A 118 9.27 23.33 -3.92
CA SER A 118 10.20 24.45 -4.10
C SER A 118 11.53 23.97 -4.65
N GLY A 119 12.10 22.96 -4.01
CA GLY A 119 13.38 22.42 -4.44
C GLY A 119 13.33 21.89 -5.86
N PRO A 120 14.09 22.51 -6.76
CA PRO A 120 14.14 22.10 -8.17
C PRO A 120 14.84 20.76 -8.36
N SER A 121 14.98 20.35 -9.62
CA SER A 121 15.63 19.08 -9.93
C SER A 121 17.11 19.28 -10.21
N SER A 122 17.86 18.18 -10.27
CA SER A 122 19.29 18.24 -10.51
C SER A 122 19.86 16.84 -10.75
N GLY A 123 21.07 16.78 -11.29
CA GLY A 123 21.70 15.50 -11.56
C GLY A 123 23.18 15.50 -11.22
N GLY A 1 4.46 -20.79 -21.63
CA GLY A 1 3.97 -20.68 -20.26
C GLY A 1 5.01 -20.13 -19.32
N SER A 2 5.21 -18.82 -19.35
CA SER A 2 6.19 -18.16 -18.49
C SER A 2 5.61 -17.91 -17.11
N SER A 3 6.47 -17.95 -16.10
CA SER A 3 6.05 -17.74 -14.72
C SER A 3 7.06 -16.87 -13.98
N GLY A 4 6.77 -16.59 -12.70
CA GLY A 4 7.66 -15.78 -11.90
C GLY A 4 8.26 -16.54 -10.74
N SER A 5 8.87 -15.82 -9.81
CA SER A 5 9.49 -16.44 -8.64
C SER A 5 9.86 -15.40 -7.59
N SER A 6 9.73 -15.77 -6.32
CA SER A 6 10.05 -14.85 -5.23
C SER A 6 11.20 -15.40 -4.39
N GLY A 7 11.09 -16.66 -3.99
CA GLY A 7 12.12 -17.28 -3.19
C GLY A 7 12.56 -16.41 -2.03
N PHE A 8 11.69 -16.26 -1.04
CA PHE A 8 12.00 -15.44 0.14
C PHE A 8 11.77 -16.23 1.43
N PRO A 9 12.80 -16.28 2.28
CA PRO A 9 12.75 -16.99 3.55
C PRO A 9 11.82 -16.31 4.56
N THR A 10 11.18 -15.22 4.13
CA THR A 10 10.27 -14.48 4.99
C THR A 10 9.42 -15.42 5.83
N SER A 11 9.11 -15.00 7.04
CA SER A 11 8.30 -15.80 7.96
C SER A 11 6.85 -15.88 7.48
N VAL A 12 6.06 -16.69 8.18
CA VAL A 12 4.65 -16.85 7.82
C VAL A 12 3.77 -15.88 8.58
N PRO A 13 2.70 -15.41 7.93
CA PRO A 13 1.75 -14.47 8.53
C PRO A 13 0.92 -15.10 9.65
N ASP A 14 0.96 -14.48 10.83
CA ASP A 14 0.23 -14.98 11.98
C ASP A 14 -1.22 -14.47 11.96
N LEU A 15 -1.84 -14.53 10.78
CA LEU A 15 -3.21 -14.07 10.62
C LEU A 15 -4.16 -15.26 10.41
N SER A 16 -5.04 -15.49 11.37
CA SER A 16 -6.00 -16.59 11.28
C SER A 16 -7.27 -16.16 10.55
N THR A 17 -7.08 -15.42 9.46
CA THR A 17 -8.21 -14.94 8.67
C THR A 17 -8.36 -15.74 7.39
N PRO A 18 -9.61 -15.84 6.90
CA PRO A 18 -9.93 -16.58 5.68
C PRO A 18 -9.39 -15.89 4.43
N MET A 19 -8.65 -14.81 4.62
CA MET A 19 -8.07 -14.06 3.52
C MET A 19 -6.59 -13.80 3.74
N LEU A 20 -5.98 -13.05 2.83
CA LEU A 20 -4.56 -12.73 2.94
C LEU A 20 -4.21 -11.52 2.09
N PRO A 21 -3.85 -10.41 2.76
CA PRO A 21 -3.49 -9.16 2.08
C PRO A 21 -2.15 -9.27 1.35
N PRO A 22 -1.84 -8.23 0.55
CA PRO A 22 -0.59 -8.19 -0.23
C PRO A 22 0.64 -8.02 0.66
N VAL A 23 1.81 -8.00 0.04
CA VAL A 23 3.06 -7.84 0.77
C VAL A 23 4.05 -6.99 -0.01
N GLY A 24 5.24 -6.79 0.56
CA GLY A 24 6.26 -5.99 -0.11
C GLY A 24 5.72 -4.67 -0.59
N VAL A 25 4.90 -4.02 0.23
CA VAL A 25 4.33 -2.73 -0.13
C VAL A 25 5.39 -1.66 -0.22
N GLN A 26 5.58 -1.12 -1.43
CA GLN A 26 6.57 -0.08 -1.65
C GLN A 26 5.92 1.23 -2.09
N ALA A 27 6.36 2.33 -1.50
CA ALA A 27 5.81 3.65 -1.83
C ALA A 27 6.83 4.49 -2.59
N VAL A 28 6.66 4.57 -3.90
CA VAL A 28 7.56 5.36 -4.73
C VAL A 28 7.03 6.77 -4.95
N ALA A 29 7.92 7.75 -4.83
CA ALA A 29 7.55 9.15 -4.99
C ALA A 29 7.83 9.62 -6.43
N LEU A 30 6.77 9.93 -7.16
CA LEU A 30 6.91 10.39 -8.55
C LEU A 30 7.17 11.88 -8.60
N THR A 31 6.32 12.65 -7.92
CA THR A 31 6.47 14.11 -7.89
C THR A 31 5.99 14.67 -6.56
N HIS A 32 6.15 15.99 -6.39
CA HIS A 32 5.74 16.65 -5.16
C HIS A 32 4.29 16.29 -4.81
N ASP A 33 3.45 16.16 -5.82
CA ASP A 33 2.05 15.81 -5.62
C ASP A 33 1.71 14.50 -6.31
N ALA A 34 2.62 13.53 -6.21
CA ALA A 34 2.40 12.22 -6.82
C ALA A 34 3.23 11.14 -6.12
N VAL A 35 2.67 9.95 -6.02
CA VAL A 35 3.35 8.83 -5.38
C VAL A 35 2.87 7.50 -5.95
N ARG A 36 3.80 6.76 -6.56
CA ARG A 36 3.47 5.46 -7.13
C ARG A 36 3.68 4.34 -6.12
N VAL A 37 2.59 3.78 -5.64
CA VAL A 37 2.65 2.70 -4.66
C VAL A 37 2.58 1.34 -5.35
N SER A 38 3.72 0.66 -5.42
CA SER A 38 3.79 -0.65 -6.05
C SER A 38 4.13 -1.73 -5.03
N TRP A 39 3.30 -2.76 -4.96
CA TRP A 39 3.52 -3.86 -4.03
C TRP A 39 3.66 -5.18 -4.77
N ALA A 40 3.77 -6.27 -4.01
CA ALA A 40 3.92 -7.60 -4.60
C ALA A 40 2.78 -8.52 -4.17
N ASP A 41 2.66 -9.66 -4.83
CA ASP A 41 1.61 -10.63 -4.53
C ASP A 41 2.20 -11.97 -4.14
N ASN A 42 1.83 -12.47 -2.96
CA ASN A 42 2.33 -13.75 -2.48
C ASN A 42 1.25 -14.82 -2.55
N SER A 43 0.03 -14.44 -2.17
CA SER A 43 -1.10 -15.37 -2.18
C SER A 43 -1.16 -16.14 -3.49
N VAL A 44 -0.53 -15.58 -4.52
CA VAL A 44 -0.50 -16.21 -5.84
C VAL A 44 0.88 -16.77 -6.16
N PRO A 45 0.98 -18.10 -6.23
CA PRO A 45 2.23 -18.78 -6.52
C PRO A 45 2.68 -18.58 -7.96
N LYS A 46 2.26 -19.48 -8.86
CA LYS A 46 2.62 -19.39 -10.26
C LYS A 46 1.68 -20.26 -11.11
N ASN A 47 1.56 -19.91 -12.39
CA ASN A 47 0.70 -20.65 -13.30
C ASN A 47 -0.58 -21.11 -12.60
N GLN A 48 -1.23 -20.18 -11.91
CA GLN A 48 -2.46 -20.48 -11.20
C GLN A 48 -3.57 -19.52 -11.60
N LYS A 49 -4.27 -19.86 -12.69
CA LYS A 49 -5.36 -19.03 -13.19
C LYS A 49 -6.62 -19.22 -12.34
N THR A 50 -6.67 -18.55 -11.20
CA THR A 50 -7.81 -18.65 -10.30
C THR A 50 -9.06 -18.06 -10.93
N SER A 51 -10.09 -18.89 -11.09
CA SER A 51 -11.35 -18.45 -11.69
C SER A 51 -11.91 -17.24 -10.95
N GLU A 52 -11.91 -17.33 -9.62
CA GLU A 52 -12.43 -16.25 -8.79
C GLU A 52 -11.56 -15.00 -8.91
N VAL A 53 -12.17 -13.84 -8.72
CA VAL A 53 -11.45 -12.57 -8.80
C VAL A 53 -11.60 -11.77 -7.52
N ARG A 54 -10.67 -10.84 -7.30
CA ARG A 54 -10.70 -10.00 -6.10
C ARG A 54 -10.35 -8.55 -6.46
N LEU A 55 -10.42 -7.68 -5.45
CA LEU A 55 -10.11 -6.26 -5.65
C LEU A 55 -9.10 -5.78 -4.62
N TYR A 56 -8.23 -4.86 -5.03
CA TYR A 56 -7.22 -4.31 -4.15
C TYR A 56 -7.51 -2.84 -3.83
N THR A 57 -7.58 -2.53 -2.54
CA THR A 57 -7.84 -1.16 -2.11
C THR A 57 -6.57 -0.48 -1.61
N VAL A 58 -6.50 0.83 -1.80
CA VAL A 58 -5.34 1.60 -1.36
C VAL A 58 -5.75 2.86 -0.61
N ARG A 59 -5.22 3.02 0.60
CA ARG A 59 -5.55 4.18 1.43
C ARG A 59 -4.28 4.87 1.90
N TRP A 60 -4.35 6.19 2.02
CA TRP A 60 -3.20 6.98 2.47
C TRP A 60 -3.65 8.25 3.17
N ARG A 61 -3.15 8.45 4.39
CA ARG A 61 -3.51 9.62 5.18
C ARG A 61 -2.26 10.31 5.73
N THR A 62 -2.27 11.64 5.73
CA THR A 62 -1.14 12.41 6.23
C THR A 62 -0.53 11.75 7.46
N SER A 63 0.79 11.61 7.46
CA SER A 63 1.49 11.00 8.58
C SER A 63 1.73 12.02 9.69
N PHE A 64 1.29 11.69 10.90
CA PHE A 64 1.46 12.58 12.05
C PHE A 64 0.76 13.91 11.81
N SER A 65 -0.52 13.84 11.45
CA SER A 65 -1.30 15.04 11.20
C SER A 65 -2.63 15.00 11.95
N ALA A 66 -3.29 16.15 12.05
CA ALA A 66 -4.57 16.23 12.73
C ALA A 66 -5.64 16.86 11.84
N SER A 67 -6.88 16.47 12.06
CA SER A 67 -8.00 16.98 11.27
C SER A 67 -7.83 16.62 9.79
N ALA A 68 -7.54 15.36 9.53
CA ALA A 68 -7.36 14.88 8.17
C ALA A 68 -8.34 13.75 7.84
N LYS A 69 -8.45 13.42 6.56
CA LYS A 69 -9.34 12.36 6.11
C LYS A 69 -8.58 11.29 5.35
N TYR A 70 -8.97 10.04 5.55
CA TYR A 70 -8.32 8.91 4.89
C TYR A 70 -8.87 8.71 3.48
N LYS A 71 -7.97 8.62 2.51
CA LYS A 71 -8.37 8.43 1.12
C LYS A 71 -8.43 6.94 0.77
N SER A 72 -9.18 6.62 -0.28
CA SER A 72 -9.32 5.23 -0.72
C SER A 72 -9.63 5.17 -2.21
N GLU A 73 -9.02 4.21 -2.89
CA GLU A 73 -9.23 4.03 -4.33
C GLU A 73 -9.22 2.55 -4.71
N ASP A 74 -10.00 2.20 -5.73
CA ASP A 74 -10.08 0.83 -6.19
C ASP A 74 -9.23 0.62 -7.43
N THR A 75 -8.29 -0.31 -7.36
CA THR A 75 -7.41 -0.60 -8.49
C THR A 75 -7.27 -2.10 -8.70
N THR A 76 -7.39 -2.53 -9.95
CA THR A 76 -7.28 -3.95 -10.29
C THR A 76 -5.84 -4.31 -10.64
N SER A 77 -4.89 -3.55 -10.11
CA SER A 77 -3.48 -3.81 -10.36
C SER A 77 -2.67 -3.74 -9.07
N LEU A 78 -1.39 -4.08 -9.15
CA LEU A 78 -0.52 -4.06 -7.99
C LEU A 78 0.24 -2.73 -7.90
N SER A 79 -0.33 -1.70 -8.48
CA SER A 79 0.27 -0.37 -8.47
C SER A 79 -0.79 0.72 -8.57
N TYR A 80 -0.59 1.81 -7.84
CA TYR A 80 -1.53 2.92 -7.84
C TYR A 80 -0.79 4.26 -7.74
N THR A 81 -1.22 5.23 -8.54
CA THR A 81 -0.60 6.54 -8.53
C THR A 81 -1.42 7.53 -7.70
N ALA A 82 -0.89 7.89 -6.54
CA ALA A 82 -1.57 8.84 -5.65
C ALA A 82 -1.34 10.28 -6.10
N THR A 83 -2.33 10.83 -6.80
CA THR A 83 -2.23 12.20 -7.30
C THR A 83 -3.03 13.15 -6.41
N GLY A 84 -2.54 14.39 -6.30
CA GLY A 84 -3.22 15.38 -5.48
C GLY A 84 -2.80 15.32 -4.03
N LEU A 85 -1.49 15.28 -3.79
CA LEU A 85 -0.95 15.22 -2.44
C LEU A 85 -0.27 16.52 -2.06
N LYS A 86 0.23 16.59 -0.83
CA LYS A 86 0.91 17.79 -0.35
C LYS A 86 2.42 17.63 -0.47
N PRO A 87 3.10 18.69 -0.93
CA PRO A 87 4.55 18.70 -1.10
C PRO A 87 5.28 18.69 0.23
N ASN A 88 6.55 18.27 0.20
CA ASN A 88 7.37 18.22 1.41
C ASN A 88 6.59 17.58 2.56
N THR A 89 5.76 16.58 2.24
CA THR A 89 4.97 15.89 3.25
C THR A 89 4.85 14.40 2.93
N MET A 90 5.19 13.57 3.90
CA MET A 90 5.12 12.13 3.73
C MET A 90 3.91 11.55 4.44
N TYR A 91 3.41 10.42 3.94
CA TYR A 91 2.24 9.77 4.52
C TYR A 91 2.44 8.26 4.58
N GLU A 92 1.40 7.55 5.02
CA GLU A 92 1.45 6.10 5.12
C GLU A 92 0.51 5.44 4.12
N PHE A 93 1.06 4.54 3.31
CA PHE A 93 0.26 3.84 2.31
C PHE A 93 0.14 2.35 2.64
N SER A 94 -0.96 1.74 2.23
CA SER A 94 -1.20 0.33 2.48
C SER A 94 -2.09 -0.28 1.40
N VAL A 95 -2.22 -1.60 1.44
CA VAL A 95 -3.04 -2.30 0.45
C VAL A 95 -3.76 -3.48 1.09
N MET A 96 -4.91 -3.85 0.53
CA MET A 96 -5.70 -4.96 1.05
C MET A 96 -6.46 -5.65 -0.08
N VAL A 97 -7.30 -6.62 0.29
CA VAL A 97 -8.08 -7.36 -0.69
C VAL A 97 -9.51 -7.59 -0.19
N THR A 98 -10.46 -7.59 -1.12
CA THR A 98 -11.86 -7.81 -0.77
C THR A 98 -12.47 -8.91 -1.62
N LYS A 99 -12.61 -10.10 -1.04
CA LYS A 99 -13.20 -11.24 -1.75
C LYS A 99 -14.42 -11.76 -1.02
N ASN A 100 -15.31 -12.42 -1.75
CA ASN A 100 -16.52 -12.98 -1.17
C ASN A 100 -17.38 -11.88 -0.53
N ARG A 101 -17.29 -10.68 -1.08
CA ARG A 101 -18.04 -9.54 -0.57
C ARG A 101 -17.60 -9.19 0.85
N ARG A 102 -16.37 -9.55 1.18
CA ARG A 102 -15.82 -9.27 2.51
C ARG A 102 -14.38 -8.78 2.41
N SER A 103 -13.99 -7.92 3.35
CA SER A 103 -12.64 -7.38 3.37
C SER A 103 -11.76 -8.15 4.34
N SER A 104 -10.46 -8.22 4.03
CA SER A 104 -9.50 -8.94 4.87
C SER A 104 -8.79 -7.98 5.81
N THR A 105 -7.75 -7.33 5.30
CA THR A 105 -6.97 -6.39 6.10
C THR A 105 -5.89 -5.72 5.26
N TRP A 106 -5.25 -4.70 5.84
CA TRP A 106 -4.20 -3.98 5.14
C TRP A 106 -2.82 -4.57 5.46
N SER A 107 -1.96 -4.64 4.45
CA SER A 107 -0.63 -5.18 4.62
C SER A 107 0.31 -4.15 5.26
N MET A 108 1.57 -4.53 5.43
CA MET A 108 2.56 -3.62 6.02
C MET A 108 2.50 -2.25 5.37
N THR A 109 2.28 -1.22 6.18
CA THR A 109 2.20 0.14 5.69
C THR A 109 3.59 0.68 5.35
N ALA A 110 3.67 1.45 4.27
CA ALA A 110 4.94 2.02 3.83
C ALA A 110 4.94 3.54 4.01
N HIS A 111 6.11 4.15 3.84
CA HIS A 111 6.24 5.59 3.98
C HIS A 111 7.08 6.17 2.84
N ALA A 112 6.60 7.29 2.28
CA ALA A 112 7.30 7.94 1.18
C ALA A 112 7.01 9.44 1.17
N THR A 113 8.07 10.24 1.26
CA THR A 113 7.93 11.69 1.25
C THR A 113 7.93 12.24 -0.17
N THR A 114 7.23 13.36 -0.36
CA THR A 114 7.15 13.98 -1.67
C THR A 114 8.22 15.05 -1.85
N TYR A 115 8.72 15.20 -3.07
CA TYR A 115 9.75 16.18 -3.36
C TYR A 115 9.30 17.59 -2.97
N GLU A 116 10.22 18.35 -2.39
CA GLU A 116 9.92 19.72 -1.97
C GLU A 116 9.48 20.57 -3.16
N ALA A 117 8.19 20.87 -3.22
CA ALA A 117 7.64 21.68 -4.30
C ALA A 117 8.61 22.80 -4.69
N SER A 118 8.49 23.28 -5.93
CA SER A 118 9.36 24.34 -6.43
C SER A 118 8.54 25.59 -6.73
N GLY A 119 8.61 26.57 -5.84
CA GLY A 119 7.87 27.80 -6.04
C GLY A 119 8.43 28.95 -5.22
N PRO A 120 8.17 28.94 -3.91
CA PRO A 120 8.64 29.98 -2.99
C PRO A 120 10.14 29.92 -2.78
N SER A 121 10.65 30.81 -1.93
CA SER A 121 12.09 30.86 -1.65
C SER A 121 12.90 30.78 -2.92
N SER A 122 12.37 31.35 -4.00
CA SER A 122 13.05 31.34 -5.29
C SER A 122 13.90 32.59 -5.47
N GLY A 123 13.32 33.75 -5.15
CA GLY A 123 14.05 35.00 -5.28
C GLY A 123 13.47 36.10 -4.42
N GLY A 1 15.51 -13.71 -17.53
CA GLY A 1 16.45 -13.11 -16.61
C GLY A 1 16.41 -13.77 -15.24
N SER A 2 15.20 -14.06 -14.76
CA SER A 2 15.03 -14.69 -13.46
C SER A 2 13.66 -15.34 -13.34
N SER A 3 13.59 -16.45 -12.61
CA SER A 3 12.34 -17.16 -12.42
C SER A 3 12.03 -17.34 -10.94
N GLY A 4 12.99 -17.86 -10.19
CA GLY A 4 12.80 -18.07 -8.77
C GLY A 4 12.15 -19.40 -8.46
N SER A 5 12.35 -19.88 -7.23
CA SER A 5 11.79 -21.15 -6.81
C SER A 5 10.81 -20.96 -5.66
N SER A 6 10.00 -21.99 -5.39
CA SER A 6 9.02 -21.94 -4.33
C SER A 6 9.70 -21.95 -2.96
N GLY A 7 8.98 -21.49 -1.94
CA GLY A 7 9.53 -21.47 -0.60
C GLY A 7 8.70 -22.27 0.38
N PHE A 8 9.23 -23.41 0.80
CA PHE A 8 8.53 -24.28 1.74
C PHE A 8 9.39 -24.57 2.96
N PRO A 9 9.16 -23.82 4.05
CA PRO A 9 9.92 -23.97 5.29
C PRO A 9 9.58 -25.27 6.02
N THR A 10 10.61 -25.99 6.43
CA THR A 10 10.43 -27.26 7.14
C THR A 10 9.50 -27.09 8.34
N SER A 11 8.84 -28.18 8.72
CA SER A 11 7.91 -28.15 9.84
C SER A 11 6.74 -27.21 9.57
N VAL A 12 6.10 -27.39 8.43
CA VAL A 12 4.97 -26.56 8.04
C VAL A 12 4.12 -26.19 9.26
N PRO A 13 4.01 -24.88 9.52
CA PRO A 13 3.22 -24.36 10.65
C PRO A 13 1.73 -24.56 10.46
N ASP A 14 1.06 -25.02 11.52
CA ASP A 14 -0.38 -25.25 11.47
C ASP A 14 -1.13 -24.15 12.21
N LEU A 15 -1.45 -23.07 11.50
CA LEU A 15 -2.16 -21.95 12.09
C LEU A 15 -3.18 -21.37 11.11
N SER A 16 -4.44 -21.32 11.53
CA SER A 16 -5.50 -20.79 10.68
C SER A 16 -5.48 -19.27 10.65
N THR A 17 -5.46 -18.71 9.45
CA THR A 17 -5.43 -17.26 9.27
C THR A 17 -6.42 -16.81 8.21
N PRO A 18 -7.00 -15.62 8.40
CA PRO A 18 -7.98 -15.05 7.47
C PRO A 18 -7.33 -14.63 6.15
N MET A 19 -8.08 -13.86 5.36
CA MET A 19 -7.58 -13.39 4.07
C MET A 19 -6.08 -13.11 4.14
N LEU A 20 -5.40 -13.29 3.02
CA LEU A 20 -3.96 -13.05 2.95
C LEU A 20 -3.66 -11.72 2.26
N PRO A 21 -3.22 -10.73 3.06
CA PRO A 21 -2.88 -9.40 2.56
C PRO A 21 -1.63 -9.41 1.70
N PRO A 22 -1.40 -8.30 0.97
CA PRO A 22 -0.24 -8.15 0.11
C PRO A 22 1.06 -8.01 0.89
N VAL A 23 2.19 -8.06 0.19
CA VAL A 23 3.50 -7.95 0.82
C VAL A 23 4.42 -7.04 0.01
N GLY A 24 5.62 -6.79 0.55
CA GLY A 24 6.57 -5.94 -0.13
C GLY A 24 5.97 -4.61 -0.53
N VAL A 25 5.01 -4.13 0.24
CA VAL A 25 4.35 -2.87 -0.04
C VAL A 25 5.37 -1.73 -0.09
N GLN A 26 5.64 -1.25 -1.30
CA GLN A 26 6.59 -0.16 -1.50
C GLN A 26 5.88 1.12 -1.93
N ALA A 27 6.34 2.25 -1.42
CA ALA A 27 5.74 3.54 -1.76
C ALA A 27 6.75 4.43 -2.49
N VAL A 28 6.65 4.47 -3.81
CA VAL A 28 7.53 5.28 -4.63
C VAL A 28 6.95 6.67 -4.87
N ALA A 29 7.80 7.69 -4.76
CA ALA A 29 7.37 9.06 -4.97
C ALA A 29 7.75 9.55 -6.36
N LEU A 30 6.75 9.80 -7.20
CA LEU A 30 6.99 10.28 -8.55
C LEU A 30 7.32 11.77 -8.56
N THR A 31 6.45 12.56 -7.94
CA THR A 31 6.66 14.01 -7.86
C THR A 31 6.13 14.58 -6.55
N HIS A 32 6.33 15.87 -6.35
CA HIS A 32 5.88 16.54 -5.13
C HIS A 32 4.42 16.20 -4.85
N ASP A 33 3.62 16.10 -5.90
CA ASP A 33 2.20 15.77 -5.75
C ASP A 33 1.86 14.47 -6.47
N ALA A 34 2.74 13.48 -6.32
CA ALA A 34 2.53 12.18 -6.94
C ALA A 34 3.29 11.08 -6.19
N VAL A 35 2.72 9.89 -6.15
CA VAL A 35 3.34 8.76 -5.48
C VAL A 35 2.86 7.43 -6.06
N ARG A 36 3.78 6.70 -6.66
CA ARG A 36 3.46 5.42 -7.27
C ARG A 36 3.67 4.28 -6.28
N VAL A 37 2.59 3.80 -5.69
CA VAL A 37 2.65 2.71 -4.71
C VAL A 37 2.58 1.36 -5.41
N SER A 38 3.69 0.62 -5.35
CA SER A 38 3.75 -0.69 -5.98
C SER A 38 4.04 -1.78 -4.94
N TRP A 39 3.27 -2.86 -4.99
CA TRP A 39 3.44 -3.96 -4.05
C TRP A 39 3.52 -5.30 -4.79
N ALA A 40 3.63 -6.38 -4.03
CA ALA A 40 3.70 -7.71 -4.61
C ALA A 40 2.70 -8.66 -3.96
N ASP A 41 2.11 -9.53 -4.75
CA ASP A 41 1.13 -10.49 -4.25
C ASP A 41 1.73 -11.89 -4.17
N ASN A 42 1.97 -12.36 -2.95
CA ASN A 42 2.54 -13.67 -2.73
C ASN A 42 1.46 -14.70 -2.37
N SER A 43 0.25 -14.46 -2.87
CA SER A 43 -0.87 -15.35 -2.60
C SER A 43 -1.27 -16.11 -3.85
N VAL A 44 -0.36 -16.19 -4.81
CA VAL A 44 -0.62 -16.89 -6.06
C VAL A 44 0.63 -17.62 -6.55
N PRO A 45 0.46 -18.88 -6.97
CA PRO A 45 1.55 -19.70 -7.48
C PRO A 45 2.07 -19.23 -8.83
N LYS A 46 3.32 -19.56 -9.14
CA LYS A 46 3.93 -19.16 -10.40
C LYS A 46 3.00 -19.47 -11.57
N ASN A 47 2.91 -20.74 -11.94
CA ASN A 47 2.05 -21.16 -13.04
C ASN A 47 0.72 -21.70 -12.52
N GLN A 48 -0.37 -21.05 -12.92
CA GLN A 48 -1.70 -21.45 -12.51
C GLN A 48 -2.77 -20.67 -13.26
N LYS A 49 -3.87 -21.34 -13.60
CA LYS A 49 -4.96 -20.71 -14.32
C LYS A 49 -5.37 -19.41 -13.64
N THR A 50 -6.32 -18.70 -14.26
CA THR A 50 -6.80 -17.43 -13.73
C THR A 50 -7.37 -17.61 -12.33
N SER A 51 -6.94 -16.76 -11.40
CA SER A 51 -7.41 -16.83 -10.02
C SER A 51 -8.83 -16.29 -9.90
N GLU A 52 -9.41 -16.39 -8.71
CA GLU A 52 -10.76 -15.91 -8.47
C GLU A 52 -10.80 -14.39 -8.49
N VAL A 53 -11.97 -13.84 -8.82
CA VAL A 53 -12.14 -12.39 -8.88
C VAL A 53 -11.89 -11.75 -7.52
N ARG A 54 -11.26 -10.59 -7.54
CA ARG A 54 -10.94 -9.87 -6.31
C ARG A 54 -10.78 -8.37 -6.58
N LEU A 55 -10.49 -7.62 -5.52
CA LEU A 55 -10.31 -6.18 -5.64
C LEU A 55 -9.28 -5.67 -4.64
N TYR A 56 -8.37 -4.82 -5.11
CA TYR A 56 -7.34 -4.27 -4.26
C TYR A 56 -7.63 -2.80 -3.91
N THR A 57 -7.64 -2.51 -2.61
CA THR A 57 -7.92 -1.16 -2.16
C THR A 57 -6.65 -0.46 -1.69
N VAL A 58 -6.59 0.86 -1.89
CA VAL A 58 -5.42 1.64 -1.50
C VAL A 58 -5.83 2.89 -0.72
N ARG A 59 -5.33 3.01 0.50
CA ARG A 59 -5.65 4.15 1.34
C ARG A 59 -4.38 4.89 1.75
N TRP A 60 -4.50 6.20 1.99
CA TRP A 60 -3.37 7.02 2.39
C TRP A 60 -3.84 8.30 3.05
N ARG A 61 -3.06 8.78 4.03
CA ARG A 61 -3.39 10.00 4.74
C ARG A 61 -2.19 10.54 5.50
N THR A 62 -2.18 11.85 5.75
CA THR A 62 -1.08 12.49 6.46
C THR A 62 -0.61 11.62 7.63
N SER A 63 0.66 11.23 7.60
CA SER A 63 1.23 10.40 8.66
C SER A 63 1.60 11.25 9.86
N PHE A 64 0.91 11.02 10.97
CA PHE A 64 1.17 11.75 12.21
C PHE A 64 0.73 13.21 12.07
N SER A 65 -0.53 13.41 11.70
CA SER A 65 -1.07 14.76 11.53
C SER A 65 -2.38 14.92 12.31
N ALA A 66 -2.84 16.16 12.41
CA ALA A 66 -4.08 16.45 13.11
C ALA A 66 -5.26 15.72 12.48
N SER A 67 -6.44 15.89 13.08
CA SER A 67 -7.64 15.23 12.58
C SER A 67 -7.66 15.22 11.05
N ALA A 68 -7.31 14.08 10.48
CA ALA A 68 -7.28 13.93 9.03
C ALA A 68 -8.22 12.81 8.57
N LYS A 69 -8.65 12.88 7.32
CA LYS A 69 -9.55 11.88 6.76
C LYS A 69 -8.79 10.89 5.90
N TYR A 70 -8.96 9.60 6.17
CA TYR A 70 -8.28 8.55 5.42
C TYR A 70 -8.90 8.40 4.03
N LYS A 71 -8.07 8.54 3.00
CA LYS A 71 -8.52 8.42 1.63
C LYS A 71 -8.63 6.95 1.22
N SER A 72 -9.42 6.68 0.18
CA SER A 72 -9.60 5.32 -0.30
C SER A 72 -9.88 5.31 -1.80
N GLU A 73 -9.19 4.44 -2.53
CA GLU A 73 -9.36 4.33 -3.97
C GLU A 73 -9.28 2.88 -4.42
N ASP A 74 -10.20 2.49 -5.30
CA ASP A 74 -10.23 1.13 -5.82
C ASP A 74 -9.34 1.00 -7.06
N THR A 75 -8.66 -0.14 -7.16
CA THR A 75 -7.78 -0.40 -8.29
C THR A 75 -7.59 -1.90 -8.52
N THR A 76 -7.71 -2.31 -9.78
CA THR A 76 -7.55 -3.72 -10.13
C THR A 76 -6.14 -4.02 -10.61
N SER A 77 -5.16 -3.35 -10.01
CA SER A 77 -3.77 -3.54 -10.37
C SER A 77 -2.88 -3.54 -9.13
N LEU A 78 -1.64 -4.00 -9.30
CA LEU A 78 -0.68 -4.05 -8.20
C LEU A 78 0.16 -2.78 -8.14
N SER A 79 -0.43 -1.68 -8.62
CA SER A 79 0.27 -0.40 -8.62
C SER A 79 -0.71 0.75 -8.76
N TYR A 80 -0.61 1.73 -7.87
CA TYR A 80 -1.49 2.89 -7.89
C TYR A 80 -0.70 4.19 -7.78
N THR A 81 -1.12 5.20 -8.53
CA THR A 81 -0.46 6.49 -8.53
C THR A 81 -1.29 7.55 -7.81
N ALA A 82 -0.85 7.92 -6.62
CA ALA A 82 -1.56 8.92 -5.83
C ALA A 82 -1.20 10.33 -6.28
N THR A 83 -2.06 10.92 -7.10
CA THR A 83 -1.84 12.27 -7.59
C THR A 83 -2.60 13.30 -6.78
N GLY A 84 -2.10 14.54 -6.77
CA GLY A 84 -2.75 15.60 -6.03
C GLY A 84 -2.48 15.51 -4.54
N LEU A 85 -1.20 15.45 -4.18
CA LEU A 85 -0.79 15.35 -2.78
C LEU A 85 -0.06 16.61 -2.35
N LYS A 86 0.28 16.68 -1.06
CA LYS A 86 0.99 17.83 -0.52
C LYS A 86 2.50 17.65 -0.67
N PRO A 87 3.17 18.73 -1.12
CA PRO A 87 4.62 18.72 -1.33
C PRO A 87 5.39 18.67 -0.01
N ASN A 88 6.57 18.05 -0.04
CA ASN A 88 7.41 17.93 1.14
C ASN A 88 6.60 17.37 2.32
N THR A 89 5.68 16.47 2.01
CA THR A 89 4.84 15.86 3.04
C THR A 89 4.70 14.36 2.82
N MET A 90 5.02 13.58 3.85
CA MET A 90 4.92 12.13 3.76
C MET A 90 3.65 11.62 4.42
N TYR A 91 3.11 10.53 3.90
CA TYR A 91 1.88 9.94 4.44
C TYR A 91 2.01 8.43 4.57
N GLU A 92 0.90 7.78 4.92
CA GLU A 92 0.90 6.33 5.08
C GLU A 92 0.32 5.65 3.85
N PHE A 93 0.90 4.52 3.47
CA PHE A 93 0.44 3.77 2.31
C PHE A 93 0.30 2.28 2.64
N SER A 94 -0.77 1.67 2.15
CA SER A 94 -1.02 0.26 2.39
C SER A 94 -1.87 -0.34 1.28
N VAL A 95 -2.03 -1.67 1.30
CA VAL A 95 -2.81 -2.37 0.30
C VAL A 95 -3.55 -3.56 0.90
N MET A 96 -4.70 -3.88 0.32
CA MET A 96 -5.50 -5.00 0.81
C MET A 96 -6.27 -5.66 -0.34
N VAL A 97 -7.06 -6.67 -0.01
CA VAL A 97 -7.84 -7.39 -1.01
C VAL A 97 -9.16 -7.87 -0.44
N THR A 98 -10.25 -7.71 -1.20
CA THR A 98 -11.56 -8.13 -0.77
C THR A 98 -12.10 -9.25 -1.64
N LYS A 99 -11.94 -10.49 -1.17
CA LYS A 99 -12.42 -11.66 -1.92
C LYS A 99 -13.34 -12.52 -1.06
N ASN A 100 -14.21 -13.27 -1.71
CA ASN A 100 -15.14 -14.14 -1.00
C ASN A 100 -16.12 -13.33 -0.15
N ARG A 101 -16.61 -12.23 -0.72
CA ARG A 101 -17.55 -11.36 -0.01
C ARG A 101 -16.99 -10.96 1.36
N ARG A 102 -15.71 -10.60 1.39
CA ARG A 102 -15.06 -10.20 2.64
C ARG A 102 -13.78 -9.44 2.35
N SER A 103 -13.45 -8.50 3.23
CA SER A 103 -12.24 -7.70 3.09
C SER A 103 -11.14 -8.20 4.00
N SER A 104 -9.91 -8.21 3.50
CA SER A 104 -8.76 -8.67 4.26
C SER A 104 -8.16 -7.53 5.09
N THR A 105 -7.04 -7.80 5.75
CA THR A 105 -6.38 -6.80 6.57
C THR A 105 -5.36 -6.01 5.76
N TRP A 106 -4.90 -4.89 6.31
CA TRP A 106 -3.93 -4.05 5.64
C TRP A 106 -2.51 -4.50 5.94
N SER A 107 -1.68 -4.59 4.90
CA SER A 107 -0.30 -5.02 5.06
C SER A 107 0.57 -3.88 5.60
N MET A 108 1.81 -4.19 5.92
CA MET A 108 2.74 -3.19 6.45
C MET A 108 2.60 -1.88 5.69
N THR A 109 2.63 -0.77 6.43
CA THR A 109 2.51 0.56 5.83
C THR A 109 3.83 1.03 5.25
N ALA A 110 3.78 1.61 4.06
CA ALA A 110 4.98 2.10 3.40
C ALA A 110 5.05 3.62 3.44
N HIS A 111 6.08 4.14 4.11
CA HIS A 111 6.26 5.58 4.24
C HIS A 111 7.07 6.13 3.07
N ALA A 112 6.59 7.20 2.46
CA ALA A 112 7.27 7.82 1.34
C ALA A 112 6.99 9.32 1.29
N THR A 113 8.04 10.13 1.49
CA THR A 113 7.91 11.58 1.47
C THR A 113 8.01 12.12 0.05
N THR A 114 7.21 13.14 -0.24
CA THR A 114 7.21 13.74 -1.56
C THR A 114 8.35 14.76 -1.72
N TYR A 115 8.63 15.14 -2.96
CA TYR A 115 9.71 16.10 -3.23
C TYR A 115 9.26 17.51 -2.89
N GLU A 116 10.22 18.34 -2.45
CA GLU A 116 9.94 19.71 -2.09
C GLU A 116 9.54 20.53 -3.31
N ALA A 117 8.26 20.89 -3.40
CA ALA A 117 7.76 21.66 -4.52
C ALA A 117 8.78 22.70 -4.97
N SER A 118 8.75 23.03 -6.26
CA SER A 118 9.68 24.00 -6.82
C SER A 118 9.22 25.43 -6.51
N GLY A 119 7.96 25.72 -6.80
CA GLY A 119 7.42 27.04 -6.55
C GLY A 119 6.13 27.30 -7.32
N PRO A 120 5.63 28.54 -7.23
CA PRO A 120 4.40 28.94 -7.90
C PRO A 120 4.57 29.01 -9.42
N SER A 121 5.80 28.85 -9.88
CA SER A 121 6.10 28.90 -11.31
C SER A 121 6.37 27.50 -11.85
N SER A 122 5.80 27.20 -13.02
CA SER A 122 5.98 25.90 -13.65
C SER A 122 7.42 25.73 -14.14
N GLY A 123 8.08 26.85 -14.42
CA GLY A 123 9.45 26.80 -14.91
C GLY A 123 10.19 28.11 -14.67
N GLY A 1 30.88 13.79 14.32
CA GLY A 1 29.69 13.52 13.53
C GLY A 1 29.20 12.09 13.71
N SER A 2 27.89 11.90 13.63
CA SER A 2 27.29 10.58 13.78
C SER A 2 26.16 10.38 12.79
N SER A 3 25.77 9.11 12.58
CA SER A 3 24.70 8.79 11.65
C SER A 3 24.28 7.33 11.81
N GLY A 4 23.00 7.05 11.57
CA GLY A 4 22.50 5.70 11.68
C GLY A 4 21.31 5.60 12.63
N SER A 5 20.59 4.50 12.55
CA SER A 5 19.42 4.28 13.40
C SER A 5 19.28 2.81 13.77
N SER A 6 18.31 2.51 14.63
CA SER A 6 18.07 1.14 15.07
C SER A 6 16.91 0.53 14.32
N GLY A 7 15.76 1.20 14.36
CA GLY A 7 14.58 0.71 13.67
C GLY A 7 14.10 -0.62 14.24
N PHE A 8 12.87 -1.00 13.89
CA PHE A 8 12.29 -2.25 14.37
C PHE A 8 11.03 -2.60 13.58
N PRO A 9 11.12 -3.66 12.76
CA PRO A 9 10.00 -4.12 11.94
C PRO A 9 8.88 -4.74 12.77
N THR A 10 7.71 -4.91 12.16
CA THR A 10 6.57 -5.49 12.85
C THR A 10 6.44 -6.98 12.54
N SER A 11 6.36 -7.79 13.59
CA SER A 11 6.24 -9.23 13.44
C SER A 11 5.03 -9.75 14.21
N VAL A 12 4.83 -11.08 14.15
CA VAL A 12 3.72 -11.70 14.86
C VAL A 12 2.38 -11.20 14.33
N PRO A 13 2.18 -11.32 13.01
CA PRO A 13 0.94 -10.87 12.36
C PRO A 13 -0.25 -11.76 12.72
N ASP A 14 -1.37 -11.13 13.04
CA ASP A 14 -2.59 -11.86 13.39
C ASP A 14 -3.66 -11.68 12.33
N LEU A 15 -4.31 -12.78 11.95
CA LEU A 15 -5.35 -12.76 10.94
C LEU A 15 -6.52 -13.65 11.35
N SER A 16 -7.71 -13.06 11.41
CA SER A 16 -8.91 -13.80 11.79
C SER A 16 -9.88 -13.91 10.61
N THR A 17 -9.33 -14.16 9.42
CA THR A 17 -10.13 -14.29 8.22
C THR A 17 -9.39 -15.10 7.15
N PRO A 18 -10.17 -15.76 6.28
CA PRO A 18 -9.61 -16.58 5.19
C PRO A 18 -8.96 -15.74 4.12
N MET A 19 -8.89 -14.43 4.35
CA MET A 19 -8.28 -13.51 3.39
C MET A 19 -6.82 -13.24 3.76
N LEU A 20 -6.00 -12.93 2.76
CA LEU A 20 -4.60 -12.63 2.98
C LEU A 20 -4.19 -11.35 2.26
N PRO A 21 -3.73 -10.35 3.03
CA PRO A 21 -3.31 -9.06 2.47
C PRO A 21 -2.00 -9.18 1.70
N PRO A 22 -1.72 -8.16 0.87
CA PRO A 22 -0.50 -8.12 0.05
C PRO A 22 0.76 -7.91 0.90
N VAL A 23 1.92 -8.01 0.26
CA VAL A 23 3.19 -7.83 0.95
C VAL A 23 4.19 -7.07 0.08
N GLY A 24 5.39 -6.88 0.61
CA GLY A 24 6.42 -6.16 -0.13
C GLY A 24 5.91 -4.84 -0.70
N VAL A 25 5.02 -4.20 0.05
CA VAL A 25 4.46 -2.92 -0.39
C VAL A 25 5.53 -1.84 -0.47
N GLN A 26 5.65 -1.21 -1.63
CA GLN A 26 6.65 -0.15 -1.82
C GLN A 26 5.98 1.15 -2.24
N ALA A 27 6.36 2.24 -1.58
CA ALA A 27 5.80 3.55 -1.89
C ALA A 27 6.82 4.44 -2.58
N VAL A 28 6.72 4.53 -3.90
CA VAL A 28 7.63 5.35 -4.69
C VAL A 28 7.09 6.75 -4.87
N ALA A 29 7.98 7.74 -4.77
CA ALA A 29 7.59 9.14 -4.93
C ALA A 29 7.90 9.64 -6.34
N LEU A 30 6.85 9.86 -7.12
CA LEU A 30 7.01 10.34 -8.48
C LEU A 30 7.30 11.84 -8.50
N THR A 31 6.45 12.62 -7.84
CA THR A 31 6.62 14.06 -7.79
C THR A 31 6.10 14.62 -6.47
N HIS A 32 6.28 15.93 -6.28
CA HIS A 32 5.83 16.59 -5.06
C HIS A 32 4.36 16.30 -4.79
N ASP A 33 3.61 16.07 -5.85
CA ASP A 33 2.18 15.78 -5.74
C ASP A 33 1.84 14.46 -6.44
N ALA A 34 2.70 13.46 -6.25
CA ALA A 34 2.48 12.15 -6.86
C ALA A 34 3.29 11.07 -6.14
N VAL A 35 2.73 9.87 -6.08
CA VAL A 35 3.40 8.75 -5.42
C VAL A 35 2.95 7.42 -6.00
N ARG A 36 3.89 6.67 -6.56
CA ARG A 36 3.59 5.38 -7.16
C ARG A 36 3.77 4.25 -6.15
N VAL A 37 2.67 3.72 -5.65
CA VAL A 37 2.71 2.64 -4.67
C VAL A 37 2.63 1.27 -5.35
N SER A 38 3.76 0.58 -5.41
CA SER A 38 3.84 -0.74 -6.03
C SER A 38 4.09 -1.82 -4.99
N TRP A 39 3.30 -2.88 -5.04
CA TRP A 39 3.45 -3.99 -4.11
C TRP A 39 3.48 -5.33 -4.84
N ALA A 40 3.60 -6.40 -4.09
CA ALA A 40 3.64 -7.75 -4.67
C ALA A 40 2.36 -8.52 -4.36
N ASP A 41 2.13 -9.58 -5.11
CA ASP A 41 0.94 -10.41 -4.91
C ASP A 41 1.33 -11.82 -4.49
N ASN A 42 1.29 -12.08 -3.19
CA ASN A 42 1.64 -13.39 -2.66
C ASN A 42 0.41 -14.10 -2.09
N SER A 43 -0.74 -13.85 -2.71
CA SER A 43 -1.99 -14.46 -2.27
C SER A 43 -2.54 -15.41 -3.32
N VAL A 44 -1.64 -15.94 -4.15
CA VAL A 44 -2.04 -16.87 -5.21
C VAL A 44 -0.92 -17.87 -5.50
N PRO A 45 -1.28 -19.16 -5.52
CA PRO A 45 -0.32 -20.24 -5.78
C PRO A 45 0.15 -20.25 -7.23
N LYS A 46 0.99 -21.23 -7.58
CA LYS A 46 1.51 -21.35 -8.92
C LYS A 46 0.47 -21.95 -9.86
N ASN A 47 -0.25 -22.96 -9.37
CA ASN A 47 -1.27 -23.63 -10.17
C ASN A 47 -2.56 -23.78 -9.36
N GLN A 48 -3.67 -23.27 -9.91
CA GLN A 48 -4.96 -23.35 -9.24
C GLN A 48 -6.08 -23.50 -10.26
N LYS A 49 -7.10 -24.27 -9.91
CA LYS A 49 -8.24 -24.50 -10.78
C LYS A 49 -9.24 -23.36 -10.68
N THR A 50 -9.75 -23.12 -9.48
CA THR A 50 -10.72 -22.05 -9.25
C THR A 50 -10.04 -20.69 -9.30
N SER A 51 -10.67 -19.76 -10.01
CA SER A 51 -10.14 -18.41 -10.15
C SER A 51 -11.15 -17.37 -9.65
N GLU A 52 -11.05 -17.02 -8.38
CA GLU A 52 -11.95 -16.04 -7.79
C GLU A 52 -11.40 -14.64 -7.94
N VAL A 53 -12.21 -13.74 -8.49
CA VAL A 53 -11.80 -12.35 -8.69
C VAL A 53 -11.31 -11.74 -7.38
N ARG A 54 -10.37 -10.81 -7.48
CA ARG A 54 -9.82 -10.14 -6.32
C ARG A 54 -9.60 -8.65 -6.58
N LEU A 55 -10.02 -7.82 -5.63
CA LEU A 55 -9.88 -6.38 -5.77
C LEU A 55 -8.90 -5.82 -4.74
N TYR A 56 -8.10 -4.85 -5.16
CA TYR A 56 -7.11 -4.24 -4.27
C TYR A 56 -7.45 -2.78 -4.01
N THR A 57 -7.42 -2.39 -2.74
CA THR A 57 -7.72 -1.02 -2.35
C THR A 57 -6.48 -0.31 -1.82
N VAL A 58 -6.39 0.99 -2.07
CA VAL A 58 -5.26 1.78 -1.61
C VAL A 58 -5.72 2.97 -0.77
N ARG A 59 -5.14 3.11 0.42
CA ARG A 59 -5.49 4.20 1.31
C ARG A 59 -4.25 4.95 1.77
N TRP A 60 -4.34 6.28 1.85
CA TRP A 60 -3.22 7.11 2.26
C TRP A 60 -3.71 8.34 3.01
N ARG A 61 -3.14 8.60 4.18
CA ARG A 61 -3.51 9.75 4.99
C ARG A 61 -2.28 10.44 5.56
N THR A 62 -2.33 11.77 5.62
CA THR A 62 -1.22 12.56 6.14
C THR A 62 -0.59 11.88 7.35
N SER A 63 0.73 12.03 7.47
CA SER A 63 1.46 11.43 8.58
C SER A 63 1.67 12.44 9.71
N PHE A 64 1.27 12.05 10.92
CA PHE A 64 1.41 12.92 12.08
C PHE A 64 0.61 14.22 11.89
N SER A 65 -0.60 14.09 11.37
CA SER A 65 -1.46 15.24 11.13
C SER A 65 -2.41 15.47 12.32
N ALA A 66 -2.98 16.67 12.38
CA ALA A 66 -3.90 17.02 13.45
C ALA A 66 -5.31 16.50 13.16
N SER A 67 -5.84 16.87 12.00
CA SER A 67 -7.17 16.44 11.60
C SER A 67 -7.25 16.22 10.09
N ALA A 68 -7.36 14.95 9.69
CA ALA A 68 -7.44 14.60 8.28
C ALA A 68 -8.18 13.28 8.08
N LYS A 69 -8.75 13.10 6.91
CA LYS A 69 -9.49 11.88 6.58
C LYS A 69 -8.64 10.92 5.76
N TYR A 70 -9.00 9.65 5.77
CA TYR A 70 -8.27 8.65 5.01
C TYR A 70 -8.88 8.43 3.63
N LYS A 71 -8.04 8.34 2.61
CA LYS A 71 -8.50 8.14 1.25
C LYS A 71 -8.57 6.66 0.90
N SER A 72 -9.32 6.32 -0.14
CA SER A 72 -9.47 4.94 -0.56
C SER A 72 -9.83 4.86 -2.04
N GLU A 73 -9.16 3.97 -2.77
CA GLU A 73 -9.41 3.79 -4.19
C GLU A 73 -9.37 2.32 -4.57
N ASP A 74 -10.36 1.89 -5.35
CA ASP A 74 -10.44 0.50 -5.79
C ASP A 74 -9.69 0.30 -7.10
N THR A 75 -8.70 -0.59 -7.07
CA THR A 75 -7.90 -0.87 -8.27
C THR A 75 -7.50 -2.34 -8.31
N THR A 76 -7.43 -2.89 -9.52
CA THR A 76 -7.06 -4.28 -9.70
C THR A 76 -5.55 -4.43 -9.89
N SER A 77 -4.94 -3.40 -10.49
CA SER A 77 -3.50 -3.42 -10.74
C SER A 77 -2.72 -3.42 -9.43
N LEU A 78 -1.50 -3.92 -9.48
CA LEU A 78 -0.64 -3.98 -8.30
C LEU A 78 0.17 -2.69 -8.15
N SER A 79 -0.42 -1.58 -8.60
CA SER A 79 0.25 -0.29 -8.52
C SER A 79 -0.74 0.85 -8.65
N TYR A 80 -0.69 1.80 -7.73
CA TYR A 80 -1.60 2.94 -7.74
C TYR A 80 -0.82 4.25 -7.65
N THR A 81 -1.32 5.27 -8.34
CA THR A 81 -0.67 6.58 -8.35
C THR A 81 -1.49 7.60 -7.56
N ALA A 82 -0.93 8.06 -6.44
CA ALA A 82 -1.61 9.05 -5.60
C ALA A 82 -1.33 10.46 -6.09
N THR A 83 -2.25 11.01 -6.88
CA THR A 83 -2.10 12.35 -7.41
C THR A 83 -2.84 13.37 -6.55
N GLY A 84 -2.35 14.60 -6.53
CA GLY A 84 -2.99 15.64 -5.74
C GLY A 84 -2.62 15.56 -4.27
N LEU A 85 -1.33 15.46 -3.99
CA LEU A 85 -0.84 15.37 -2.61
C LEU A 85 -0.11 16.65 -2.21
N LYS A 86 0.24 16.73 -0.94
CA LYS A 86 0.95 17.90 -0.42
C LYS A 86 2.46 17.72 -0.55
N PRO A 87 3.16 18.77 -1.00
CA PRO A 87 4.61 18.75 -1.18
C PRO A 87 5.36 18.71 0.14
N ASN A 88 6.57 18.18 0.12
CA ASN A 88 7.39 18.08 1.32
C ASN A 88 6.59 17.49 2.48
N THR A 89 5.66 16.60 2.15
CA THR A 89 4.82 15.96 3.15
C THR A 89 4.70 14.46 2.90
N MET A 90 4.99 13.65 3.91
CA MET A 90 4.91 12.21 3.80
C MET A 90 3.63 11.68 4.44
N TYR A 91 3.16 10.53 3.96
CA TYR A 91 1.95 9.93 4.50
C TYR A 91 2.11 8.41 4.63
N GLU A 92 1.09 7.76 5.18
CA GLU A 92 1.12 6.32 5.37
C GLU A 92 0.31 5.61 4.28
N PHE A 93 0.96 4.68 3.58
CA PHE A 93 0.30 3.94 2.51
C PHE A 93 0.11 2.47 2.91
N SER A 94 -0.97 1.87 2.43
CA SER A 94 -1.27 0.48 2.73
C SER A 94 -2.13 -0.14 1.64
N VAL A 95 -1.99 -1.45 1.46
CA VAL A 95 -2.75 -2.17 0.44
C VAL A 95 -3.50 -3.35 1.06
N MET A 96 -4.70 -3.61 0.53
CA MET A 96 -5.52 -4.72 1.03
C MET A 96 -6.25 -5.40 -0.12
N VAL A 97 -7.07 -6.39 0.22
CA VAL A 97 -7.83 -7.14 -0.79
C VAL A 97 -9.27 -7.37 -0.32
N THR A 98 -10.21 -7.27 -1.25
CA THR A 98 -11.62 -7.47 -0.94
C THR A 98 -12.26 -8.46 -1.90
N LYS A 99 -12.32 -9.72 -1.50
CA LYS A 99 -12.91 -10.77 -2.32
C LYS A 99 -13.99 -11.52 -1.55
N ASN A 100 -14.95 -12.09 -2.28
CA ASN A 100 -16.03 -12.83 -1.67
C ASN A 100 -16.96 -11.91 -0.89
N ARG A 101 -17.19 -10.72 -1.43
CA ARG A 101 -18.06 -9.74 -0.78
C ARG A 101 -17.59 -9.48 0.66
N ARG A 102 -16.28 -9.42 0.85
CA ARG A 102 -15.71 -9.17 2.17
C ARG A 102 -14.32 -8.55 2.04
N SER A 103 -14.03 -7.61 2.94
CA SER A 103 -12.75 -6.92 2.94
C SER A 103 -11.81 -7.51 4.01
N SER A 104 -10.52 -7.56 3.69
CA SER A 104 -9.54 -8.10 4.62
C SER A 104 -8.73 -6.97 5.27
N THR A 105 -7.73 -7.35 6.04
CA THR A 105 -6.88 -6.37 6.72
C THR A 105 -5.89 -5.73 5.75
N TRP A 106 -5.32 -4.60 6.17
CA TRP A 106 -4.36 -3.89 5.34
C TRP A 106 -2.94 -4.38 5.60
N SER A 107 -2.13 -4.44 4.55
CA SER A 107 -0.75 -4.89 4.67
C SER A 107 0.09 -3.86 5.41
N MET A 108 1.40 -4.13 5.49
CA MET A 108 2.32 -3.24 6.16
C MET A 108 2.22 -1.82 5.59
N THR A 109 2.61 -0.83 6.39
CA THR A 109 2.57 0.56 5.96
C THR A 109 3.83 0.95 5.22
N ALA A 110 3.67 1.65 4.10
CA ALA A 110 4.81 2.07 3.30
C ALA A 110 4.99 3.59 3.37
N HIS A 111 6.09 4.02 3.97
CA HIS A 111 6.38 5.45 4.10
C HIS A 111 7.14 5.96 2.88
N ALA A 112 6.77 7.15 2.42
CA ALA A 112 7.42 7.76 1.27
C ALA A 112 7.10 9.25 1.19
N THR A 113 8.11 10.07 1.51
CA THR A 113 7.94 11.52 1.47
C THR A 113 7.97 12.04 0.04
N THR A 114 7.29 13.17 -0.18
CA THR A 114 7.23 13.77 -1.51
C THR A 114 8.37 14.77 -1.71
N TYR A 115 8.54 15.22 -2.95
CA TYR A 115 9.60 16.17 -3.28
C TYR A 115 9.19 17.59 -2.89
N GLU A 116 10.15 18.36 -2.42
CA GLU A 116 9.89 19.75 -2.01
C GLU A 116 9.46 20.59 -3.20
N ALA A 117 8.17 20.93 -3.24
CA ALA A 117 7.63 21.73 -4.33
C ALA A 117 8.59 22.84 -4.73
N SER A 118 8.48 23.31 -5.97
CA SER A 118 9.34 24.37 -6.47
C SER A 118 8.85 24.88 -7.83
N GLY A 119 9.45 25.97 -8.29
CA GLY A 119 9.05 26.54 -9.57
C GLY A 119 8.28 27.84 -9.41
N PRO A 120 8.81 28.91 -10.00
CA PRO A 120 8.18 30.24 -9.93
C PRO A 120 6.88 30.31 -10.75
N SER A 121 6.56 29.21 -11.42
CA SER A 121 5.36 29.14 -12.24
C SER A 121 4.10 29.24 -11.37
N SER A 122 3.01 29.68 -11.97
CA SER A 122 1.74 29.82 -11.25
C SER A 122 0.57 29.43 -12.14
N GLY A 123 -0.51 28.95 -11.51
CA GLY A 123 -1.68 28.55 -12.26
C GLY A 123 -2.29 27.26 -11.73
N GLY A 1 16.70 13.61 21.62
CA GLY A 1 15.28 13.40 21.88
C GLY A 1 14.66 12.38 20.94
N SER A 2 14.40 11.19 21.45
CA SER A 2 13.81 10.12 20.66
C SER A 2 12.29 10.24 20.61
N SER A 3 11.69 10.40 21.79
CA SER A 3 10.24 10.53 21.88
C SER A 3 9.56 9.22 21.50
N GLY A 4 10.11 8.11 21.97
CA GLY A 4 9.54 6.81 21.66
C GLY A 4 10.21 6.15 20.47
N SER A 5 10.13 4.82 20.42
CA SER A 5 10.75 4.06 19.34
C SER A 5 9.69 3.38 18.48
N SER A 6 8.89 2.52 19.11
CA SER A 6 7.83 1.80 18.41
C SER A 6 6.84 1.19 19.39
N GLY A 7 5.75 0.63 18.86
CA GLY A 7 4.74 0.03 19.71
C GLY A 7 3.37 0.65 19.49
N PHE A 8 2.48 -0.10 18.86
CA PHE A 8 1.13 0.37 18.59
C PHE A 8 0.10 -0.65 19.05
N PRO A 9 -0.87 -0.19 19.87
CA PRO A 9 -1.94 -1.04 20.39
C PRO A 9 -2.92 -1.47 19.32
N THR A 10 -3.49 -2.66 19.48
CA THR A 10 -4.44 -3.19 18.51
C THR A 10 -3.78 -3.49 17.17
N SER A 11 -2.62 -4.14 17.23
CA SER A 11 -1.88 -4.49 16.03
C SER A 11 -2.61 -5.54 15.22
N VAL A 12 -2.26 -5.66 13.93
CA VAL A 12 -2.88 -6.63 13.05
C VAL A 12 -3.03 -7.99 13.74
N PRO A 13 -4.13 -8.68 13.45
CA PRO A 13 -4.41 -10.00 14.02
C PRO A 13 -3.47 -11.07 13.48
N ASP A 14 -3.74 -12.33 13.83
CA ASP A 14 -2.94 -13.45 13.38
C ASP A 14 -3.40 -13.94 12.01
N LEU A 15 -3.69 -13.00 11.11
CA LEU A 15 -4.15 -13.34 9.77
C LEU A 15 -5.10 -14.53 9.80
N SER A 16 -5.95 -14.58 10.81
CA SER A 16 -6.91 -15.67 10.96
C SER A 16 -7.92 -15.66 9.82
N THR A 17 -8.40 -14.47 9.47
CA THR A 17 -9.37 -14.33 8.39
C THR A 17 -9.03 -15.24 7.21
N PRO A 18 -10.06 -15.69 6.50
CA PRO A 18 -9.90 -16.56 5.34
C PRO A 18 -9.27 -15.84 4.15
N MET A 19 -8.87 -14.60 4.36
CA MET A 19 -8.25 -13.80 3.31
C MET A 19 -6.78 -13.53 3.63
N LEU A 20 -6.11 -12.85 2.71
CA LEU A 20 -4.69 -12.52 2.89
C LEU A 20 -4.30 -11.33 2.04
N PRO A 21 -3.90 -10.23 2.70
CA PRO A 21 -3.48 -9.00 2.01
C PRO A 21 -2.15 -9.16 1.29
N PRO A 22 -1.78 -8.15 0.49
CA PRO A 22 -0.53 -8.16 -0.26
C PRO A 22 0.69 -8.02 0.64
N VAL A 23 1.88 -8.02 0.04
CA VAL A 23 3.13 -7.89 0.78
C VAL A 23 4.12 -7.00 0.04
N GLY A 24 5.32 -6.87 0.61
CA GLY A 24 6.34 -6.05 -0.01
C GLY A 24 5.80 -4.74 -0.54
N VAL A 25 5.08 -4.01 0.31
CA VAL A 25 4.50 -2.74 -0.09
C VAL A 25 5.58 -1.67 -0.23
N GLN A 26 5.67 -1.10 -1.43
CA GLN A 26 6.66 -0.06 -1.70
C GLN A 26 6.00 1.21 -2.21
N ALA A 27 6.27 2.32 -1.54
CA ALA A 27 5.69 3.61 -1.92
C ALA A 27 6.72 4.47 -2.66
N VAL A 28 6.62 4.50 -3.97
CA VAL A 28 7.52 5.29 -4.80
C VAL A 28 7.01 6.71 -4.97
N ALA A 29 7.91 7.68 -4.82
CA ALA A 29 7.56 9.08 -4.98
C ALA A 29 7.93 9.60 -6.36
N LEU A 30 6.91 9.87 -7.18
CA LEU A 30 7.12 10.37 -8.53
C LEU A 30 7.40 11.87 -8.53
N THR A 31 6.49 12.63 -7.90
CA THR A 31 6.63 14.07 -7.82
C THR A 31 6.03 14.61 -6.52
N HIS A 32 6.17 15.91 -6.31
CA HIS A 32 5.64 16.56 -5.11
C HIS A 32 4.20 16.13 -4.86
N ASP A 33 3.40 16.10 -5.93
CA ASP A 33 2.00 15.71 -5.82
C ASP A 33 1.74 14.41 -6.58
N ALA A 34 2.67 13.47 -6.45
CA ALA A 34 2.53 12.18 -7.12
C ALA A 34 3.30 11.09 -6.37
N VAL A 35 2.72 9.90 -6.30
CA VAL A 35 3.35 8.78 -5.62
C VAL A 35 2.88 7.45 -6.19
N ARG A 36 3.83 6.66 -6.71
CA ARG A 36 3.51 5.37 -7.30
C ARG A 36 3.68 4.25 -6.27
N VAL A 37 2.59 3.89 -5.61
CA VAL A 37 2.61 2.84 -4.60
C VAL A 37 2.45 1.47 -5.24
N SER A 38 3.55 0.71 -5.31
CA SER A 38 3.52 -0.62 -5.90
C SER A 38 3.78 -1.69 -4.84
N TRP A 39 3.29 -2.90 -5.09
CA TRP A 39 3.47 -4.01 -4.16
C TRP A 39 3.54 -5.34 -4.91
N ALA A 40 3.60 -6.42 -4.15
CA ALA A 40 3.67 -7.76 -4.73
C ALA A 40 2.59 -8.67 -4.16
N ASP A 41 2.22 -9.70 -4.92
CA ASP A 41 1.21 -10.65 -4.48
C ASP A 41 1.82 -12.03 -4.24
N ASN A 42 1.58 -12.57 -3.04
CA ASN A 42 2.09 -13.88 -2.68
C ASN A 42 0.97 -14.88 -2.49
N SER A 43 -0.05 -14.49 -1.73
CA SER A 43 -1.19 -15.36 -1.48
C SER A 43 -1.53 -16.20 -2.70
N VAL A 44 -1.27 -15.64 -3.88
CA VAL A 44 -1.54 -16.33 -5.13
C VAL A 44 -0.89 -17.72 -5.15
N PRO A 45 -1.72 -18.76 -5.29
CA PRO A 45 -1.25 -20.14 -5.32
C PRO A 45 -0.47 -20.47 -6.59
N LYS A 46 0.61 -21.23 -6.45
CA LYS A 46 1.44 -21.60 -7.58
C LYS A 46 0.64 -22.44 -8.58
N ASN A 47 -0.10 -23.42 -8.07
CA ASN A 47 -0.90 -24.30 -8.92
C ASN A 47 -2.36 -23.82 -8.96
N GLN A 48 -2.54 -22.51 -9.13
CA GLN A 48 -3.88 -21.93 -9.19
C GLN A 48 -4.82 -22.82 -9.97
N LYS A 49 -5.92 -23.23 -9.34
CA LYS A 49 -6.90 -24.08 -9.99
C LYS A 49 -8.15 -23.29 -10.36
N THR A 50 -8.77 -22.66 -9.37
CA THR A 50 -9.97 -21.87 -9.61
C THR A 50 -9.62 -20.39 -9.80
N SER A 51 -10.14 -19.80 -10.87
CA SER A 51 -9.89 -18.40 -11.17
C SER A 51 -10.76 -17.49 -10.32
N GLU A 52 -10.34 -17.28 -9.07
CA GLU A 52 -11.09 -16.44 -8.15
C GLU A 52 -10.75 -14.96 -8.38
N VAL A 53 -11.78 -14.12 -8.40
CA VAL A 53 -11.60 -12.69 -8.60
C VAL A 53 -11.39 -11.97 -7.27
N ARG A 54 -10.98 -10.71 -7.35
CA ARG A 54 -10.74 -9.91 -6.16
C ARG A 54 -10.40 -8.47 -6.52
N LEU A 55 -10.33 -7.60 -5.52
CA LEU A 55 -10.01 -6.20 -5.74
C LEU A 55 -9.00 -5.70 -4.70
N TYR A 56 -8.15 -4.77 -5.11
CA TYR A 56 -7.14 -4.21 -4.22
C TYR A 56 -7.44 -2.74 -3.91
N THR A 57 -7.52 -2.42 -2.62
CA THR A 57 -7.79 -1.05 -2.20
C THR A 57 -6.54 -0.38 -1.64
N VAL A 58 -6.45 0.93 -1.81
CA VAL A 58 -5.30 1.68 -1.32
C VAL A 58 -5.75 2.93 -0.55
N ARG A 59 -5.41 2.97 0.73
CA ARG A 59 -5.77 4.10 1.58
C ARG A 59 -4.53 4.85 2.05
N TRP A 60 -4.65 6.16 2.16
CA TRP A 60 -3.54 6.99 2.60
C TRP A 60 -4.05 8.28 3.26
N ARG A 61 -3.20 8.88 4.10
CA ARG A 61 -3.57 10.11 4.79
C ARG A 61 -2.37 10.67 5.55
N THR A 62 -2.37 12.00 5.72
CA THR A 62 -1.29 12.67 6.43
C THR A 62 -0.74 11.80 7.56
N SER A 63 0.58 11.73 7.66
CA SER A 63 1.23 10.93 8.69
C SER A 63 1.58 11.79 9.90
N PHE A 64 1.05 11.41 11.06
CA PHE A 64 1.31 12.16 12.29
C PHE A 64 0.60 13.51 12.29
N SER A 65 -0.68 13.48 11.90
CA SER A 65 -1.47 14.70 11.84
C SER A 65 -2.86 14.48 12.42
N ALA A 66 -3.41 15.51 13.06
CA ALA A 66 -4.73 15.41 13.66
C ALA A 66 -5.78 16.07 12.77
N SER A 67 -7.05 15.67 12.95
CA SER A 67 -8.14 16.22 12.16
C SER A 67 -7.93 15.94 10.68
N ALA A 68 -7.69 14.67 10.34
CA ALA A 68 -7.48 14.27 8.96
C ALA A 68 -8.38 13.10 8.58
N LYS A 69 -8.62 12.95 7.28
CA LYS A 69 -9.46 11.86 6.80
C LYS A 69 -8.62 10.82 6.06
N TYR A 70 -9.07 9.57 6.11
CA TYR A 70 -8.36 8.47 5.45
C TYR A 70 -8.93 8.20 4.07
N LYS A 71 -8.15 8.52 3.04
CA LYS A 71 -8.59 8.31 1.67
C LYS A 71 -8.50 6.84 1.29
N SER A 72 -9.14 6.47 0.18
CA SER A 72 -9.14 5.10 -0.29
C SER A 72 -9.48 5.03 -1.78
N GLU A 73 -8.77 4.17 -2.50
CA GLU A 73 -9.00 4.01 -3.94
C GLU A 73 -8.97 2.54 -4.33
N ASP A 74 -9.74 2.18 -5.35
CA ASP A 74 -9.80 0.80 -5.82
C ASP A 74 -9.06 0.66 -7.15
N THR A 75 -8.14 -0.29 -7.21
CA THR A 75 -7.36 -0.53 -8.42
C THR A 75 -7.21 -2.03 -8.69
N THR A 76 -7.20 -2.39 -9.97
CA THR A 76 -7.07 -3.79 -10.37
C THR A 76 -5.62 -4.13 -10.71
N SER A 77 -4.70 -3.24 -10.32
CA SER A 77 -3.29 -3.45 -10.59
C SER A 77 -2.49 -3.49 -9.28
N LEU A 78 -1.25 -3.95 -9.38
CA LEU A 78 -0.37 -4.03 -8.21
C LEU A 78 0.42 -2.74 -8.02
N SER A 79 -0.18 -1.63 -8.43
CA SER A 79 0.48 -0.32 -8.31
C SER A 79 -0.53 0.80 -8.50
N TYR A 80 -0.52 1.75 -7.57
CA TYR A 80 -1.44 2.89 -7.63
C TYR A 80 -0.67 4.21 -7.63
N THR A 81 -1.18 5.18 -8.37
CA THR A 81 -0.54 6.50 -8.45
C THR A 81 -1.36 7.55 -7.71
N ALA A 82 -0.88 7.94 -6.54
CA ALA A 82 -1.57 8.95 -5.73
C ALA A 82 -1.31 10.34 -6.26
N THR A 83 -2.27 10.87 -7.04
CA THR A 83 -2.14 12.19 -7.61
C THR A 83 -2.90 13.23 -6.79
N GLY A 84 -2.33 14.41 -6.66
CA GLY A 84 -2.97 15.48 -5.90
C GLY A 84 -2.65 15.39 -4.43
N LEU A 85 -1.38 15.26 -4.09
CA LEU A 85 -0.94 15.17 -2.71
C LEU A 85 -0.25 16.46 -2.26
N LYS A 86 0.16 16.50 -1.01
CA LYS A 86 0.84 17.67 -0.46
C LYS A 86 2.35 17.54 -0.58
N PRO A 87 3.02 18.63 -1.01
CA PRO A 87 4.47 18.65 -1.17
C PRO A 87 5.21 18.60 0.16
N ASN A 88 6.43 18.09 0.13
CA ASN A 88 7.24 18.00 1.35
C ASN A 88 6.43 17.40 2.50
N THR A 89 5.53 16.47 2.17
CA THR A 89 4.70 15.83 3.17
C THR A 89 4.56 14.33 2.90
N MET A 90 4.91 13.53 3.90
CA MET A 90 4.82 12.08 3.76
C MET A 90 3.55 11.55 4.43
N TYR A 91 3.07 10.41 3.94
CA TYR A 91 1.86 9.79 4.48
C TYR A 91 2.02 8.28 4.60
N GLU A 92 0.98 7.62 5.06
CA GLU A 92 0.99 6.16 5.22
C GLU A 92 0.22 5.48 4.09
N PHE A 93 0.89 4.56 3.41
CA PHE A 93 0.27 3.83 2.31
C PHE A 93 0.15 2.35 2.64
N SER A 94 -0.96 1.74 2.23
CA SER A 94 -1.20 0.33 2.48
C SER A 94 -2.15 -0.26 1.44
N VAL A 95 -2.10 -1.58 1.28
CA VAL A 95 -2.96 -2.27 0.32
C VAL A 95 -3.69 -3.42 0.97
N MET A 96 -4.84 -3.79 0.39
CA MET A 96 -5.65 -4.88 0.92
C MET A 96 -6.40 -5.60 -0.20
N VAL A 97 -7.21 -6.58 0.16
CA VAL A 97 -7.98 -7.34 -0.81
C VAL A 97 -9.42 -7.54 -0.34
N THR A 98 -10.35 -7.54 -1.29
CA THR A 98 -11.76 -7.74 -0.96
C THR A 98 -12.38 -8.81 -1.85
N LYS A 99 -12.81 -9.90 -1.22
CA LYS A 99 -13.43 -11.00 -1.95
C LYS A 99 -14.79 -11.36 -1.34
N ASN A 100 -15.57 -12.12 -2.09
CA ASN A 100 -16.89 -12.53 -1.63
C ASN A 100 -17.64 -11.36 -0.99
N ARG A 101 -17.38 -10.16 -1.50
CA ARG A 101 -18.03 -8.96 -0.97
C ARG A 101 -17.64 -8.72 0.49
N ARG A 102 -16.35 -8.91 0.78
CA ARG A 102 -15.85 -8.71 2.13
C ARG A 102 -14.41 -8.20 2.11
N SER A 103 -14.02 -7.49 3.16
CA SER A 103 -12.68 -6.93 3.26
C SER A 103 -11.83 -7.75 4.22
N SER A 104 -10.55 -7.93 3.88
CA SER A 104 -9.64 -8.68 4.71
C SER A 104 -8.89 -7.77 5.67
N THR A 105 -7.82 -7.15 5.18
CA THR A 105 -7.02 -6.24 6.00
C THR A 105 -5.92 -5.59 5.17
N TRP A 106 -5.24 -4.61 5.77
CA TRP A 106 -4.16 -3.91 5.08
C TRP A 106 -2.81 -4.53 5.41
N SER A 107 -1.90 -4.50 4.45
CA SER A 107 -0.57 -5.07 4.64
C SER A 107 0.41 -4.02 5.17
N MET A 108 1.67 -4.41 5.31
CA MET A 108 2.69 -3.50 5.81
C MET A 108 2.57 -2.12 5.16
N THR A 109 2.66 -1.07 5.97
CA THR A 109 2.57 0.28 5.47
C THR A 109 3.87 0.75 4.85
N ALA A 110 3.78 1.50 3.76
CA ALA A 110 4.96 2.01 3.07
C ALA A 110 5.08 3.52 3.24
N HIS A 111 6.21 3.96 3.77
CA HIS A 111 6.46 5.39 3.97
C HIS A 111 7.22 5.99 2.79
N ALA A 112 6.74 7.13 2.31
CA ALA A 112 7.37 7.80 1.17
C ALA A 112 7.03 9.30 1.17
N THR A 113 8.04 10.13 1.42
CA THR A 113 7.86 11.57 1.44
C THR A 113 7.93 12.16 0.03
N THR A 114 7.13 13.20 -0.21
CA THR A 114 7.11 13.86 -1.51
C THR A 114 8.19 14.93 -1.61
N TYR A 115 8.67 15.17 -2.82
CA TYR A 115 9.70 16.18 -3.05
C TYR A 115 9.17 17.58 -2.73
N GLU A 116 9.95 18.33 -1.96
CA GLU A 116 9.58 19.68 -1.58
C GLU A 116 9.18 20.50 -2.80
N ALA A 117 7.99 21.09 -2.75
CA ALA A 117 7.49 21.91 -3.85
C ALA A 117 8.42 23.09 -4.12
N SER A 118 8.55 23.44 -5.40
CA SER A 118 9.40 24.56 -5.80
C SER A 118 8.61 25.85 -5.90
N GLY A 119 8.83 26.75 -4.95
CA GLY A 119 8.13 28.03 -4.95
C GLY A 119 9.06 29.21 -5.16
N PRO A 120 9.50 29.82 -4.05
CA PRO A 120 10.41 30.97 -4.09
C PRO A 120 11.81 30.59 -4.56
N SER A 121 12.19 29.34 -4.32
CA SER A 121 13.51 28.86 -4.72
C SER A 121 13.46 28.21 -6.10
N SER A 122 14.54 28.37 -6.86
CA SER A 122 14.61 27.81 -8.20
C SER A 122 16.06 27.73 -8.68
N GLY A 123 16.52 26.52 -9.00
CA GLY A 123 17.88 26.34 -9.46
C GLY A 123 18.09 25.00 -10.14
N GLY A 1 19.42 -14.35 29.82
CA GLY A 1 18.13 -14.32 29.16
C GLY A 1 17.88 -13.02 28.43
N SER A 2 16.62 -12.76 28.09
CA SER A 2 16.25 -11.54 27.38
C SER A 2 15.65 -10.51 28.34
N SER A 3 15.52 -9.28 27.85
CA SER A 3 14.96 -8.21 28.66
C SER A 3 13.46 -8.39 28.87
N GLY A 4 12.73 -8.42 27.76
CA GLY A 4 11.28 -8.59 27.83
C GLY A 4 10.58 -8.12 26.57
N SER A 5 9.59 -8.90 26.12
CA SER A 5 8.84 -8.56 24.92
C SER A 5 7.35 -8.80 25.13
N SER A 6 6.54 -8.15 24.29
CA SER A 6 5.09 -8.29 24.39
C SER A 6 4.60 -9.51 23.60
N GLY A 7 5.35 -10.60 23.69
CA GLY A 7 4.99 -11.81 22.99
C GLY A 7 4.91 -11.61 21.49
N PHE A 8 4.36 -12.59 20.79
CA PHE A 8 4.24 -12.52 19.34
C PHE A 8 2.77 -12.47 18.92
N PRO A 9 2.16 -11.28 19.04
CA PRO A 9 0.76 -11.06 18.69
C PRO A 9 0.53 -11.13 17.19
N THR A 10 -0.74 -11.06 16.78
CA THR A 10 -1.09 -11.12 15.37
C THR A 10 -0.17 -12.07 14.60
N SER A 11 -0.06 -13.30 15.09
CA SER A 11 0.80 -14.28 14.45
C SER A 11 0.01 -15.55 14.12
N VAL A 12 -1.27 -15.38 13.83
CA VAL A 12 -2.13 -16.51 13.51
C VAL A 12 -2.92 -16.24 12.23
N PRO A 13 -3.01 -17.26 11.36
CA PRO A 13 -3.73 -17.16 10.09
C PRO A 13 -5.24 -17.08 10.28
N ASP A 14 -5.96 -16.76 9.22
CA ASP A 14 -7.41 -16.65 9.26
C ASP A 14 -7.85 -15.90 10.52
N LEU A 15 -7.32 -14.69 10.70
CA LEU A 15 -7.66 -13.88 11.86
C LEU A 15 -9.14 -13.50 11.86
N SER A 16 -9.57 -12.88 10.77
CA SER A 16 -10.97 -12.47 10.65
C SER A 16 -11.64 -13.16 9.46
N THR A 17 -10.93 -13.17 8.32
CA THR A 17 -11.45 -13.81 7.12
C THR A 17 -10.36 -14.56 6.38
N PRO A 18 -10.75 -15.61 5.64
CA PRO A 18 -9.82 -16.44 4.87
C PRO A 18 -9.24 -15.69 3.67
N MET A 19 -8.21 -14.88 3.92
CA MET A 19 -7.57 -14.12 2.86
C MET A 19 -6.08 -13.94 3.15
N LEU A 20 -5.35 -13.43 2.16
CA LEU A 20 -3.92 -13.20 2.31
C LEU A 20 -3.51 -11.85 1.71
N PRO A 21 -3.25 -10.87 2.58
CA PRO A 21 -2.84 -9.53 2.14
C PRO A 21 -1.44 -9.51 1.54
N PRO A 22 -1.06 -8.36 0.96
CA PRO A 22 0.25 -8.18 0.33
C PRO A 22 1.38 -8.14 1.36
N VAL A 23 2.61 -8.04 0.87
CA VAL A 23 3.77 -8.00 1.74
C VAL A 23 4.75 -6.90 1.31
N GLY A 24 5.15 -6.95 0.05
CA GLY A 24 6.08 -5.96 -0.48
C GLY A 24 5.41 -4.62 -0.72
N VAL A 25 4.61 -4.17 0.24
CA VAL A 25 3.92 -2.90 0.13
C VAL A 25 4.90 -1.73 0.05
N GLN A 26 5.26 -1.35 -1.17
CA GLN A 26 6.19 -0.26 -1.38
C GLN A 26 5.46 1.02 -1.81
N ALA A 27 6.08 2.17 -1.57
CA ALA A 27 5.49 3.44 -1.93
C ALA A 27 6.52 4.35 -2.59
N VAL A 28 6.45 4.44 -3.92
CA VAL A 28 7.37 5.27 -4.68
C VAL A 28 6.80 6.68 -4.89
N ALA A 29 7.67 7.67 -4.80
CA ALA A 29 7.25 9.06 -4.98
C ALA A 29 7.62 9.57 -6.37
N LEU A 30 6.60 9.80 -7.19
CA LEU A 30 6.81 10.29 -8.55
C LEU A 30 7.16 11.77 -8.55
N THR A 31 6.29 12.58 -7.95
CA THR A 31 6.52 14.02 -7.88
C THR A 31 5.95 14.60 -6.59
N HIS A 32 6.14 15.89 -6.39
CA HIS A 32 5.65 16.57 -5.20
C HIS A 32 4.21 16.15 -4.90
N ASP A 33 3.37 16.11 -5.93
CA ASP A 33 1.98 15.73 -5.77
C ASP A 33 1.68 14.43 -6.52
N ALA A 34 2.59 13.46 -6.39
CA ALA A 34 2.43 12.17 -7.05
C ALA A 34 3.22 11.09 -6.34
N VAL A 35 2.57 9.95 -6.10
CA VAL A 35 3.22 8.83 -5.43
C VAL A 35 2.74 7.50 -5.98
N ARG A 36 3.63 6.76 -6.62
CA ARG A 36 3.30 5.46 -7.20
C ARG A 36 3.49 4.35 -6.18
N VAL A 37 2.38 3.88 -5.60
CA VAL A 37 2.43 2.81 -4.62
C VAL A 37 2.35 1.44 -5.28
N SER A 38 3.43 0.67 -5.18
CA SER A 38 3.49 -0.65 -5.77
C SER A 38 3.74 -1.72 -4.72
N TRP A 39 2.96 -2.78 -4.73
CA TRP A 39 3.11 -3.86 -3.77
C TRP A 39 3.24 -5.21 -4.48
N ALA A 40 3.53 -6.26 -3.72
CA ALA A 40 3.68 -7.60 -4.27
C ALA A 40 2.66 -8.55 -3.66
N ASP A 41 2.04 -9.37 -4.51
CA ASP A 41 1.06 -10.35 -4.05
C ASP A 41 1.73 -11.66 -3.63
N ASN A 42 1.37 -12.14 -2.45
CA ASN A 42 1.93 -13.39 -1.94
C ASN A 42 0.95 -14.54 -2.10
N SER A 43 -0.31 -14.28 -1.78
CA SER A 43 -1.35 -15.30 -1.89
C SER A 43 -1.07 -16.24 -3.06
N VAL A 44 -0.57 -15.68 -4.15
CA VAL A 44 -0.25 -16.46 -5.35
C VAL A 44 1.15 -17.06 -5.25
N PRO A 45 1.24 -18.39 -5.36
CA PRO A 45 2.51 -19.11 -5.30
C PRO A 45 3.36 -18.86 -6.53
N LYS A 46 4.60 -19.36 -6.48
CA LYS A 46 5.53 -19.20 -7.60
C LYS A 46 4.79 -19.20 -8.93
N ASN A 47 4.05 -20.29 -9.18
CA ASN A 47 3.28 -20.42 -10.42
C ASN A 47 1.89 -20.98 -10.15
N GLN A 48 0.87 -20.23 -10.52
CA GLN A 48 -0.50 -20.66 -10.32
C GLN A 48 -1.48 -19.68 -10.97
N LYS A 49 -2.54 -20.22 -11.57
CA LYS A 49 -3.56 -19.40 -12.21
C LYS A 49 -4.91 -19.56 -11.54
N THR A 50 -5.44 -18.46 -11.00
CA THR A 50 -6.72 -18.48 -10.32
C THR A 50 -7.76 -17.68 -11.09
N SER A 51 -8.92 -18.30 -11.33
CA SER A 51 -10.00 -17.65 -12.06
C SER A 51 -11.03 -17.05 -11.11
N GLU A 52 -10.54 -16.44 -10.02
CA GLU A 52 -11.42 -15.83 -9.04
C GLU A 52 -11.22 -14.32 -8.99
N VAL A 53 -12.28 -13.59 -9.34
CA VAL A 53 -12.23 -12.13 -9.33
C VAL A 53 -11.68 -11.60 -8.02
N ARG A 54 -11.08 -10.42 -8.07
CA ARG A 54 -10.50 -9.79 -6.88
C ARG A 54 -10.31 -8.30 -7.08
N LEU A 55 -10.08 -7.58 -5.99
CA LEU A 55 -9.89 -6.13 -6.05
C LEU A 55 -8.93 -5.67 -4.95
N TYR A 56 -8.13 -4.67 -5.27
CA TYR A 56 -7.17 -4.13 -4.31
C TYR A 56 -7.48 -2.67 -3.99
N THR A 57 -7.46 -2.34 -2.71
CA THR A 57 -7.74 -0.97 -2.26
C THR A 57 -6.47 -0.30 -1.75
N VAL A 58 -6.36 1.00 -1.99
CA VAL A 58 -5.21 1.77 -1.54
C VAL A 58 -5.64 2.99 -0.73
N ARG A 59 -5.12 3.09 0.49
CA ARG A 59 -5.45 4.21 1.38
C ARG A 59 -4.18 4.89 1.89
N TRP A 60 -4.24 6.20 2.04
CA TRP A 60 -3.10 6.97 2.52
C TRP A 60 -3.55 8.21 3.27
N ARG A 61 -3.00 8.42 4.46
CA ARG A 61 -3.34 9.58 5.28
C ARG A 61 -2.10 10.27 5.82
N THR A 62 -2.15 11.59 5.91
CA THR A 62 -1.02 12.37 6.41
C THR A 62 -0.41 11.72 7.64
N SER A 63 0.91 11.56 7.63
CA SER A 63 1.61 10.95 8.75
C SER A 63 1.98 12.01 9.80
N PHE A 64 1.70 11.69 11.06
CA PHE A 64 2.00 12.61 12.16
C PHE A 64 1.24 13.92 11.99
N SER A 65 0.01 13.82 11.49
CA SER A 65 -0.83 15.00 11.29
C SER A 65 -2.06 14.96 12.19
N ALA A 66 -2.66 16.13 12.41
CA ALA A 66 -3.85 16.22 13.25
C ALA A 66 -5.01 15.45 12.64
N SER A 67 -6.12 15.38 13.38
CA SER A 67 -7.30 14.67 12.91
C SER A 67 -7.51 14.87 11.42
N ALA A 68 -7.06 13.89 10.64
CA ALA A 68 -7.19 13.95 9.18
C ALA A 68 -7.94 12.74 8.65
N LYS A 69 -8.74 12.94 7.61
CA LYS A 69 -9.50 11.86 7.01
C LYS A 69 -8.60 10.93 6.21
N TYR A 70 -9.09 9.73 5.92
CA TYR A 70 -8.32 8.76 5.17
C TYR A 70 -8.88 8.58 3.77
N LYS A 71 -8.00 8.45 2.78
CA LYS A 71 -8.41 8.28 1.40
C LYS A 71 -8.41 6.81 1.01
N SER A 72 -9.18 6.48 -0.02
CA SER A 72 -9.28 5.09 -0.49
C SER A 72 -9.74 5.04 -1.94
N GLU A 73 -9.15 4.14 -2.71
CA GLU A 73 -9.49 3.99 -4.12
C GLU A 73 -9.53 2.52 -4.52
N ASP A 74 -10.03 2.25 -5.72
CA ASP A 74 -10.12 0.88 -6.22
C ASP A 74 -9.31 0.72 -7.51
N THR A 75 -8.41 -0.25 -7.52
CA THR A 75 -7.58 -0.52 -8.68
C THR A 75 -7.41 -2.01 -8.91
N THR A 76 -7.47 -2.43 -10.17
CA THR A 76 -7.31 -3.84 -10.52
C THR A 76 -5.87 -4.17 -10.87
N SER A 77 -4.94 -3.46 -10.25
CA SER A 77 -3.52 -3.67 -10.49
C SER A 77 -2.72 -3.58 -9.20
N LEU A 78 -1.50 -4.11 -9.22
CA LEU A 78 -0.64 -4.08 -8.05
C LEU A 78 0.15 -2.78 -7.97
N SER A 79 -0.47 -1.69 -8.42
CA SER A 79 0.16 -0.38 -8.40
C SER A 79 -0.87 0.73 -8.57
N TYR A 80 -0.72 1.79 -7.78
CA TYR A 80 -1.63 2.92 -7.84
C TYR A 80 -0.87 4.25 -7.78
N THR A 81 -1.37 5.23 -8.53
CA THR A 81 -0.74 6.54 -8.57
C THR A 81 -1.53 7.55 -7.76
N ALA A 82 -0.92 8.06 -6.69
CA ALA A 82 -1.56 9.03 -5.82
C ALA A 82 -1.22 10.46 -6.26
N THR A 83 -2.07 11.03 -7.10
CA THR A 83 -1.86 12.39 -7.59
C THR A 83 -2.63 13.40 -6.76
N GLY A 84 -2.10 14.62 -6.68
CA GLY A 84 -2.75 15.66 -5.90
C GLY A 84 -2.49 15.54 -4.41
N LEU A 85 -1.21 15.42 -4.05
CA LEU A 85 -0.83 15.30 -2.65
C LEU A 85 -0.08 16.54 -2.19
N LYS A 86 0.23 16.59 -0.88
CA LYS A 86 0.94 17.72 -0.31
C LYS A 86 2.44 17.58 -0.54
N PRO A 87 3.07 18.67 -1.02
CA PRO A 87 4.51 18.70 -1.29
C PRO A 87 5.34 18.66 -0.01
N ASN A 88 6.58 18.18 -0.12
CA ASN A 88 7.47 18.09 1.03
C ASN A 88 6.76 17.46 2.22
N THR A 89 5.83 16.56 1.94
CA THR A 89 5.07 15.88 3.00
C THR A 89 5.01 14.38 2.74
N MET A 90 5.18 13.60 3.80
CA MET A 90 5.14 12.15 3.70
C MET A 90 3.92 11.58 4.40
N TYR A 91 3.44 10.44 3.92
CA TYR A 91 2.26 9.79 4.50
C TYR A 91 2.43 8.28 4.52
N GLU A 92 1.45 7.59 5.10
CA GLU A 92 1.49 6.14 5.19
C GLU A 92 0.57 5.51 4.14
N PHE A 93 1.14 4.63 3.32
CA PHE A 93 0.39 3.95 2.27
C PHE A 93 0.29 2.46 2.54
N SER A 94 -0.91 1.91 2.39
CA SER A 94 -1.13 0.48 2.62
C SER A 94 -1.82 -0.16 1.43
N VAL A 95 -2.04 -1.47 1.51
CA VAL A 95 -2.68 -2.20 0.43
C VAL A 95 -3.43 -3.42 0.97
N MET A 96 -4.56 -3.74 0.33
CA MET A 96 -5.37 -4.88 0.75
C MET A 96 -6.09 -5.50 -0.45
N VAL A 97 -6.86 -6.55 -0.20
CA VAL A 97 -7.59 -7.23 -1.25
C VAL A 97 -8.97 -7.66 -0.76
N THR A 98 -9.95 -7.62 -1.67
CA THR A 98 -11.31 -8.01 -1.33
C THR A 98 -11.83 -9.09 -2.28
N LYS A 99 -11.85 -10.33 -1.79
CA LYS A 99 -12.32 -11.46 -2.59
C LYS A 99 -13.41 -12.22 -1.86
N ASN A 100 -14.29 -12.86 -2.62
CA ASN A 100 -15.39 -13.62 -2.04
C ASN A 100 -16.32 -12.72 -1.22
N ARG A 101 -16.82 -11.67 -1.86
CA ARG A 101 -17.71 -10.72 -1.20
C ARG A 101 -17.25 -10.47 0.24
N ARG A 102 -15.94 -10.37 0.43
CA ARG A 102 -15.38 -10.13 1.75
C ARG A 102 -13.99 -9.49 1.64
N SER A 103 -13.71 -8.54 2.53
CA SER A 103 -12.43 -7.86 2.53
C SER A 103 -11.48 -8.49 3.53
N SER A 104 -10.18 -8.35 3.28
CA SER A 104 -9.16 -8.91 4.16
C SER A 104 -8.48 -7.83 4.97
N THR A 105 -7.45 -8.20 5.74
CA THR A 105 -6.72 -7.26 6.57
C THR A 105 -5.66 -6.52 5.75
N TRP A 106 -5.24 -5.37 6.25
CA TRP A 106 -4.23 -4.57 5.58
C TRP A 106 -2.82 -5.10 5.87
N SER A 107 -1.90 -4.82 4.96
CA SER A 107 -0.51 -5.29 5.11
C SER A 107 0.37 -4.17 5.66
N MET A 108 1.62 -4.51 5.94
CA MET A 108 2.57 -3.54 6.47
C MET A 108 2.50 -2.23 5.68
N THR A 109 2.33 -1.12 6.40
CA THR A 109 2.25 0.18 5.76
C THR A 109 3.63 0.68 5.33
N ALA A 110 3.67 1.41 4.23
CA ALA A 110 4.92 1.94 3.71
C ALA A 110 4.97 3.46 3.84
N HIS A 111 6.18 4.02 3.80
CA HIS A 111 6.37 5.45 3.92
C HIS A 111 7.04 6.02 2.67
N ALA A 112 6.73 7.28 2.36
CA ALA A 112 7.31 7.93 1.19
C ALA A 112 7.05 9.43 1.22
N THR A 113 8.13 10.22 1.21
CA THR A 113 8.02 11.66 1.24
C THR A 113 8.05 12.25 -0.18
N THR A 114 7.17 13.21 -0.43
CA THR A 114 7.09 13.84 -1.75
C THR A 114 8.18 14.90 -1.90
N TYR A 115 8.51 15.23 -3.14
CA TYR A 115 9.52 16.22 -3.43
C TYR A 115 9.06 17.61 -3.01
N GLU A 116 10.01 18.49 -2.71
CA GLU A 116 9.70 19.86 -2.29
C GLU A 116 9.25 20.69 -3.48
N ALA A 117 7.96 21.07 -3.46
CA ALA A 117 7.40 21.88 -4.54
C ALA A 117 8.35 23.01 -4.93
N SER A 118 8.67 23.87 -3.98
CA SER A 118 9.56 24.99 -4.23
C SER A 118 10.74 24.58 -5.10
N GLY A 119 11.50 23.60 -4.61
CA GLY A 119 12.65 23.12 -5.36
C GLY A 119 13.70 22.48 -4.48
N PRO A 120 14.08 21.24 -4.81
CA PRO A 120 15.09 20.49 -4.04
C PRO A 120 16.49 21.08 -4.18
N SER A 121 17.38 20.71 -3.27
CA SER A 121 18.75 21.21 -3.29
C SER A 121 19.57 20.46 -4.34
N SER A 122 19.55 19.13 -4.26
CA SER A 122 20.29 18.30 -5.20
C SER A 122 19.53 18.15 -6.52
N GLY A 123 18.45 17.38 -6.48
CA GLY A 123 17.65 17.16 -7.67
C GLY A 123 16.87 15.87 -7.62
#